data_1TZQ
# 
_entry.id   1TZQ 
# 
_audit_conform.dict_name       mmcif_pdbx.dic 
_audit_conform.dict_version    5.399 
_audit_conform.dict_location   http://mmcif.pdb.org/dictionaries/ascii/mmcif_pdbx.dic 
# 
loop_
_database_2.database_id 
_database_2.database_code 
_database_2.pdbx_database_accession 
_database_2.pdbx_DOI 
PDB   1TZQ         pdb_00001tzq 10.2210/pdb1tzq/pdb 
RCSB  RCSB023064   ?            ?                   
WWPDB D_1000023064 ?            ?                   
# 
loop_
_pdbx_audit_revision_history.ordinal 
_pdbx_audit_revision_history.data_content_type 
_pdbx_audit_revision_history.major_revision 
_pdbx_audit_revision_history.minor_revision 
_pdbx_audit_revision_history.revision_date 
1 'Structure model' 1 0 2004-09-28 
2 'Structure model' 1 1 2008-04-30 
3 'Structure model' 1 2 2011-07-13 
4 'Structure model' 1 3 2021-11-10 
5 'Structure model' 1 4 2023-10-25 
6 'Structure model' 1 5 2024-11-20 
# 
_pdbx_audit_revision_details.ordinal             1 
_pdbx_audit_revision_details.revision_ordinal    1 
_pdbx_audit_revision_details.data_content_type   'Structure model' 
_pdbx_audit_revision_details.provider            repository 
_pdbx_audit_revision_details.type                'Initial release' 
_pdbx_audit_revision_details.description         ? 
_pdbx_audit_revision_details.details             ? 
# 
loop_
_pdbx_audit_revision_group.ordinal 
_pdbx_audit_revision_group.revision_ordinal 
_pdbx_audit_revision_group.data_content_type 
_pdbx_audit_revision_group.group 
1 2 'Structure model' 'Version format compliance' 
2 3 'Structure model' 'Version format compliance' 
3 4 'Structure model' 'Database references'       
4 5 'Structure model' 'Data collection'           
5 5 'Structure model' 'Refinement description'    
6 6 'Structure model' 'Structure summary'         
# 
loop_
_pdbx_audit_revision_category.ordinal 
_pdbx_audit_revision_category.revision_ordinal 
_pdbx_audit_revision_category.data_content_type 
_pdbx_audit_revision_category.category 
1 4 'Structure model' database_2                    
2 4 'Structure model' struct_ref_seq_dif            
3 5 'Structure model' chem_comp_atom                
4 5 'Structure model' chem_comp_bond                
5 5 'Structure model' pdbx_initial_refinement_model 
6 6 'Structure model' pdbx_entry_details            
7 6 'Structure model' pdbx_modification_feature     
# 
loop_
_pdbx_audit_revision_item.ordinal 
_pdbx_audit_revision_item.revision_ordinal 
_pdbx_audit_revision_item.data_content_type 
_pdbx_audit_revision_item.item 
1 4 'Structure model' '_database_2.pdbx_DOI'                
2 4 'Structure model' '_database_2.pdbx_database_accession' 
3 4 'Structure model' '_struct_ref_seq_dif.details'         
# 
_pdbx_database_status.status_code                     REL 
_pdbx_database_status.entry_id                        1TZQ 
_pdbx_database_status.recvd_initial_deposition_date   2004-07-11 
_pdbx_database_status.deposit_site                    RCSB 
_pdbx_database_status.process_site                    PDBJ 
_pdbx_database_status.status_code_sf                  REL 
_pdbx_database_status.SG_entry                        . 
_pdbx_database_status.pdb_format_compatible           Y 
_pdbx_database_status.status_code_mr                  ? 
_pdbx_database_status.status_code_cs                  ? 
_pdbx_database_status.status_code_nmr_data            ? 
_pdbx_database_status.methods_development_category    ? 
# 
_pdbx_database_related.db_name        PDB 
_pdbx_database_related.db_id          1IAZ 
_pdbx_database_related.details        . 
_pdbx_database_related.content_type   unspecified 
# 
loop_
_audit_author.name 
_audit_author.pdbx_ordinal 
'Kristan, K.'          1 
'Podlesek, Z.'         2 
'Hojnik, V.'           3 
'Gutirrez-Aguirre, I.' 4 
'Guncar, G.'           5 
'Turk, D.A.'           6 
'Gonzalez-Maas, J.M.'  7 
'Lakey, J.H.'          8 
'Anderluh, G.'         9 
# 
_citation.id                        primary 
_citation.title                     
'Pore formation by equinatoxin, a eukaryotic pore-forming toxin, requires a flexible N-terminal region and a stable beta-sandwich' 
_citation.journal_abbrev            J.Biol.Chem. 
_citation.journal_volume            279 
_citation.page_first                46509 
_citation.page_last                 46517 
_citation.year                      2004 
_citation.journal_id_ASTM           JBCHA3 
_citation.country                   US 
_citation.journal_id_ISSN           0021-9258 
_citation.journal_id_CSD            0071 
_citation.book_publisher            ? 
_citation.pdbx_database_id_PubMed   15322132 
_citation.pdbx_database_id_DOI      10.1074/jbc.M406193200 
# 
loop_
_citation_author.citation_id 
_citation_author.name 
_citation_author.ordinal 
_citation_author.identifier_ORCID 
primary 'Kristan, K.'           1  ? 
primary 'Podlesek, Z.'          2  ? 
primary 'Hojnik, V.'            3  ? 
primary 'Gutierrez-Aguirre, I.' 4  ? 
primary 'Guncar, G.'            5  ? 
primary 'Turk, D.A.'            6  ? 
primary 'Gonzalez-Manas, J.M.'  7  ? 
primary 'Lakey, J.H.'           8  ? 
primary 'Macek, P.'             9  ? 
primary 'Anderluh, G.'          10 ? 
# 
loop_
_entity.id 
_entity.type 
_entity.src_method 
_entity.pdbx_description 
_entity.formula_weight 
_entity.pdbx_number_of_molecules 
_entity.pdbx_ec 
_entity.pdbx_mutation 
_entity.pdbx_fragment 
_entity.details 
1 polymer man 'Equinatoxin II' 19451.025 1  ? 'V8C, K69C' 'residues 5-179' ? 
2 water   nat water            18.015    82 ? ?           ?                ? 
# 
_entity_name_com.entity_id   1 
_entity_name_com.name        EqtII 
# 
_entity_poly.entity_id                      1 
_entity_poly.type                           'polypeptide(L)' 
_entity_poly.nstd_linkage                   no 
_entity_poly.nstd_monomer                   no 
_entity_poly.pdbx_seq_one_letter_code       
;AGACIDGASLSFDILKTVLEALGNVKRKIAVGVDNESGKTWTALNTYFRSGTSDIVLPHKVPHGCALLYNGQKDRGPVAT
GAVGVLAYLMSDGNTLAVLFSVPYDYNWYSNWWNVRIYKGKRRADQRMYEELYYNLSPFRGDNGWHTRNLGYGLKSRGFM
NSSGHAILEIHVSKA
;
_entity_poly.pdbx_seq_one_letter_code_can   
;AGACIDGASLSFDILKTVLEALGNVKRKIAVGVDNESGKTWTALNTYFRSGTSDIVLPHKVPHGCALLYNGQKDRGPVAT
GAVGVLAYLMSDGNTLAVLFSVPYDYNWYSNWWNVRIYKGKRRADQRMYEELYYNLSPFRGDNGWHTRNLGYGLKSRGFM
NSSGHAILEIHVSKA
;
_entity_poly.pdbx_strand_id                 A 
_entity_poly.pdbx_target_identifier         ? 
# 
_pdbx_entity_nonpoly.entity_id   2 
_pdbx_entity_nonpoly.name        water 
_pdbx_entity_nonpoly.comp_id     HOH 
# 
loop_
_entity_poly_seq.entity_id 
_entity_poly_seq.num 
_entity_poly_seq.mon_id 
_entity_poly_seq.hetero 
1 1   ALA n 
1 2   GLY n 
1 3   ALA n 
1 4   CYS n 
1 5   ILE n 
1 6   ASP n 
1 7   GLY n 
1 8   ALA n 
1 9   SER n 
1 10  LEU n 
1 11  SER n 
1 12  PHE n 
1 13  ASP n 
1 14  ILE n 
1 15  LEU n 
1 16  LYS n 
1 17  THR n 
1 18  VAL n 
1 19  LEU n 
1 20  GLU n 
1 21  ALA n 
1 22  LEU n 
1 23  GLY n 
1 24  ASN n 
1 25  VAL n 
1 26  LYS n 
1 27  ARG n 
1 28  LYS n 
1 29  ILE n 
1 30  ALA n 
1 31  VAL n 
1 32  GLY n 
1 33  VAL n 
1 34  ASP n 
1 35  ASN n 
1 36  GLU n 
1 37  SER n 
1 38  GLY n 
1 39  LYS n 
1 40  THR n 
1 41  TRP n 
1 42  THR n 
1 43  ALA n 
1 44  LEU n 
1 45  ASN n 
1 46  THR n 
1 47  TYR n 
1 48  PHE n 
1 49  ARG n 
1 50  SER n 
1 51  GLY n 
1 52  THR n 
1 53  SER n 
1 54  ASP n 
1 55  ILE n 
1 56  VAL n 
1 57  LEU n 
1 58  PRO n 
1 59  HIS n 
1 60  LYS n 
1 61  VAL n 
1 62  PRO n 
1 63  HIS n 
1 64  GLY n 
1 65  CYS n 
1 66  ALA n 
1 67  LEU n 
1 68  LEU n 
1 69  TYR n 
1 70  ASN n 
1 71  GLY n 
1 72  GLN n 
1 73  LYS n 
1 74  ASP n 
1 75  ARG n 
1 76  GLY n 
1 77  PRO n 
1 78  VAL n 
1 79  ALA n 
1 80  THR n 
1 81  GLY n 
1 82  ALA n 
1 83  VAL n 
1 84  GLY n 
1 85  VAL n 
1 86  LEU n 
1 87  ALA n 
1 88  TYR n 
1 89  LEU n 
1 90  MET n 
1 91  SER n 
1 92  ASP n 
1 93  GLY n 
1 94  ASN n 
1 95  THR n 
1 96  LEU n 
1 97  ALA n 
1 98  VAL n 
1 99  LEU n 
1 100 PHE n 
1 101 SER n 
1 102 VAL n 
1 103 PRO n 
1 104 TYR n 
1 105 ASP n 
1 106 TYR n 
1 107 ASN n 
1 108 TRP n 
1 109 TYR n 
1 110 SER n 
1 111 ASN n 
1 112 TRP n 
1 113 TRP n 
1 114 ASN n 
1 115 VAL n 
1 116 ARG n 
1 117 ILE n 
1 118 TYR n 
1 119 LYS n 
1 120 GLY n 
1 121 LYS n 
1 122 ARG n 
1 123 ARG n 
1 124 ALA n 
1 125 ASP n 
1 126 GLN n 
1 127 ARG n 
1 128 MET n 
1 129 TYR n 
1 130 GLU n 
1 131 GLU n 
1 132 LEU n 
1 133 TYR n 
1 134 TYR n 
1 135 ASN n 
1 136 LEU n 
1 137 SER n 
1 138 PRO n 
1 139 PHE n 
1 140 ARG n 
1 141 GLY n 
1 142 ASP n 
1 143 ASN n 
1 144 GLY n 
1 145 TRP n 
1 146 HIS n 
1 147 THR n 
1 148 ARG n 
1 149 ASN n 
1 150 LEU n 
1 151 GLY n 
1 152 TYR n 
1 153 GLY n 
1 154 LEU n 
1 155 LYS n 
1 156 SER n 
1 157 ARG n 
1 158 GLY n 
1 159 PHE n 
1 160 MET n 
1 161 ASN n 
1 162 SER n 
1 163 SER n 
1 164 GLY n 
1 165 HIS n 
1 166 ALA n 
1 167 ILE n 
1 168 LEU n 
1 169 GLU n 
1 170 ILE n 
1 171 HIS n 
1 172 VAL n 
1 173 SER n 
1 174 LYS n 
1 175 ALA n 
# 
_entity_src_gen.entity_id                          1 
_entity_src_gen.pdbx_src_id                        1 
_entity_src_gen.pdbx_alt_source_flag               sample 
_entity_src_gen.pdbx_seq_type                      ? 
_entity_src_gen.pdbx_beg_seq_num                   ? 
_entity_src_gen.pdbx_end_seq_num                   ? 
_entity_src_gen.gene_src_common_name               ? 
_entity_src_gen.gene_src_genus                     Actinia 
_entity_src_gen.pdbx_gene_src_gene                 ? 
_entity_src_gen.gene_src_species                   ? 
_entity_src_gen.gene_src_strain                    ? 
_entity_src_gen.gene_src_tissue                    ? 
_entity_src_gen.gene_src_tissue_fraction           ? 
_entity_src_gen.gene_src_details                   ? 
_entity_src_gen.pdbx_gene_src_fragment             ? 
_entity_src_gen.pdbx_gene_src_scientific_name      'Actinia equina' 
_entity_src_gen.pdbx_gene_src_ncbi_taxonomy_id     6106 
_entity_src_gen.pdbx_gene_src_variant              ? 
_entity_src_gen.pdbx_gene_src_cell_line            ? 
_entity_src_gen.pdbx_gene_src_atcc                 ? 
_entity_src_gen.pdbx_gene_src_organ                ? 
_entity_src_gen.pdbx_gene_src_organelle            ? 
_entity_src_gen.pdbx_gene_src_cell                 ? 
_entity_src_gen.pdbx_gene_src_cellular_location    ? 
_entity_src_gen.host_org_common_name               ? 
_entity_src_gen.pdbx_host_org_scientific_name      'Escherichia coli BL21(DE3)' 
_entity_src_gen.pdbx_host_org_ncbi_taxonomy_id     469008 
_entity_src_gen.host_org_genus                     Escherichia 
_entity_src_gen.pdbx_host_org_gene                 ? 
_entity_src_gen.pdbx_host_org_organ                ? 
_entity_src_gen.host_org_species                   'Escherichia coli' 
_entity_src_gen.pdbx_host_org_tissue               ? 
_entity_src_gen.pdbx_host_org_tissue_fraction      ? 
_entity_src_gen.pdbx_host_org_strain               'BL21(DE3)' 
_entity_src_gen.pdbx_host_org_variant              ? 
_entity_src_gen.pdbx_host_org_cell_line            ? 
_entity_src_gen.pdbx_host_org_atcc                 ? 
_entity_src_gen.pdbx_host_org_culture_collection   ? 
_entity_src_gen.pdbx_host_org_cell                 ? 
_entity_src_gen.pdbx_host_org_organelle            ? 
_entity_src_gen.pdbx_host_org_cellular_location    ? 
_entity_src_gen.pdbx_host_org_vector_type          ? 
_entity_src_gen.pdbx_host_org_vector               ? 
_entity_src_gen.host_org_details                   ? 
_entity_src_gen.expression_system_id               ? 
_entity_src_gen.plasmid_name                       ? 
_entity_src_gen.plasmid_details                    ? 
_entity_src_gen.pdbx_description                   ? 
# 
loop_
_chem_comp.id 
_chem_comp.type 
_chem_comp.mon_nstd_flag 
_chem_comp.name 
_chem_comp.pdbx_synonyms 
_chem_comp.formula 
_chem_comp.formula_weight 
ALA 'L-peptide linking' y ALANINE         ? 'C3 H7 N O2'     89.093  
ARG 'L-peptide linking' y ARGININE        ? 'C6 H15 N4 O2 1' 175.209 
ASN 'L-peptide linking' y ASPARAGINE      ? 'C4 H8 N2 O3'    132.118 
ASP 'L-peptide linking' y 'ASPARTIC ACID' ? 'C4 H7 N O4'     133.103 
CYS 'L-peptide linking' y CYSTEINE        ? 'C3 H7 N O2 S'   121.158 
GLN 'L-peptide linking' y GLUTAMINE       ? 'C5 H10 N2 O3'   146.144 
GLU 'L-peptide linking' y 'GLUTAMIC ACID' ? 'C5 H9 N O4'     147.129 
GLY 'peptide linking'   y GLYCINE         ? 'C2 H5 N O2'     75.067  
HIS 'L-peptide linking' y HISTIDINE       ? 'C6 H10 N3 O2 1' 156.162 
HOH non-polymer         . WATER           ? 'H2 O'           18.015  
ILE 'L-peptide linking' y ISOLEUCINE      ? 'C6 H13 N O2'    131.173 
LEU 'L-peptide linking' y LEUCINE         ? 'C6 H13 N O2'    131.173 
LYS 'L-peptide linking' y LYSINE          ? 'C6 H15 N2 O2 1' 147.195 
MET 'L-peptide linking' y METHIONINE      ? 'C5 H11 N O2 S'  149.211 
PHE 'L-peptide linking' y PHENYLALANINE   ? 'C9 H11 N O2'    165.189 
PRO 'L-peptide linking' y PROLINE         ? 'C5 H9 N O2'     115.130 
SER 'L-peptide linking' y SERINE          ? 'C3 H7 N O3'     105.093 
THR 'L-peptide linking' y THREONINE       ? 'C4 H9 N O3'     119.119 
TRP 'L-peptide linking' y TRYPTOPHAN      ? 'C11 H12 N2 O2'  204.225 
TYR 'L-peptide linking' y TYROSINE        ? 'C9 H11 N O3'    181.189 
VAL 'L-peptide linking' y VALINE          ? 'C5 H11 N O2'    117.146 
# 
loop_
_pdbx_poly_seq_scheme.asym_id 
_pdbx_poly_seq_scheme.entity_id 
_pdbx_poly_seq_scheme.seq_id 
_pdbx_poly_seq_scheme.mon_id 
_pdbx_poly_seq_scheme.ndb_seq_num 
_pdbx_poly_seq_scheme.pdb_seq_num 
_pdbx_poly_seq_scheme.auth_seq_num 
_pdbx_poly_seq_scheme.pdb_mon_id 
_pdbx_poly_seq_scheme.auth_mon_id 
_pdbx_poly_seq_scheme.pdb_strand_id 
_pdbx_poly_seq_scheme.pdb_ins_code 
_pdbx_poly_seq_scheme.hetero 
A 1 1   ALA 1   5   5   ALA ALA A . n 
A 1 2   GLY 2   6   6   GLY GLY A . n 
A 1 3   ALA 3   7   7   ALA ALA A . n 
A 1 4   CYS 4   8   8   CYS CYS A . n 
A 1 5   ILE 5   9   9   ILE ILE A . n 
A 1 6   ASP 6   10  10  ASP ASP A . n 
A 1 7   GLY 7   11  11  GLY GLY A . n 
A 1 8   ALA 8   12  12  ALA ALA A . n 
A 1 9   SER 9   13  13  SER SER A . n 
A 1 10  LEU 10  14  14  LEU LEU A . n 
A 1 11  SER 11  15  15  SER SER A . n 
A 1 12  PHE 12  16  16  PHE PHE A . n 
A 1 13  ASP 13  17  17  ASP ASP A . n 
A 1 14  ILE 14  18  18  ILE ILE A . n 
A 1 15  LEU 15  19  19  LEU LEU A . n 
A 1 16  LYS 16  20  20  LYS LYS A . n 
A 1 17  THR 17  21  21  THR THR A . n 
A 1 18  VAL 18  22  22  VAL VAL A . n 
A 1 19  LEU 19  23  23  LEU LEU A . n 
A 1 20  GLU 20  24  24  GLU GLU A . n 
A 1 21  ALA 21  25  25  ALA ALA A . n 
A 1 22  LEU 22  26  26  LEU LEU A . n 
A 1 23  GLY 23  27  27  GLY GLY A . n 
A 1 24  ASN 24  28  28  ASN ASN A . n 
A 1 25  VAL 25  29  29  VAL VAL A . n 
A 1 26  LYS 26  30  30  LYS LYS A . n 
A 1 27  ARG 27  31  31  ARG ARG A . n 
A 1 28  LYS 28  32  32  LYS LYS A . n 
A 1 29  ILE 29  33  33  ILE ILE A . n 
A 1 30  ALA 30  34  34  ALA ALA A . n 
A 1 31  VAL 31  35  35  VAL VAL A . n 
A 1 32  GLY 32  36  36  GLY GLY A . n 
A 1 33  VAL 33  37  37  VAL VAL A . n 
A 1 34  ASP 34  38  38  ASP ASP A . n 
A 1 35  ASN 35  39  39  ASN ASN A . n 
A 1 36  GLU 36  40  40  GLU GLU A . n 
A 1 37  SER 37  41  41  SER SER A . n 
A 1 38  GLY 38  42  42  GLY GLY A . n 
A 1 39  LYS 39  43  43  LYS LYS A . n 
A 1 40  THR 40  44  44  THR THR A . n 
A 1 41  TRP 41  45  45  TRP TRP A . n 
A 1 42  THR 42  46  46  THR THR A . n 
A 1 43  ALA 43  47  47  ALA ALA A . n 
A 1 44  LEU 44  48  48  LEU LEU A . n 
A 1 45  ASN 45  49  49  ASN ASN A . n 
A 1 46  THR 46  50  50  THR THR A . n 
A 1 47  TYR 47  51  51  TYR TYR A . n 
A 1 48  PHE 48  52  52  PHE PHE A . n 
A 1 49  ARG 49  53  53  ARG ARG A . n 
A 1 50  SER 50  54  54  SER SER A . n 
A 1 51  GLY 51  55  55  GLY GLY A . n 
A 1 52  THR 52  56  56  THR THR A . n 
A 1 53  SER 53  57  57  SER SER A . n 
A 1 54  ASP 54  58  58  ASP ASP A . n 
A 1 55  ILE 55  59  59  ILE ILE A . n 
A 1 56  VAL 56  60  60  VAL VAL A . n 
A 1 57  LEU 57  61  61  LEU LEU A . n 
A 1 58  PRO 58  62  62  PRO PRO A . n 
A 1 59  HIS 59  63  63  HIS HIS A . n 
A 1 60  LYS 60  64  64  LYS LYS A . n 
A 1 61  VAL 61  65  65  VAL VAL A . n 
A 1 62  PRO 62  66  66  PRO PRO A . n 
A 1 63  HIS 63  67  67  HIS HIS A . n 
A 1 64  GLY 64  68  68  GLY GLY A . n 
A 1 65  CYS 65  69  69  CYS CYS A . n 
A 1 66  ALA 66  70  70  ALA ALA A . n 
A 1 67  LEU 67  71  71  LEU LEU A . n 
A 1 68  LEU 68  72  72  LEU LEU A . n 
A 1 69  TYR 69  73  73  TYR TYR A . n 
A 1 70  ASN 70  74  74  ASN ASN A . n 
A 1 71  GLY 71  75  75  GLY GLY A . n 
A 1 72  GLN 72  76  76  GLN GLN A . n 
A 1 73  LYS 73  77  77  LYS LYS A . n 
A 1 74  ASP 74  78  78  ASP ASP A . n 
A 1 75  ARG 75  79  79  ARG ARG A . n 
A 1 76  GLY 76  80  80  GLY GLY A . n 
A 1 77  PRO 77  81  81  PRO PRO A . n 
A 1 78  VAL 78  82  82  VAL VAL A . n 
A 1 79  ALA 79  83  83  ALA ALA A . n 
A 1 80  THR 80  84  84  THR THR A . n 
A 1 81  GLY 81  85  85  GLY GLY A . n 
A 1 82  ALA 82  86  86  ALA ALA A . n 
A 1 83  VAL 83  87  87  VAL VAL A . n 
A 1 84  GLY 84  88  88  GLY GLY A . n 
A 1 85  VAL 85  89  89  VAL VAL A . n 
A 1 86  LEU 86  90  90  LEU LEU A . n 
A 1 87  ALA 87  91  91  ALA ALA A . n 
A 1 88  TYR 88  92  92  TYR TYR A . n 
A 1 89  LEU 89  93  93  LEU LEU A . n 
A 1 90  MET 90  94  94  MET MET A . n 
A 1 91  SER 91  95  95  SER SER A . n 
A 1 92  ASP 92  96  96  ASP ASP A . n 
A 1 93  GLY 93  97  97  GLY GLY A . n 
A 1 94  ASN 94  98  98  ASN ASN A . n 
A 1 95  THR 95  99  99  THR THR A . n 
A 1 96  LEU 96  100 100 LEU LEU A . n 
A 1 97  ALA 97  101 101 ALA ALA A . n 
A 1 98  VAL 98  102 102 VAL VAL A . n 
A 1 99  LEU 99  103 103 LEU LEU A . n 
A 1 100 PHE 100 104 104 PHE PHE A . n 
A 1 101 SER 101 105 105 SER SER A . n 
A 1 102 VAL 102 106 106 VAL VAL A . n 
A 1 103 PRO 103 107 107 PRO PRO A . n 
A 1 104 TYR 104 108 108 TYR TYR A . n 
A 1 105 ASP 105 109 109 ASP ASP A . n 
A 1 106 TYR 106 110 110 TYR TYR A . n 
A 1 107 ASN 107 111 111 ASN ASN A . n 
A 1 108 TRP 108 112 112 TRP TRP A . n 
A 1 109 TYR 109 113 113 TYR TYR A . n 
A 1 110 SER 110 114 114 SER SER A . n 
A 1 111 ASN 111 115 115 ASN ASN A . n 
A 1 112 TRP 112 116 116 TRP TRP A . n 
A 1 113 TRP 113 117 117 TRP TRP A . n 
A 1 114 ASN 114 118 118 ASN ASN A . n 
A 1 115 VAL 115 119 119 VAL VAL A . n 
A 1 116 ARG 116 120 120 ARG ARG A . n 
A 1 117 ILE 117 121 121 ILE ILE A . n 
A 1 118 TYR 118 122 122 TYR TYR A . n 
A 1 119 LYS 119 123 123 LYS LYS A . n 
A 1 120 GLY 120 124 124 GLY GLY A . n 
A 1 121 LYS 121 125 125 LYS LYS A . n 
A 1 122 ARG 122 126 126 ARG ARG A . n 
A 1 123 ARG 123 127 127 ARG ARG A . n 
A 1 124 ALA 124 128 128 ALA ALA A . n 
A 1 125 ASP 125 129 129 ASP ASP A . n 
A 1 126 GLN 126 130 130 GLN GLN A . n 
A 1 127 ARG 127 131 131 ARG ARG A . n 
A 1 128 MET 128 132 132 MET MET A . n 
A 1 129 TYR 129 133 133 TYR TYR A . n 
A 1 130 GLU 130 134 134 GLU GLU A . n 
A 1 131 GLU 131 135 135 GLU GLU A . n 
A 1 132 LEU 132 136 136 LEU LEU A . n 
A 1 133 TYR 133 137 137 TYR TYR A . n 
A 1 134 TYR 134 138 138 TYR TYR A . n 
A 1 135 ASN 135 139 139 ASN ASN A . n 
A 1 136 LEU 136 140 140 LEU LEU A . n 
A 1 137 SER 137 141 141 SER SER A . n 
A 1 138 PRO 138 142 142 PRO PRO A . n 
A 1 139 PHE 139 143 143 PHE PHE A . n 
A 1 140 ARG 140 144 144 ARG ARG A . n 
A 1 141 GLY 141 145 145 GLY GLY A . n 
A 1 142 ASP 142 146 146 ASP ASP A . n 
A 1 143 ASN 143 147 147 ASN ASN A . n 
A 1 144 GLY 144 148 148 GLY GLY A . n 
A 1 145 TRP 145 149 149 TRP TRP A . n 
A 1 146 HIS 146 150 150 HIS HIS A . n 
A 1 147 THR 147 151 151 THR THR A . n 
A 1 148 ARG 148 152 152 ARG ARG A . n 
A 1 149 ASN 149 153 153 ASN ASN A . n 
A 1 150 LEU 150 154 154 LEU LEU A . n 
A 1 151 GLY 151 155 155 GLY GLY A . n 
A 1 152 TYR 152 156 156 TYR TYR A . n 
A 1 153 GLY 153 157 157 GLY GLY A . n 
A 1 154 LEU 154 158 158 LEU LEU A . n 
A 1 155 LYS 155 159 159 LYS LYS A . n 
A 1 156 SER 156 160 160 SER SER A . n 
A 1 157 ARG 157 161 161 ARG ARG A . n 
A 1 158 GLY 158 162 162 GLY GLY A . n 
A 1 159 PHE 159 163 163 PHE PHE A . n 
A 1 160 MET 160 164 164 MET MET A . n 
A 1 161 ASN 161 165 165 ASN ASN A . n 
A 1 162 SER 162 166 166 SER SER A . n 
A 1 163 SER 163 167 167 SER SER A . n 
A 1 164 GLY 164 168 168 GLY GLY A . n 
A 1 165 HIS 165 169 169 HIS HIS A . n 
A 1 166 ALA 166 170 170 ALA ALA A . n 
A 1 167 ILE 167 171 171 ILE ILE A . n 
A 1 168 LEU 168 172 172 LEU LEU A . n 
A 1 169 GLU 169 173 173 GLU GLU A . n 
A 1 170 ILE 170 174 174 ILE ILE A . n 
A 1 171 HIS 171 175 175 HIS HIS A . n 
A 1 172 VAL 172 176 176 VAL VAL A . n 
A 1 173 SER 173 177 177 SER SER A . n 
A 1 174 LYS 174 178 178 LYS LYS A . n 
A 1 175 ALA 175 179 179 ALA ALA A . n 
# 
loop_
_pdbx_nonpoly_scheme.asym_id 
_pdbx_nonpoly_scheme.entity_id 
_pdbx_nonpoly_scheme.mon_id 
_pdbx_nonpoly_scheme.ndb_seq_num 
_pdbx_nonpoly_scheme.pdb_seq_num 
_pdbx_nonpoly_scheme.auth_seq_num 
_pdbx_nonpoly_scheme.pdb_mon_id 
_pdbx_nonpoly_scheme.auth_mon_id 
_pdbx_nonpoly_scheme.pdb_strand_id 
_pdbx_nonpoly_scheme.pdb_ins_code 
B 2 HOH 1  180 1  HOH H2O A . 
B 2 HOH 2  181 2  HOH H2O A . 
B 2 HOH 3  182 3  HOH H2O A . 
B 2 HOH 4  183 4  HOH H2O A . 
B 2 HOH 5  184 5  HOH H2O A . 
B 2 HOH 6  185 6  HOH H2O A . 
B 2 HOH 7  186 7  HOH H2O A . 
B 2 HOH 8  187 8  HOH H2O A . 
B 2 HOH 9  188 9  HOH H2O A . 
B 2 HOH 10 189 10 HOH H2O A . 
B 2 HOH 11 190 11 HOH H2O A . 
B 2 HOH 12 191 12 HOH H2O A . 
B 2 HOH 13 192 13 HOH H2O A . 
B 2 HOH 14 193 14 HOH H2O A . 
B 2 HOH 15 194 15 HOH H2O A . 
B 2 HOH 16 195 16 HOH H2O A . 
B 2 HOH 17 196 17 HOH H2O A . 
B 2 HOH 18 197 18 HOH H2O A . 
B 2 HOH 19 198 19 HOH H2O A . 
B 2 HOH 20 199 20 HOH H2O A . 
B 2 HOH 21 200 21 HOH H2O A . 
B 2 HOH 22 201 22 HOH H2O A . 
B 2 HOH 23 202 23 HOH H2O A . 
B 2 HOH 24 203 24 HOH H2O A . 
B 2 HOH 25 204 25 HOH H2O A . 
B 2 HOH 26 205 26 HOH H2O A . 
B 2 HOH 27 206 27 HOH H2O A . 
B 2 HOH 28 207 28 HOH H2O A . 
B 2 HOH 29 208 29 HOH H2O A . 
B 2 HOH 30 209 30 HOH H2O A . 
B 2 HOH 31 210 31 HOH H2O A . 
B 2 HOH 32 211 32 HOH H2O A . 
B 2 HOH 33 212 33 HOH H2O A . 
B 2 HOH 34 213 34 HOH H2O A . 
B 2 HOH 35 214 35 HOH H2O A . 
B 2 HOH 36 215 36 HOH H2O A . 
B 2 HOH 37 216 37 HOH H2O A . 
B 2 HOH 38 217 38 HOH H2O A . 
B 2 HOH 39 218 39 HOH H2O A . 
B 2 HOH 40 219 40 HOH H2O A . 
B 2 HOH 41 220 41 HOH H2O A . 
B 2 HOH 42 221 42 HOH H2O A . 
B 2 HOH 43 222 43 HOH H2O A . 
B 2 HOH 44 223 44 HOH H2O A . 
B 2 HOH 45 224 45 HOH H2O A . 
B 2 HOH 46 225 46 HOH H2O A . 
B 2 HOH 47 226 47 HOH H2O A . 
B 2 HOH 48 227 48 HOH H2O A . 
B 2 HOH 49 228 49 HOH H2O A . 
B 2 HOH 50 229 50 HOH H2O A . 
B 2 HOH 51 230 51 HOH H2O A . 
B 2 HOH 52 231 52 HOH H2O A . 
B 2 HOH 53 232 53 HOH H2O A . 
B 2 HOH 54 233 54 HOH H2O A . 
B 2 HOH 55 234 55 HOH H2O A . 
B 2 HOH 56 235 56 HOH H2O A . 
B 2 HOH 57 236 57 HOH H2O A . 
B 2 HOH 58 237 58 HOH H2O A . 
B 2 HOH 59 238 59 HOH H2O A . 
B 2 HOH 60 239 60 HOH H2O A . 
B 2 HOH 61 240 61 HOH H2O A . 
B 2 HOH 62 241 62 HOH H2O A . 
B 2 HOH 63 242 63 HOH H2O A . 
B 2 HOH 64 243 64 HOH H2O A . 
B 2 HOH 65 244 65 HOH H2O A . 
B 2 HOH 66 245 66 HOH H2O A . 
B 2 HOH 67 246 67 HOH H2O A . 
B 2 HOH 68 247 68 HOH H2O A . 
B 2 HOH 69 248 69 HOH H2O A . 
B 2 HOH 70 249 70 HOH H2O A . 
B 2 HOH 71 250 71 HOH H2O A . 
B 2 HOH 72 251 72 HOH H2O A . 
B 2 HOH 73 252 73 HOH H2O A . 
B 2 HOH 74 253 74 HOH H2O A . 
B 2 HOH 75 254 75 HOH H2O A . 
B 2 HOH 76 255 76 HOH H2O A . 
B 2 HOH 77 256 77 HOH H2O A . 
B 2 HOH 78 257 78 HOH H2O A . 
B 2 HOH 79 258 79 HOH H2O A . 
B 2 HOH 80 259 80 HOH H2O A . 
B 2 HOH 81 260 81 HOH H2O A . 
B 2 HOH 82 261 82 HOH H2O A . 
# 
loop_
_pdbx_unobs_or_zero_occ_atoms.id 
_pdbx_unobs_or_zero_occ_atoms.PDB_model_num 
_pdbx_unobs_or_zero_occ_atoms.polymer_flag 
_pdbx_unobs_or_zero_occ_atoms.occupancy_flag 
_pdbx_unobs_or_zero_occ_atoms.auth_asym_id 
_pdbx_unobs_or_zero_occ_atoms.auth_comp_id 
_pdbx_unobs_or_zero_occ_atoms.auth_seq_id 
_pdbx_unobs_or_zero_occ_atoms.PDB_ins_code 
_pdbx_unobs_or_zero_occ_atoms.auth_atom_id 
_pdbx_unobs_or_zero_occ_atoms.label_alt_id 
_pdbx_unobs_or_zero_occ_atoms.label_asym_id 
_pdbx_unobs_or_zero_occ_atoms.label_comp_id 
_pdbx_unobs_or_zero_occ_atoms.label_seq_id 
_pdbx_unobs_or_zero_occ_atoms.label_atom_id 
1 1 Y 0 A LYS 123 ? CD ? A LYS 119 CD 
2 1 Y 0 A LYS 123 ? CE ? A LYS 119 CE 
3 1 Y 0 A LYS 123 ? NZ ? A LYS 119 NZ 
4 1 Y 0 A LYS 159 ? CG ? A LYS 155 CG 
5 1 Y 0 A LYS 159 ? CD ? A LYS 155 CD 
6 1 Y 0 A LYS 159 ? CE ? A LYS 155 CE 
7 1 Y 0 A LYS 159 ? NZ ? A LYS 155 NZ 
# 
loop_
_software.name 
_software.classification 
_software.version 
_software.citation_id 
_software.pdbx_ordinal 
HKL-2000  'data collection' . ? 1 
SCALEPACK 'data scaling'    . ? 2 
AMoRE     phasing           . ? 3 
MAIN      refinement        . ? 4 
HKL-2000  'data reduction'  . ? 5 
# 
_cell.entry_id           1TZQ 
_cell.length_a           36.585 
_cell.length_b           52.682 
_cell.length_c           39.789 
_cell.angle_alpha        90.00 
_cell.angle_beta         92.26 
_cell.angle_gamma        90.00 
_cell.Z_PDB              2 
_cell.pdbx_unique_axis   ? 
# 
_symmetry.entry_id                         1TZQ 
_symmetry.space_group_name_H-M             'P 1 21 1' 
_symmetry.pdbx_full_space_group_name_H-M   ? 
_symmetry.cell_setting                     ? 
_symmetry.Int_Tables_number                4 
_symmetry.space_group_name_Hall            ? 
# 
_exptl.entry_id          1TZQ 
_exptl.method            'X-RAY DIFFRACTION' 
_exptl.crystals_number   1 
# 
_exptl_crystal.id                    1 
_exptl_crystal.density_meas          ? 
_exptl_crystal.density_Matthews      1.97 
_exptl_crystal.density_percent_sol   37.56 
_exptl_crystal.description           ? 
_exptl_crystal.F_000                 ? 
_exptl_crystal.preparation           ? 
# 
_exptl_crystal_grow.crystal_id      1 
_exptl_crystal_grow.method          'VAPOR DIFFUSION, SITTING DROP' 
_exptl_crystal_grow.temp            293 
_exptl_crystal_grow.temp_details    ? 
_exptl_crystal_grow.pH              6 
_exptl_crystal_grow.pdbx_details    
'PEG 4000, ammonium sulphate, Na-acetate, pH 6, VAPOR DIFFUSION, SITTING DROP, temperature 293K' 
_exptl_crystal_grow.pdbx_pH_range   . 
# 
_diffrn.id                     1 
_diffrn.ambient_temp           289 
_diffrn.ambient_temp_details   ? 
_diffrn.crystal_id             1 
# 
_diffrn_detector.diffrn_id              1 
_diffrn_detector.detector               'IMAGE PLATE' 
_diffrn_detector.type                   MARRESEARCH 
_diffrn_detector.pdbx_collection_date   ? 
_diffrn_detector.details                ? 
# 
_diffrn_radiation.diffrn_id                        1 
_diffrn_radiation.wavelength_id                    1 
_diffrn_radiation.pdbx_monochromatic_or_laue_m_l   M 
_diffrn_radiation.monochromator                    ? 
_diffrn_radiation.pdbx_diffrn_protocol             'SINGLE WAVELENGTH' 
_diffrn_radiation.pdbx_scattering_type             x-ray 
# 
_diffrn_radiation_wavelength.id           1 
_diffrn_radiation_wavelength.wavelength   1.54178 
_diffrn_radiation_wavelength.wt           1.0 
# 
_diffrn_source.diffrn_id                   1 
_diffrn_source.source                      'ROTATING ANODE' 
_diffrn_source.type                        'RIGAKU RU200' 
_diffrn_source.pdbx_synchrotron_site       ? 
_diffrn_source.pdbx_synchrotron_beamline   ? 
_diffrn_source.pdbx_wavelength             ? 
_diffrn_source.pdbx_wavelength_list        1.54178 
# 
_refine.entry_id                                 1TZQ 
_refine.ls_d_res_high                            2.3 
_refine.ls_d_res_low                             10.0 
_refine.pdbx_ls_sigma_F                          1 
_refine.pdbx_ls_sigma_I                          ? 
_refine.ls_number_reflns_all                     6147 
_refine.ls_number_reflns_obs                     6089 
_refine.ls_number_reflns_R_free                  289 
_refine.ls_percent_reflns_obs                    ? 
_refine.ls_R_factor_all                          0.195 
_refine.ls_R_factor_obs                          0.195 
_refine.ls_R_factor_R_work                       0.192 
_refine.ls_R_factor_R_free                       0.274 
_refine.ls_redundancy_reflns_obs                 ? 
_refine.pdbx_data_cutoff_high_absF               ? 
_refine.pdbx_data_cutoff_low_absF                ? 
_refine.ls_number_parameters                     ? 
_refine.ls_number_restraints                     ? 
_refine.ls_percent_reflns_R_free                 ? 
_refine.ls_R_factor_R_free_error                 ? 
_refine.ls_R_factor_R_free_error_details         ? 
_refine.pdbx_method_to_determine_struct          'MOLECULAR REPLACEMENT' 
_refine.pdbx_starting_model                      'PDB ENTRY 1IAZ' 
_refine.pdbx_ls_cross_valid_method               THROUGHOUT 
_refine.pdbx_R_Free_selection_details            RANDOM 
_refine.pdbx_stereochem_target_val_spec_case     ? 
_refine.pdbx_stereochemistry_target_values       ? 
_refine.solvent_model_details                    ? 
_refine.solvent_model_param_bsol                 ? 
_refine.solvent_model_param_ksol                 ? 
_refine.occupancy_max                            ? 
_refine.occupancy_min                            ? 
_refine.pdbx_isotropic_thermal_model             ? 
_refine.B_iso_mean                               ? 
_refine.aniso_B[1][1]                            ? 
_refine.aniso_B[1][2]                            ? 
_refine.aniso_B[1][3]                            ? 
_refine.aniso_B[2][2]                            ? 
_refine.aniso_B[2][3]                            ? 
_refine.aniso_B[3][3]                            ? 
_refine.details                                  ? 
_refine.B_iso_min                                ? 
_refine.B_iso_max                                ? 
_refine.correlation_coeff_Fo_to_Fc               ? 
_refine.correlation_coeff_Fo_to_Fc_free          ? 
_refine.pdbx_solvent_vdw_probe_radii             ? 
_refine.pdbx_solvent_ion_probe_radii             ? 
_refine.pdbx_solvent_shrinkage_radii             ? 
_refine.overall_SU_R_Cruickshank_DPI             ? 
_refine.overall_SU_R_free                        ? 
_refine.overall_SU_B                             ? 
_refine.overall_SU_ML                            ? 
_refine.pdbx_overall_ESU_R                       ? 
_refine.pdbx_overall_ESU_R_Free                  ? 
_refine.pdbx_data_cutoff_high_rms_absF           ? 
_refine.ls_wR_factor_R_free                      ? 
_refine.ls_wR_factor_R_work                      ? 
_refine.overall_FOM_free_R_set                   ? 
_refine.overall_FOM_work_R_set                   ? 
_refine.pdbx_refine_id                           'X-RAY DIFFRACTION' 
_refine.pdbx_diffrn_id                           1 
_refine.pdbx_TLS_residual_ADP_flag               ? 
_refine.pdbx_overall_phase_error                 ? 
_refine.pdbx_overall_SU_R_free_Cruickshank_DPI   ? 
_refine.pdbx_overall_SU_R_Blow_DPI               ? 
_refine.pdbx_overall_SU_R_free_Blow_DPI          ? 
# 
_refine_hist.pdbx_refine_id                   'X-RAY DIFFRACTION' 
_refine_hist.cycle_id                         LAST 
_refine_hist.pdbx_number_atoms_protein        1373 
_refine_hist.pdbx_number_atoms_nucleic_acid   0 
_refine_hist.pdbx_number_atoms_ligand         0 
_refine_hist.number_atoms_solvent             82 
_refine_hist.number_atoms_total               1455 
_refine_hist.d_res_high                       2.3 
_refine_hist.d_res_low                        10.0 
# 
loop_
_refine_ls_restr.type 
_refine_ls_restr.dev_ideal 
_refine_ls_restr.dev_ideal_target 
_refine_ls_restr.weight 
_refine_ls_restr.number 
_refine_ls_restr.pdbx_refine_id 
_refine_ls_restr.pdbx_restraint_function 
o_bond_d    0.011 ? ? ? 'X-RAY DIFFRACTION' ? 
o_angle_deg 1.5   ? ? ? 'X-RAY DIFFRACTION' ? 
# 
_struct.entry_id                  1TZQ 
_struct.title                     'Crystal structure of the equinatoxin II 8-69 double cysteine mutant' 
_struct.pdbx_model_details        ? 
_struct.pdbx_CASP_flag            ? 
_struct.pdbx_model_type_details   ? 
# 
_struct_keywords.entry_id        1TZQ 
_struct_keywords.pdbx_keywords   TOXIN 
_struct_keywords.text            'beta-sandwich, TOXIN' 
# 
loop_
_struct_asym.id 
_struct_asym.pdbx_blank_PDB_chainid_flag 
_struct_asym.pdbx_modified 
_struct_asym.entity_id 
_struct_asym.details 
A N N 1 ? 
B N N 2 ? 
# 
_struct_ref.id                         1 
_struct_ref.db_name                    UNP 
_struct_ref.db_code                    EQT2_ACTEQ 
_struct_ref.pdbx_db_accession          P61914 
_struct_ref.entity_id                  1 
_struct_ref.pdbx_seq_one_letter_code   
;AGAVIDGASLSFDILKTVLEALGNVKRKIAVGVDNESGKTWTALNTYFRSGTSDIVLPHKVPHGKALLYNGQKDRGPVAT
GAVGVLAYLMSDGNTLAVLFSVPYDYNWYSNWWNVRIYKGKRRADQRMYEELYYNLSPFRGDNGWHTRNLGYGLKSRGFM
NSSGHAILEIHVSKA
;
_struct_ref.pdbx_align_begin           40 
_struct_ref.pdbx_db_isoform            ? 
# 
_struct_ref_seq.align_id                      1 
_struct_ref_seq.ref_id                        1 
_struct_ref_seq.pdbx_PDB_id_code              1TZQ 
_struct_ref_seq.pdbx_strand_id                A 
_struct_ref_seq.seq_align_beg                 1 
_struct_ref_seq.pdbx_seq_align_beg_ins_code   ? 
_struct_ref_seq.seq_align_end                 175 
_struct_ref_seq.pdbx_seq_align_end_ins_code   ? 
_struct_ref_seq.pdbx_db_accession             P61914 
_struct_ref_seq.db_align_beg                  40 
_struct_ref_seq.pdbx_db_align_beg_ins_code    ? 
_struct_ref_seq.db_align_end                  214 
_struct_ref_seq.pdbx_db_align_end_ins_code    ? 
_struct_ref_seq.pdbx_auth_seq_align_beg       5 
_struct_ref_seq.pdbx_auth_seq_align_end       179 
# 
loop_
_struct_ref_seq_dif.align_id 
_struct_ref_seq_dif.pdbx_pdb_id_code 
_struct_ref_seq_dif.mon_id 
_struct_ref_seq_dif.pdbx_pdb_strand_id 
_struct_ref_seq_dif.seq_num 
_struct_ref_seq_dif.pdbx_pdb_ins_code 
_struct_ref_seq_dif.pdbx_seq_db_name 
_struct_ref_seq_dif.pdbx_seq_db_accession_code 
_struct_ref_seq_dif.db_mon_id 
_struct_ref_seq_dif.pdbx_seq_db_seq_num 
_struct_ref_seq_dif.details 
_struct_ref_seq_dif.pdbx_auth_seq_num 
_struct_ref_seq_dif.pdbx_ordinal 
1 1TZQ CYS A 4  ? UNP P61914 VAL 43  'engineered mutation' 8  1 
1 1TZQ CYS A 65 ? UNP P61914 LYS 104 'engineered mutation' 69 2 
# 
_pdbx_struct_assembly.id                   1 
_pdbx_struct_assembly.details              author_defined_assembly 
_pdbx_struct_assembly.method_details       ? 
_pdbx_struct_assembly.oligomeric_details   monomeric 
_pdbx_struct_assembly.oligomeric_count     1 
# 
_pdbx_struct_assembly_gen.assembly_id       1 
_pdbx_struct_assembly_gen.oper_expression   1 
_pdbx_struct_assembly_gen.asym_id_list      A,B 
# 
_pdbx_struct_oper_list.id                   1 
_pdbx_struct_oper_list.type                 'identity operation' 
_pdbx_struct_oper_list.name                 1_555 
_pdbx_struct_oper_list.symmetry_operation   x,y,z 
_pdbx_struct_oper_list.matrix[1][1]         1.0000000000 
_pdbx_struct_oper_list.matrix[1][2]         0.0000000000 
_pdbx_struct_oper_list.matrix[1][3]         0.0000000000 
_pdbx_struct_oper_list.vector[1]            0.0000000000 
_pdbx_struct_oper_list.matrix[2][1]         0.0000000000 
_pdbx_struct_oper_list.matrix[2][2]         1.0000000000 
_pdbx_struct_oper_list.matrix[2][3]         0.0000000000 
_pdbx_struct_oper_list.vector[2]            0.0000000000 
_pdbx_struct_oper_list.matrix[3][1]         0.0000000000 
_pdbx_struct_oper_list.matrix[3][2]         0.0000000000 
_pdbx_struct_oper_list.matrix[3][3]         1.0000000000 
_pdbx_struct_oper_list.vector[3]            0.0000000000 
# 
_struct_biol.id                    1 
_struct_biol.pdbx_parent_biol_id   ? 
_struct_biol.details               ? 
# 
loop_
_struct_conf.conf_type_id 
_struct_conf.id 
_struct_conf.pdbx_PDB_helix_id 
_struct_conf.beg_label_comp_id 
_struct_conf.beg_label_asym_id 
_struct_conf.beg_label_seq_id 
_struct_conf.pdbx_beg_PDB_ins_code 
_struct_conf.end_label_comp_id 
_struct_conf.end_label_asym_id 
_struct_conf.end_label_seq_id 
_struct_conf.pdbx_end_PDB_ins_code 
_struct_conf.beg_auth_comp_id 
_struct_conf.beg_auth_asym_id 
_struct_conf.beg_auth_seq_id 
_struct_conf.end_auth_comp_id 
_struct_conf.end_auth_asym_id 
_struct_conf.end_auth_seq_id 
_struct_conf.pdbx_PDB_helix_class 
_struct_conf.details 
_struct_conf.pdbx_PDB_helix_length 
HELX_P HELX_P1 1 ALA A 8   ? LEU A 10  ? ALA A 12  LEU A 14  5 ? 3  
HELX_P HELX_P2 2 SER A 11  ? LEU A 22  ? SER A 15  LEU A 26  1 ? 12 
HELX_P HELX_P3 3 ASP A 125 ? ASN A 135 ? ASP A 129 ASN A 139 1 ? 11 
# 
_struct_conf_type.id          HELX_P 
_struct_conf_type.criteria    ? 
_struct_conf_type.reference   ? 
# 
_struct_conn.id                            disulf1 
_struct_conn.conn_type_id                  disulf 
_struct_conn.pdbx_leaving_atom_flag        ? 
_struct_conn.pdbx_PDB_id                   ? 
_struct_conn.ptnr1_label_asym_id           A 
_struct_conn.ptnr1_label_comp_id           CYS 
_struct_conn.ptnr1_label_seq_id            4 
_struct_conn.ptnr1_label_atom_id           SG 
_struct_conn.pdbx_ptnr1_label_alt_id       ? 
_struct_conn.pdbx_ptnr1_PDB_ins_code       ? 
_struct_conn.pdbx_ptnr1_standard_comp_id   ? 
_struct_conn.ptnr1_symmetry                1_555 
_struct_conn.ptnr2_label_asym_id           A 
_struct_conn.ptnr2_label_comp_id           CYS 
_struct_conn.ptnr2_label_seq_id            65 
_struct_conn.ptnr2_label_atom_id           SG 
_struct_conn.pdbx_ptnr2_label_alt_id       ? 
_struct_conn.pdbx_ptnr2_PDB_ins_code       ? 
_struct_conn.ptnr1_auth_asym_id            A 
_struct_conn.ptnr1_auth_comp_id            CYS 
_struct_conn.ptnr1_auth_seq_id             8 
_struct_conn.ptnr2_auth_asym_id            A 
_struct_conn.ptnr2_auth_comp_id            CYS 
_struct_conn.ptnr2_auth_seq_id             69 
_struct_conn.ptnr2_symmetry                1_555 
_struct_conn.pdbx_ptnr3_label_atom_id      ? 
_struct_conn.pdbx_ptnr3_label_seq_id       ? 
_struct_conn.pdbx_ptnr3_label_comp_id      ? 
_struct_conn.pdbx_ptnr3_label_asym_id      ? 
_struct_conn.pdbx_ptnr3_label_alt_id       ? 
_struct_conn.pdbx_ptnr3_PDB_ins_code       ? 
_struct_conn.details                       ? 
_struct_conn.pdbx_dist_value               2.034 
_struct_conn.pdbx_value_order              ? 
_struct_conn.pdbx_role                     ? 
# 
_struct_conn_type.id          disulf 
_struct_conn_type.criteria    ? 
_struct_conn_type.reference   ? 
# 
_pdbx_modification_feature.ordinal                            1 
_pdbx_modification_feature.label_comp_id                      CYS 
_pdbx_modification_feature.label_asym_id                      A 
_pdbx_modification_feature.label_seq_id                       4 
_pdbx_modification_feature.label_alt_id                       ? 
_pdbx_modification_feature.modified_residue_label_comp_id     CYS 
_pdbx_modification_feature.modified_residue_label_asym_id     A 
_pdbx_modification_feature.modified_residue_label_seq_id      65 
_pdbx_modification_feature.modified_residue_label_alt_id      ? 
_pdbx_modification_feature.auth_comp_id                       CYS 
_pdbx_modification_feature.auth_asym_id                       A 
_pdbx_modification_feature.auth_seq_id                        8 
_pdbx_modification_feature.PDB_ins_code                       ? 
_pdbx_modification_feature.symmetry                           1_555 
_pdbx_modification_feature.modified_residue_auth_comp_id      CYS 
_pdbx_modification_feature.modified_residue_auth_asym_id      A 
_pdbx_modification_feature.modified_residue_auth_seq_id       69 
_pdbx_modification_feature.modified_residue_PDB_ins_code      ? 
_pdbx_modification_feature.modified_residue_symmetry          1_555 
_pdbx_modification_feature.comp_id_linking_atom               SG 
_pdbx_modification_feature.modified_residue_id_linking_atom   SG 
_pdbx_modification_feature.modified_residue_id                . 
_pdbx_modification_feature.ref_pcm_id                         . 
_pdbx_modification_feature.ref_comp_id                        . 
_pdbx_modification_feature.type                               None 
_pdbx_modification_feature.category                           'Disulfide bridge' 
# 
loop_
_struct_sheet.id 
_struct_sheet.type 
_struct_sheet.number_strands 
_struct_sheet.details 
A ? 6 ? 
B ? 6 ? 
# 
loop_
_struct_sheet_order.sheet_id 
_struct_sheet_order.range_id_1 
_struct_sheet_order.range_id_2 
_struct_sheet_order.offset 
_struct_sheet_order.sense 
A 1 2 ? anti-parallel 
A 2 3 ? anti-parallel 
A 3 4 ? parallel      
A 4 5 ? anti-parallel 
A 5 6 ? anti-parallel 
B 1 2 ? anti-parallel 
B 2 3 ? anti-parallel 
B 3 4 ? anti-parallel 
B 4 5 ? anti-parallel 
B 5 6 ? anti-parallel 
# 
loop_
_struct_sheet_range.sheet_id 
_struct_sheet_range.id 
_struct_sheet_range.beg_label_comp_id 
_struct_sheet_range.beg_label_asym_id 
_struct_sheet_range.beg_label_seq_id 
_struct_sheet_range.pdbx_beg_PDB_ins_code 
_struct_sheet_range.end_label_comp_id 
_struct_sheet_range.end_label_asym_id 
_struct_sheet_range.end_label_seq_id 
_struct_sheet_range.pdbx_end_PDB_ins_code 
_struct_sheet_range.beg_auth_comp_id 
_struct_sheet_range.beg_auth_asym_id 
_struct_sheet_range.beg_auth_seq_id 
_struct_sheet_range.end_auth_comp_id 
_struct_sheet_range.end_auth_asym_id 
_struct_sheet_range.end_auth_seq_id 
A 1 CYS A 4   ? ASP A 6   ? CYS A 8   ASP A 10  
A 2 CYS A 65  ? GLN A 72  ? CYS A 69  GLN A 76  
A 3 LYS A 28  ? GLU A 36  ? LYS A 32  GLU A 40  
A 4 HIS A 165 ? LYS A 174 ? HIS A 169 LYS A 178 
A 5 LEU A 154 ? MET A 160 ? LEU A 158 MET A 164 
A 6 TRP A 145 ? GLY A 151 ? TRP A 149 GLY A 155 
B 1 LYS A 60  ? VAL A 61  ? LYS A 64  VAL A 65  
B 2 TRP A 41  ? SER A 50  ? TRP A 45  SER A 54  
B 3 ALA A 82  ? MET A 90  ? ALA A 86  MET A 94  
B 4 THR A 95  ? VAL A 102 ? THR A 99  VAL A 106 
B 5 TRP A 112 ? TYR A 118 ? TRP A 116 TYR A 122 
B 6 PHE A 139 ? ARG A 140 ? PHE A 143 ARG A 144 
# 
loop_
_pdbx_struct_sheet_hbond.sheet_id 
_pdbx_struct_sheet_hbond.range_id_1 
_pdbx_struct_sheet_hbond.range_id_2 
_pdbx_struct_sheet_hbond.range_1_label_atom_id 
_pdbx_struct_sheet_hbond.range_1_label_comp_id 
_pdbx_struct_sheet_hbond.range_1_label_asym_id 
_pdbx_struct_sheet_hbond.range_1_label_seq_id 
_pdbx_struct_sheet_hbond.range_1_PDB_ins_code 
_pdbx_struct_sheet_hbond.range_1_auth_atom_id 
_pdbx_struct_sheet_hbond.range_1_auth_comp_id 
_pdbx_struct_sheet_hbond.range_1_auth_asym_id 
_pdbx_struct_sheet_hbond.range_1_auth_seq_id 
_pdbx_struct_sheet_hbond.range_2_label_atom_id 
_pdbx_struct_sheet_hbond.range_2_label_comp_id 
_pdbx_struct_sheet_hbond.range_2_label_asym_id 
_pdbx_struct_sheet_hbond.range_2_label_seq_id 
_pdbx_struct_sheet_hbond.range_2_PDB_ins_code 
_pdbx_struct_sheet_hbond.range_2_auth_atom_id 
_pdbx_struct_sheet_hbond.range_2_auth_comp_id 
_pdbx_struct_sheet_hbond.range_2_auth_asym_id 
_pdbx_struct_sheet_hbond.range_2_auth_seq_id 
A 1 2 N ILE A 5   ? N ILE A 9   O ALA A 66  ? O ALA A 70  
A 2 3 O TYR A 69  ? O TYR A 73  N VAL A 31  ? N VAL A 35  
A 3 4 N ASP A 34  ? N ASP A 38  O ILE A 170 ? O ILE A 174 
A 4 5 O SER A 173 ? O SER A 177 N LYS A 155 ? N LYS A 159 
A 5 6 O GLY A 158 ? O GLY A 162 N HIS A 146 ? N HIS A 150 
B 1 2 O VAL A 61  ? O VAL A 65  N TRP A 41  ? N TRP A 45  
B 2 3 N THR A 42  ? N THR A 46  O LEU A 89  ? O LEU A 93  
B 3 4 N TYR A 88  ? N TYR A 92  O LEU A 96  ? O LEU A 100 
B 4 5 N ALA A 97  ? N ALA A 101 O ARG A 116 ? O ARG A 120 
B 5 6 N TRP A 113 ? N TRP A 117 O PHE A 139 ? O PHE A 143 
# 
_pdbx_entry_details.entry_id                   1TZQ 
_pdbx_entry_details.compound_details           ? 
_pdbx_entry_details.source_details             ? 
_pdbx_entry_details.nonpolymer_details         ? 
_pdbx_entry_details.sequence_details           ? 
_pdbx_entry_details.has_ligand_of_interest     ? 
_pdbx_entry_details.has_protein_modification   Y 
# 
loop_
_pdbx_validate_torsion.id 
_pdbx_validate_torsion.PDB_model_num 
_pdbx_validate_torsion.auth_comp_id 
_pdbx_validate_torsion.auth_asym_id 
_pdbx_validate_torsion.auth_seq_id 
_pdbx_validate_torsion.PDB_ins_code 
_pdbx_validate_torsion.label_alt_id 
_pdbx_validate_torsion.phi 
_pdbx_validate_torsion.psi 
1 1 LEU A 48  ? ? -100.60 -78.37 
2 1 SER A 141 ? ? 45.51   70.05  
# 
loop_
_chem_comp_atom.comp_id 
_chem_comp_atom.atom_id 
_chem_comp_atom.type_symbol 
_chem_comp_atom.pdbx_aromatic_flag 
_chem_comp_atom.pdbx_stereo_config 
_chem_comp_atom.pdbx_ordinal 
ALA N    N N N 1   
ALA CA   C N S 2   
ALA C    C N N 3   
ALA O    O N N 4   
ALA CB   C N N 5   
ALA OXT  O N N 6   
ALA H    H N N 7   
ALA H2   H N N 8   
ALA HA   H N N 9   
ALA HB1  H N N 10  
ALA HB2  H N N 11  
ALA HB3  H N N 12  
ALA HXT  H N N 13  
ARG N    N N N 14  
ARG CA   C N S 15  
ARG C    C N N 16  
ARG O    O N N 17  
ARG CB   C N N 18  
ARG CG   C N N 19  
ARG CD   C N N 20  
ARG NE   N N N 21  
ARG CZ   C N N 22  
ARG NH1  N N N 23  
ARG NH2  N N N 24  
ARG OXT  O N N 25  
ARG H    H N N 26  
ARG H2   H N N 27  
ARG HA   H N N 28  
ARG HB2  H N N 29  
ARG HB3  H N N 30  
ARG HG2  H N N 31  
ARG HG3  H N N 32  
ARG HD2  H N N 33  
ARG HD3  H N N 34  
ARG HE   H N N 35  
ARG HH11 H N N 36  
ARG HH12 H N N 37  
ARG HH21 H N N 38  
ARG HH22 H N N 39  
ARG HXT  H N N 40  
ASN N    N N N 41  
ASN CA   C N S 42  
ASN C    C N N 43  
ASN O    O N N 44  
ASN CB   C N N 45  
ASN CG   C N N 46  
ASN OD1  O N N 47  
ASN ND2  N N N 48  
ASN OXT  O N N 49  
ASN H    H N N 50  
ASN H2   H N N 51  
ASN HA   H N N 52  
ASN HB2  H N N 53  
ASN HB3  H N N 54  
ASN HD21 H N N 55  
ASN HD22 H N N 56  
ASN HXT  H N N 57  
ASP N    N N N 58  
ASP CA   C N S 59  
ASP C    C N N 60  
ASP O    O N N 61  
ASP CB   C N N 62  
ASP CG   C N N 63  
ASP OD1  O N N 64  
ASP OD2  O N N 65  
ASP OXT  O N N 66  
ASP H    H N N 67  
ASP H2   H N N 68  
ASP HA   H N N 69  
ASP HB2  H N N 70  
ASP HB3  H N N 71  
ASP HD2  H N N 72  
ASP HXT  H N N 73  
CYS N    N N N 74  
CYS CA   C N R 75  
CYS C    C N N 76  
CYS O    O N N 77  
CYS CB   C N N 78  
CYS SG   S N N 79  
CYS OXT  O N N 80  
CYS H    H N N 81  
CYS H2   H N N 82  
CYS HA   H N N 83  
CYS HB2  H N N 84  
CYS HB3  H N N 85  
CYS HG   H N N 86  
CYS HXT  H N N 87  
GLN N    N N N 88  
GLN CA   C N S 89  
GLN C    C N N 90  
GLN O    O N N 91  
GLN CB   C N N 92  
GLN CG   C N N 93  
GLN CD   C N N 94  
GLN OE1  O N N 95  
GLN NE2  N N N 96  
GLN OXT  O N N 97  
GLN H    H N N 98  
GLN H2   H N N 99  
GLN HA   H N N 100 
GLN HB2  H N N 101 
GLN HB3  H N N 102 
GLN HG2  H N N 103 
GLN HG3  H N N 104 
GLN HE21 H N N 105 
GLN HE22 H N N 106 
GLN HXT  H N N 107 
GLU N    N N N 108 
GLU CA   C N S 109 
GLU C    C N N 110 
GLU O    O N N 111 
GLU CB   C N N 112 
GLU CG   C N N 113 
GLU CD   C N N 114 
GLU OE1  O N N 115 
GLU OE2  O N N 116 
GLU OXT  O N N 117 
GLU H    H N N 118 
GLU H2   H N N 119 
GLU HA   H N N 120 
GLU HB2  H N N 121 
GLU HB3  H N N 122 
GLU HG2  H N N 123 
GLU HG3  H N N 124 
GLU HE2  H N N 125 
GLU HXT  H N N 126 
GLY N    N N N 127 
GLY CA   C N N 128 
GLY C    C N N 129 
GLY O    O N N 130 
GLY OXT  O N N 131 
GLY H    H N N 132 
GLY H2   H N N 133 
GLY HA2  H N N 134 
GLY HA3  H N N 135 
GLY HXT  H N N 136 
HIS N    N N N 137 
HIS CA   C N S 138 
HIS C    C N N 139 
HIS O    O N N 140 
HIS CB   C N N 141 
HIS CG   C Y N 142 
HIS ND1  N Y N 143 
HIS CD2  C Y N 144 
HIS CE1  C Y N 145 
HIS NE2  N Y N 146 
HIS OXT  O N N 147 
HIS H    H N N 148 
HIS H2   H N N 149 
HIS HA   H N N 150 
HIS HB2  H N N 151 
HIS HB3  H N N 152 
HIS HD1  H N N 153 
HIS HD2  H N N 154 
HIS HE1  H N N 155 
HIS HE2  H N N 156 
HIS HXT  H N N 157 
HOH O    O N N 158 
HOH H1   H N N 159 
HOH H2   H N N 160 
ILE N    N N N 161 
ILE CA   C N S 162 
ILE C    C N N 163 
ILE O    O N N 164 
ILE CB   C N S 165 
ILE CG1  C N N 166 
ILE CG2  C N N 167 
ILE CD1  C N N 168 
ILE OXT  O N N 169 
ILE H    H N N 170 
ILE H2   H N N 171 
ILE HA   H N N 172 
ILE HB   H N N 173 
ILE HG12 H N N 174 
ILE HG13 H N N 175 
ILE HG21 H N N 176 
ILE HG22 H N N 177 
ILE HG23 H N N 178 
ILE HD11 H N N 179 
ILE HD12 H N N 180 
ILE HD13 H N N 181 
ILE HXT  H N N 182 
LEU N    N N N 183 
LEU CA   C N S 184 
LEU C    C N N 185 
LEU O    O N N 186 
LEU CB   C N N 187 
LEU CG   C N N 188 
LEU CD1  C N N 189 
LEU CD2  C N N 190 
LEU OXT  O N N 191 
LEU H    H N N 192 
LEU H2   H N N 193 
LEU HA   H N N 194 
LEU HB2  H N N 195 
LEU HB3  H N N 196 
LEU HG   H N N 197 
LEU HD11 H N N 198 
LEU HD12 H N N 199 
LEU HD13 H N N 200 
LEU HD21 H N N 201 
LEU HD22 H N N 202 
LEU HD23 H N N 203 
LEU HXT  H N N 204 
LYS N    N N N 205 
LYS CA   C N S 206 
LYS C    C N N 207 
LYS O    O N N 208 
LYS CB   C N N 209 
LYS CG   C N N 210 
LYS CD   C N N 211 
LYS CE   C N N 212 
LYS NZ   N N N 213 
LYS OXT  O N N 214 
LYS H    H N N 215 
LYS H2   H N N 216 
LYS HA   H N N 217 
LYS HB2  H N N 218 
LYS HB3  H N N 219 
LYS HG2  H N N 220 
LYS HG3  H N N 221 
LYS HD2  H N N 222 
LYS HD3  H N N 223 
LYS HE2  H N N 224 
LYS HE3  H N N 225 
LYS HZ1  H N N 226 
LYS HZ2  H N N 227 
LYS HZ3  H N N 228 
LYS HXT  H N N 229 
MET N    N N N 230 
MET CA   C N S 231 
MET C    C N N 232 
MET O    O N N 233 
MET CB   C N N 234 
MET CG   C N N 235 
MET SD   S N N 236 
MET CE   C N N 237 
MET OXT  O N N 238 
MET H    H N N 239 
MET H2   H N N 240 
MET HA   H N N 241 
MET HB2  H N N 242 
MET HB3  H N N 243 
MET HG2  H N N 244 
MET HG3  H N N 245 
MET HE1  H N N 246 
MET HE2  H N N 247 
MET HE3  H N N 248 
MET HXT  H N N 249 
PHE N    N N N 250 
PHE CA   C N S 251 
PHE C    C N N 252 
PHE O    O N N 253 
PHE CB   C N N 254 
PHE CG   C Y N 255 
PHE CD1  C Y N 256 
PHE CD2  C Y N 257 
PHE CE1  C Y N 258 
PHE CE2  C Y N 259 
PHE CZ   C Y N 260 
PHE OXT  O N N 261 
PHE H    H N N 262 
PHE H2   H N N 263 
PHE HA   H N N 264 
PHE HB2  H N N 265 
PHE HB3  H N N 266 
PHE HD1  H N N 267 
PHE HD2  H N N 268 
PHE HE1  H N N 269 
PHE HE2  H N N 270 
PHE HZ   H N N 271 
PHE HXT  H N N 272 
PRO N    N N N 273 
PRO CA   C N S 274 
PRO C    C N N 275 
PRO O    O N N 276 
PRO CB   C N N 277 
PRO CG   C N N 278 
PRO CD   C N N 279 
PRO OXT  O N N 280 
PRO H    H N N 281 
PRO HA   H N N 282 
PRO HB2  H N N 283 
PRO HB3  H N N 284 
PRO HG2  H N N 285 
PRO HG3  H N N 286 
PRO HD2  H N N 287 
PRO HD3  H N N 288 
PRO HXT  H N N 289 
SER N    N N N 290 
SER CA   C N S 291 
SER C    C N N 292 
SER O    O N N 293 
SER CB   C N N 294 
SER OG   O N N 295 
SER OXT  O N N 296 
SER H    H N N 297 
SER H2   H N N 298 
SER HA   H N N 299 
SER HB2  H N N 300 
SER HB3  H N N 301 
SER HG   H N N 302 
SER HXT  H N N 303 
THR N    N N N 304 
THR CA   C N S 305 
THR C    C N N 306 
THR O    O N N 307 
THR CB   C N R 308 
THR OG1  O N N 309 
THR CG2  C N N 310 
THR OXT  O N N 311 
THR H    H N N 312 
THR H2   H N N 313 
THR HA   H N N 314 
THR HB   H N N 315 
THR HG1  H N N 316 
THR HG21 H N N 317 
THR HG22 H N N 318 
THR HG23 H N N 319 
THR HXT  H N N 320 
TRP N    N N N 321 
TRP CA   C N S 322 
TRP C    C N N 323 
TRP O    O N N 324 
TRP CB   C N N 325 
TRP CG   C Y N 326 
TRP CD1  C Y N 327 
TRP CD2  C Y N 328 
TRP NE1  N Y N 329 
TRP CE2  C Y N 330 
TRP CE3  C Y N 331 
TRP CZ2  C Y N 332 
TRP CZ3  C Y N 333 
TRP CH2  C Y N 334 
TRP OXT  O N N 335 
TRP H    H N N 336 
TRP H2   H N N 337 
TRP HA   H N N 338 
TRP HB2  H N N 339 
TRP HB3  H N N 340 
TRP HD1  H N N 341 
TRP HE1  H N N 342 
TRP HE3  H N N 343 
TRP HZ2  H N N 344 
TRP HZ3  H N N 345 
TRP HH2  H N N 346 
TRP HXT  H N N 347 
TYR N    N N N 348 
TYR CA   C N S 349 
TYR C    C N N 350 
TYR O    O N N 351 
TYR CB   C N N 352 
TYR CG   C Y N 353 
TYR CD1  C Y N 354 
TYR CD2  C Y N 355 
TYR CE1  C Y N 356 
TYR CE2  C Y N 357 
TYR CZ   C Y N 358 
TYR OH   O N N 359 
TYR OXT  O N N 360 
TYR H    H N N 361 
TYR H2   H N N 362 
TYR HA   H N N 363 
TYR HB2  H N N 364 
TYR HB3  H N N 365 
TYR HD1  H N N 366 
TYR HD2  H N N 367 
TYR HE1  H N N 368 
TYR HE2  H N N 369 
TYR HH   H N N 370 
TYR HXT  H N N 371 
VAL N    N N N 372 
VAL CA   C N S 373 
VAL C    C N N 374 
VAL O    O N N 375 
VAL CB   C N N 376 
VAL CG1  C N N 377 
VAL CG2  C N N 378 
VAL OXT  O N N 379 
VAL H    H N N 380 
VAL H2   H N N 381 
VAL HA   H N N 382 
VAL HB   H N N 383 
VAL HG11 H N N 384 
VAL HG12 H N N 385 
VAL HG13 H N N 386 
VAL HG21 H N N 387 
VAL HG22 H N N 388 
VAL HG23 H N N 389 
VAL HXT  H N N 390 
# 
loop_
_chem_comp_bond.comp_id 
_chem_comp_bond.atom_id_1 
_chem_comp_bond.atom_id_2 
_chem_comp_bond.value_order 
_chem_comp_bond.pdbx_aromatic_flag 
_chem_comp_bond.pdbx_stereo_config 
_chem_comp_bond.pdbx_ordinal 
ALA N   CA   sing N N 1   
ALA N   H    sing N N 2   
ALA N   H2   sing N N 3   
ALA CA  C    sing N N 4   
ALA CA  CB   sing N N 5   
ALA CA  HA   sing N N 6   
ALA C   O    doub N N 7   
ALA C   OXT  sing N N 8   
ALA CB  HB1  sing N N 9   
ALA CB  HB2  sing N N 10  
ALA CB  HB3  sing N N 11  
ALA OXT HXT  sing N N 12  
ARG N   CA   sing N N 13  
ARG N   H    sing N N 14  
ARG N   H2   sing N N 15  
ARG CA  C    sing N N 16  
ARG CA  CB   sing N N 17  
ARG CA  HA   sing N N 18  
ARG C   O    doub N N 19  
ARG C   OXT  sing N N 20  
ARG CB  CG   sing N N 21  
ARG CB  HB2  sing N N 22  
ARG CB  HB3  sing N N 23  
ARG CG  CD   sing N N 24  
ARG CG  HG2  sing N N 25  
ARG CG  HG3  sing N N 26  
ARG CD  NE   sing N N 27  
ARG CD  HD2  sing N N 28  
ARG CD  HD3  sing N N 29  
ARG NE  CZ   sing N N 30  
ARG NE  HE   sing N N 31  
ARG CZ  NH1  sing N N 32  
ARG CZ  NH2  doub N N 33  
ARG NH1 HH11 sing N N 34  
ARG NH1 HH12 sing N N 35  
ARG NH2 HH21 sing N N 36  
ARG NH2 HH22 sing N N 37  
ARG OXT HXT  sing N N 38  
ASN N   CA   sing N N 39  
ASN N   H    sing N N 40  
ASN N   H2   sing N N 41  
ASN CA  C    sing N N 42  
ASN CA  CB   sing N N 43  
ASN CA  HA   sing N N 44  
ASN C   O    doub N N 45  
ASN C   OXT  sing N N 46  
ASN CB  CG   sing N N 47  
ASN CB  HB2  sing N N 48  
ASN CB  HB3  sing N N 49  
ASN CG  OD1  doub N N 50  
ASN CG  ND2  sing N N 51  
ASN ND2 HD21 sing N N 52  
ASN ND2 HD22 sing N N 53  
ASN OXT HXT  sing N N 54  
ASP N   CA   sing N N 55  
ASP N   H    sing N N 56  
ASP N   H2   sing N N 57  
ASP CA  C    sing N N 58  
ASP CA  CB   sing N N 59  
ASP CA  HA   sing N N 60  
ASP C   O    doub N N 61  
ASP C   OXT  sing N N 62  
ASP CB  CG   sing N N 63  
ASP CB  HB2  sing N N 64  
ASP CB  HB3  sing N N 65  
ASP CG  OD1  doub N N 66  
ASP CG  OD2  sing N N 67  
ASP OD2 HD2  sing N N 68  
ASP OXT HXT  sing N N 69  
CYS N   CA   sing N N 70  
CYS N   H    sing N N 71  
CYS N   H2   sing N N 72  
CYS CA  C    sing N N 73  
CYS CA  CB   sing N N 74  
CYS CA  HA   sing N N 75  
CYS C   O    doub N N 76  
CYS C   OXT  sing N N 77  
CYS CB  SG   sing N N 78  
CYS CB  HB2  sing N N 79  
CYS CB  HB3  sing N N 80  
CYS SG  HG   sing N N 81  
CYS OXT HXT  sing N N 82  
GLN N   CA   sing N N 83  
GLN N   H    sing N N 84  
GLN N   H2   sing N N 85  
GLN CA  C    sing N N 86  
GLN CA  CB   sing N N 87  
GLN CA  HA   sing N N 88  
GLN C   O    doub N N 89  
GLN C   OXT  sing N N 90  
GLN CB  CG   sing N N 91  
GLN CB  HB2  sing N N 92  
GLN CB  HB3  sing N N 93  
GLN CG  CD   sing N N 94  
GLN CG  HG2  sing N N 95  
GLN CG  HG3  sing N N 96  
GLN CD  OE1  doub N N 97  
GLN CD  NE2  sing N N 98  
GLN NE2 HE21 sing N N 99  
GLN NE2 HE22 sing N N 100 
GLN OXT HXT  sing N N 101 
GLU N   CA   sing N N 102 
GLU N   H    sing N N 103 
GLU N   H2   sing N N 104 
GLU CA  C    sing N N 105 
GLU CA  CB   sing N N 106 
GLU CA  HA   sing N N 107 
GLU C   O    doub N N 108 
GLU C   OXT  sing N N 109 
GLU CB  CG   sing N N 110 
GLU CB  HB2  sing N N 111 
GLU CB  HB3  sing N N 112 
GLU CG  CD   sing N N 113 
GLU CG  HG2  sing N N 114 
GLU CG  HG3  sing N N 115 
GLU CD  OE1  doub N N 116 
GLU CD  OE2  sing N N 117 
GLU OE2 HE2  sing N N 118 
GLU OXT HXT  sing N N 119 
GLY N   CA   sing N N 120 
GLY N   H    sing N N 121 
GLY N   H2   sing N N 122 
GLY CA  C    sing N N 123 
GLY CA  HA2  sing N N 124 
GLY CA  HA3  sing N N 125 
GLY C   O    doub N N 126 
GLY C   OXT  sing N N 127 
GLY OXT HXT  sing N N 128 
HIS N   CA   sing N N 129 
HIS N   H    sing N N 130 
HIS N   H2   sing N N 131 
HIS CA  C    sing N N 132 
HIS CA  CB   sing N N 133 
HIS CA  HA   sing N N 134 
HIS C   O    doub N N 135 
HIS C   OXT  sing N N 136 
HIS CB  CG   sing N N 137 
HIS CB  HB2  sing N N 138 
HIS CB  HB3  sing N N 139 
HIS CG  ND1  sing Y N 140 
HIS CG  CD2  doub Y N 141 
HIS ND1 CE1  doub Y N 142 
HIS ND1 HD1  sing N N 143 
HIS CD2 NE2  sing Y N 144 
HIS CD2 HD2  sing N N 145 
HIS CE1 NE2  sing Y N 146 
HIS CE1 HE1  sing N N 147 
HIS NE2 HE2  sing N N 148 
HIS OXT HXT  sing N N 149 
HOH O   H1   sing N N 150 
HOH O   H2   sing N N 151 
ILE N   CA   sing N N 152 
ILE N   H    sing N N 153 
ILE N   H2   sing N N 154 
ILE CA  C    sing N N 155 
ILE CA  CB   sing N N 156 
ILE CA  HA   sing N N 157 
ILE C   O    doub N N 158 
ILE C   OXT  sing N N 159 
ILE CB  CG1  sing N N 160 
ILE CB  CG2  sing N N 161 
ILE CB  HB   sing N N 162 
ILE CG1 CD1  sing N N 163 
ILE CG1 HG12 sing N N 164 
ILE CG1 HG13 sing N N 165 
ILE CG2 HG21 sing N N 166 
ILE CG2 HG22 sing N N 167 
ILE CG2 HG23 sing N N 168 
ILE CD1 HD11 sing N N 169 
ILE CD1 HD12 sing N N 170 
ILE CD1 HD13 sing N N 171 
ILE OXT HXT  sing N N 172 
LEU N   CA   sing N N 173 
LEU N   H    sing N N 174 
LEU N   H2   sing N N 175 
LEU CA  C    sing N N 176 
LEU CA  CB   sing N N 177 
LEU CA  HA   sing N N 178 
LEU C   O    doub N N 179 
LEU C   OXT  sing N N 180 
LEU CB  CG   sing N N 181 
LEU CB  HB2  sing N N 182 
LEU CB  HB3  sing N N 183 
LEU CG  CD1  sing N N 184 
LEU CG  CD2  sing N N 185 
LEU CG  HG   sing N N 186 
LEU CD1 HD11 sing N N 187 
LEU CD1 HD12 sing N N 188 
LEU CD1 HD13 sing N N 189 
LEU CD2 HD21 sing N N 190 
LEU CD2 HD22 sing N N 191 
LEU CD2 HD23 sing N N 192 
LEU OXT HXT  sing N N 193 
LYS N   CA   sing N N 194 
LYS N   H    sing N N 195 
LYS N   H2   sing N N 196 
LYS CA  C    sing N N 197 
LYS CA  CB   sing N N 198 
LYS CA  HA   sing N N 199 
LYS C   O    doub N N 200 
LYS C   OXT  sing N N 201 
LYS CB  CG   sing N N 202 
LYS CB  HB2  sing N N 203 
LYS CB  HB3  sing N N 204 
LYS CG  CD   sing N N 205 
LYS CG  HG2  sing N N 206 
LYS CG  HG3  sing N N 207 
LYS CD  CE   sing N N 208 
LYS CD  HD2  sing N N 209 
LYS CD  HD3  sing N N 210 
LYS CE  NZ   sing N N 211 
LYS CE  HE2  sing N N 212 
LYS CE  HE3  sing N N 213 
LYS NZ  HZ1  sing N N 214 
LYS NZ  HZ2  sing N N 215 
LYS NZ  HZ3  sing N N 216 
LYS OXT HXT  sing N N 217 
MET N   CA   sing N N 218 
MET N   H    sing N N 219 
MET N   H2   sing N N 220 
MET CA  C    sing N N 221 
MET CA  CB   sing N N 222 
MET CA  HA   sing N N 223 
MET C   O    doub N N 224 
MET C   OXT  sing N N 225 
MET CB  CG   sing N N 226 
MET CB  HB2  sing N N 227 
MET CB  HB3  sing N N 228 
MET CG  SD   sing N N 229 
MET CG  HG2  sing N N 230 
MET CG  HG3  sing N N 231 
MET SD  CE   sing N N 232 
MET CE  HE1  sing N N 233 
MET CE  HE2  sing N N 234 
MET CE  HE3  sing N N 235 
MET OXT HXT  sing N N 236 
PHE N   CA   sing N N 237 
PHE N   H    sing N N 238 
PHE N   H2   sing N N 239 
PHE CA  C    sing N N 240 
PHE CA  CB   sing N N 241 
PHE CA  HA   sing N N 242 
PHE C   O    doub N N 243 
PHE C   OXT  sing N N 244 
PHE CB  CG   sing N N 245 
PHE CB  HB2  sing N N 246 
PHE CB  HB3  sing N N 247 
PHE CG  CD1  doub Y N 248 
PHE CG  CD2  sing Y N 249 
PHE CD1 CE1  sing Y N 250 
PHE CD1 HD1  sing N N 251 
PHE CD2 CE2  doub Y N 252 
PHE CD2 HD2  sing N N 253 
PHE CE1 CZ   doub Y N 254 
PHE CE1 HE1  sing N N 255 
PHE CE2 CZ   sing Y N 256 
PHE CE2 HE2  sing N N 257 
PHE CZ  HZ   sing N N 258 
PHE OXT HXT  sing N N 259 
PRO N   CA   sing N N 260 
PRO N   CD   sing N N 261 
PRO N   H    sing N N 262 
PRO CA  C    sing N N 263 
PRO CA  CB   sing N N 264 
PRO CA  HA   sing N N 265 
PRO C   O    doub N N 266 
PRO C   OXT  sing N N 267 
PRO CB  CG   sing N N 268 
PRO CB  HB2  sing N N 269 
PRO CB  HB3  sing N N 270 
PRO CG  CD   sing N N 271 
PRO CG  HG2  sing N N 272 
PRO CG  HG3  sing N N 273 
PRO CD  HD2  sing N N 274 
PRO CD  HD3  sing N N 275 
PRO OXT HXT  sing N N 276 
SER N   CA   sing N N 277 
SER N   H    sing N N 278 
SER N   H2   sing N N 279 
SER CA  C    sing N N 280 
SER CA  CB   sing N N 281 
SER CA  HA   sing N N 282 
SER C   O    doub N N 283 
SER C   OXT  sing N N 284 
SER CB  OG   sing N N 285 
SER CB  HB2  sing N N 286 
SER CB  HB3  sing N N 287 
SER OG  HG   sing N N 288 
SER OXT HXT  sing N N 289 
THR N   CA   sing N N 290 
THR N   H    sing N N 291 
THR N   H2   sing N N 292 
THR CA  C    sing N N 293 
THR CA  CB   sing N N 294 
THR CA  HA   sing N N 295 
THR C   O    doub N N 296 
THR C   OXT  sing N N 297 
THR CB  OG1  sing N N 298 
THR CB  CG2  sing N N 299 
THR CB  HB   sing N N 300 
THR OG1 HG1  sing N N 301 
THR CG2 HG21 sing N N 302 
THR CG2 HG22 sing N N 303 
THR CG2 HG23 sing N N 304 
THR OXT HXT  sing N N 305 
TRP N   CA   sing N N 306 
TRP N   H    sing N N 307 
TRP N   H2   sing N N 308 
TRP CA  C    sing N N 309 
TRP CA  CB   sing N N 310 
TRP CA  HA   sing N N 311 
TRP C   O    doub N N 312 
TRP C   OXT  sing N N 313 
TRP CB  CG   sing N N 314 
TRP CB  HB2  sing N N 315 
TRP CB  HB3  sing N N 316 
TRP CG  CD1  doub Y N 317 
TRP CG  CD2  sing Y N 318 
TRP CD1 NE1  sing Y N 319 
TRP CD1 HD1  sing N N 320 
TRP CD2 CE2  doub Y N 321 
TRP CD2 CE3  sing Y N 322 
TRP NE1 CE2  sing Y N 323 
TRP NE1 HE1  sing N N 324 
TRP CE2 CZ2  sing Y N 325 
TRP CE3 CZ3  doub Y N 326 
TRP CE3 HE3  sing N N 327 
TRP CZ2 CH2  doub Y N 328 
TRP CZ2 HZ2  sing N N 329 
TRP CZ3 CH2  sing Y N 330 
TRP CZ3 HZ3  sing N N 331 
TRP CH2 HH2  sing N N 332 
TRP OXT HXT  sing N N 333 
TYR N   CA   sing N N 334 
TYR N   H    sing N N 335 
TYR N   H2   sing N N 336 
TYR CA  C    sing N N 337 
TYR CA  CB   sing N N 338 
TYR CA  HA   sing N N 339 
TYR C   O    doub N N 340 
TYR C   OXT  sing N N 341 
TYR CB  CG   sing N N 342 
TYR CB  HB2  sing N N 343 
TYR CB  HB3  sing N N 344 
TYR CG  CD1  doub Y N 345 
TYR CG  CD2  sing Y N 346 
TYR CD1 CE1  sing Y N 347 
TYR CD1 HD1  sing N N 348 
TYR CD2 CE2  doub Y N 349 
TYR CD2 HD2  sing N N 350 
TYR CE1 CZ   doub Y N 351 
TYR CE1 HE1  sing N N 352 
TYR CE2 CZ   sing Y N 353 
TYR CE2 HE2  sing N N 354 
TYR CZ  OH   sing N N 355 
TYR OH  HH   sing N N 356 
TYR OXT HXT  sing N N 357 
VAL N   CA   sing N N 358 
VAL N   H    sing N N 359 
VAL N   H2   sing N N 360 
VAL CA  C    sing N N 361 
VAL CA  CB   sing N N 362 
VAL CA  HA   sing N N 363 
VAL C   O    doub N N 364 
VAL C   OXT  sing N N 365 
VAL CB  CG1  sing N N 366 
VAL CB  CG2  sing N N 367 
VAL CB  HB   sing N N 368 
VAL CG1 HG11 sing N N 369 
VAL CG1 HG12 sing N N 370 
VAL CG1 HG13 sing N N 371 
VAL CG2 HG21 sing N N 372 
VAL CG2 HG22 sing N N 373 
VAL CG2 HG23 sing N N 374 
VAL OXT HXT  sing N N 375 
# 
_pdbx_initial_refinement_model.id               1 
_pdbx_initial_refinement_model.entity_id_list   ? 
_pdbx_initial_refinement_model.type             'experimental model' 
_pdbx_initial_refinement_model.source_name      PDB 
_pdbx_initial_refinement_model.accession_code   1IAZ 
_pdbx_initial_refinement_model.details          'PDB ENTRY 1IAZ' 
# 
_atom_sites.entry_id                    1TZQ 
_atom_sites.fract_transf_matrix[1][1]   -0.01746919 
_atom_sites.fract_transf_matrix[1][2]   -0.00040381 
_atom_sites.fract_transf_matrix[1][3]   -0.02104700 
_atom_sites.fract_transf_matrix[2][1]   -0.00004868 
_atom_sites.fract_transf_matrix[2][2]   -0.01897763 
_atom_sites.fract_transf_matrix[2][3]   0.00040452 
_atom_sites.fract_transf_matrix[3][1]   -0.01997374 
_atom_sites.fract_transf_matrix[3][2]   0.00037698 
_atom_sites.fract_transf_matrix[3][3]   0.01528171 
_atom_sites.fract_transf_vector[1]      0.303865 
_atom_sites.fract_transf_vector[2]      0.013205 
_atom_sites.fract_transf_vector[3]      0.337859 
# 
loop_
_atom_type.symbol 
C 
N 
O 
S 
# 
loop_
_atom_site.group_PDB 
_atom_site.id 
_atom_site.type_symbol 
_atom_site.label_atom_id 
_atom_site.label_alt_id 
_atom_site.label_comp_id 
_atom_site.label_asym_id 
_atom_site.label_entity_id 
_atom_site.label_seq_id 
_atom_site.pdbx_PDB_ins_code 
_atom_site.Cartn_x 
_atom_site.Cartn_y 
_atom_site.Cartn_z 
_atom_site.occupancy 
_atom_site.B_iso_or_equiv 
_atom_site.pdbx_formal_charge 
_atom_site.auth_seq_id 
_atom_site.auth_comp_id 
_atom_site.auth_asym_id 
_atom_site.auth_atom_id 
_atom_site.pdbx_PDB_model_num 
ATOM   1    N N   . ALA A 1 1   ? 2.931   10.716  13.738  1.00 55.28 ? 5   ALA A N   1 
ATOM   2    C CA  . ALA A 1 1   ? 1.665   10.099  14.114  1.00 55.32 ? 5   ALA A CA  1 
ATOM   3    C C   . ALA A 1 1   ? 1.496   8.714   13.489  1.00 54.70 ? 5   ALA A C   1 
ATOM   4    O O   . ALA A 1 1   ? 0.543   7.996   13.801  1.00 56.85 ? 5   ALA A O   1 
ATOM   5    C CB  . ALA A 1 1   ? 0.504   11.004  13.721  1.00 53.96 ? 5   ALA A CB  1 
ATOM   6    N N   . GLY A 1 2   ? 2.413   8.358   12.593  1.00 52.92 ? 6   GLY A N   1 
ATOM   7    C CA  . GLY A 1 2   ? 2.360   7.062   11.940  1.00 51.22 ? 6   GLY A CA  1 
ATOM   8    C C   . GLY A 1 2   ? 3.174   6.022   12.686  1.00 47.73 ? 6   GLY A C   1 
ATOM   9    O O   . GLY A 1 2   ? 4.322   6.270   13.053  1.00 53.67 ? 6   GLY A O   1 
ATOM   10   N N   . ALA A 1 3   ? 2.583   4.851   12.899  1.00 43.12 ? 7   ALA A N   1 
ATOM   11   C CA  . ALA A 1 3   ? 3.252   3.770   13.614  1.00 39.29 ? 7   ALA A CA  1 
ATOM   12   C C   . ALA A 1 3   ? 4.281   3.025   12.764  1.00 36.50 ? 7   ALA A C   1 
ATOM   13   O O   . ALA A 1 3   ? 3.953   2.490   11.703  1.00 34.55 ? 7   ALA A O   1 
ATOM   14   C CB  . ALA A 1 3   ? 2.220   2.793   14.160  1.00 39.78 ? 7   ALA A CB  1 
ATOM   15   N N   . CYS A 1 4   ? 5.523   2.997   13.240  1.00 30.73 ? 8   CYS A N   1 
ATOM   16   C CA  . CYS A 1 4   ? 6.608   2.300   12.554  1.00 24.50 ? 8   CYS A CA  1 
ATOM   17   C C   . CYS A 1 4   ? 7.067   1.161   13.453  1.00 26.62 ? 8   CYS A C   1 
ATOM   18   O O   . CYS A 1 4   ? 7.769   1.386   14.442  1.00 28.48 ? 8   CYS A O   1 
ATOM   19   C CB  . CYS A 1 4   ? 7.785   3.245   12.292  1.00 28.17 ? 8   CYS A CB  1 
ATOM   20   S SG  . CYS A 1 4   ? 8.923   2.707   10.968  1.00 24.74 ? 8   CYS A SG  1 
ATOM   21   N N   . ILE A 1 5   ? 6.626   -0.052  13.141  1.00 24.35 ? 9   ILE A N   1 
ATOM   22   C CA  . ILE A 1 5   ? 6.998   -1.224  13.927  1.00 14.51 ? 9   ILE A CA  1 
ATOM   23   C C   . ILE A 1 5   ? 8.273   -1.874  13.400  1.00 14.13 ? 9   ILE A C   1 
ATOM   24   O O   . ILE A 1 5   ? 8.755   -1.530  12.316  1.00 14.81 ? 9   ILE A O   1 
ATOM   25   C CB  . ILE A 1 5   ? 5.862   -2.276  13.950  1.00 17.81 ? 9   ILE A CB  1 
ATOM   26   C CG1 . ILE A 1 5   ? 5.533   -2.737  12.525  1.00 15.30 ? 9   ILE A CG1 1 
ATOM   27   C CG2 . ILE A 1 5   ? 4.630   -1.700  14.635  1.00 13.96 ? 9   ILE A CG2 1 
ATOM   28   C CD1 . ILE A 1 5   ? 4.515   -3.856  12.462  1.00 16.54 ? 9   ILE A CD1 1 
ATOM   29   N N   . ASP A 1 6   ? 8.806   -2.821  14.167  1.00 16.99 ? 10  ASP A N   1 
ATOM   30   C CA  . ASP A 1 6   ? 10.023  -3.538  13.791  1.00 14.95 ? 10  ASP A CA  1 
ATOM   31   C C   . ASP A 1 6   ? 9.652   -4.321  12.527  1.00 18.64 ? 10  ASP A C   1 
ATOM   32   O O   . ASP A 1 6   ? 8.637   -5.044  12.512  1.00 15.34 ? 10  ASP A O   1 
ATOM   33   C CB  . ASP A 1 6   ? 10.484  -4.541  14.892  1.00 13.13 ? 10  ASP A CB  1 
ATOM   34   C CG  . ASP A 1 6   ? 11.105  -3.859  16.145  1.00 13.84 ? 10  ASP A CG  1 
ATOM   35   O OD1 . ASP A 1 6   ? 11.294  -2.644  16.179  1.00 14.22 ? 10  ASP A OD1 1 
ATOM   36   O OD2 . ASP A 1 6   ? 11.388  -4.557  17.131  1.00 15.31 ? 10  ASP A OD2 1 
ATOM   37   N N   . GLY A 1 7   ? 10.499  -4.227  11.510  1.00 16.67 ? 11  GLY A N   1 
ATOM   38   C CA  . GLY A 1 7   ? 10.263  -4.910  10.246  1.00 17.03 ? 11  GLY A CA  1 
ATOM   39   C C   . GLY A 1 7   ? 9.948   -6.387  10.364  1.00 19.07 ? 11  GLY A C   1 
ATOM   40   O O   . GLY A 1 7   ? 8.934   -6.860  9.833   1.00 21.62 ? 11  GLY A O   1 
ATOM   41   N N   . ALA A 1 8   ? 10.755  -7.094  11.149  1.00 15.22 ? 12  ALA A N   1 
ATOM   42   C CA  . ALA A 1 8   ? 10.595  -8.529  11.357  1.00 16.81 ? 12  ALA A CA  1 
ATOM   43   C C   . ALA A 1 8   ? 9.305   -8.903  12.070  1.00 18.97 ? 12  ALA A C   1 
ATOM   44   O O   . ALA A 1 8   ? 8.952   -10.060 12.129  1.00 19.01 ? 12  ALA A O   1 
ATOM   45   C CB  . ALA A 1 8   ? 11.793  -9.082  12.129  1.00 17.62 ? 12  ALA A CB  1 
ATOM   46   N N   . SER A 1 9   ? 8.623   -7.935  12.664  1.00 19.15 ? 13  SER A N   1 
ATOM   47   C CA  . SER A 1 9   ? 7.366   -8.232  13.352  1.00 21.38 ? 13  SER A CA  1 
ATOM   48   C C   . SER A 1 9   ? 6.108   -8.092  12.492  1.00 21.95 ? 13  SER A C   1 
ATOM   49   O O   . SER A 1 9   ? 5.011   -8.443  12.956  1.00 23.85 ? 13  SER A O   1 
ATOM   50   C CB  . SER A 1 9   ? 7.229   -7.350  14.591  1.00 20.87 ? 13  SER A CB  1 
ATOM   51   O OG  . SER A 1 9   ? 8.226   -7.706  15.528  1.00 23.20 ? 13  SER A OG  1 
ATOM   52   N N   . LEU A 1 10  ? 6.258   -7.563  11.269  1.00 17.71 ? 14  LEU A N   1 
ATOM   53   C CA  . LEU A 1 10  ? 5.120   -7.367  10.375  1.00 19.11 ? 14  LEU A CA  1 
ATOM   54   C C   . LEU A 1 10  ? 4.554   -8.735  10.022  1.00 17.69 ? 14  LEU A C   1 
ATOM   55   O O   . LEU A 1 10  ? 5.296   -9.612  9.554   1.00 16.13 ? 14  LEU A O   1 
ATOM   56   C CB  . LEU A 1 10  ? 5.548   -6.655  9.064   1.00 17.63 ? 14  LEU A CB  1 
ATOM   57   C CG  . LEU A 1 10  ? 4.420   -6.440  8.045   1.00 10.30 ? 14  LEU A CG  1 
ATOM   58   C CD1 . LEU A 1 10  ? 3.222   -5.896  8.775   1.00 13.86 ? 14  LEU A CD1 1 
ATOM   59   C CD2 . LEU A 1 10  ? 4.878   -5.478  6.972   1.00 11.90 ? 14  LEU A CD2 1 
ATOM   60   N N   . SER A 1 11  ? 3.259   -8.920  10.271  1.00 14.45 ? 15  SER A N   1 
ATOM   61   C CA  . SER A 1 11  ? 2.626   -10.183 9.958   1.00 14.44 ? 15  SER A CA  1 
ATOM   62   C C   . SER A 1 11  ? 1.175   -9.939  9.608   1.00 15.14 ? 15  SER A C   1 
ATOM   63   O O   . SER A 1 11  ? 0.661   -8.831  9.827   1.00 12.67 ? 15  SER A O   1 
ATOM   64   C CB  . SER A 1 11  ? 2.731   -11.158 11.149  1.00 14.21 ? 15  SER A CB  1 
ATOM   65   O OG  . SER A 1 11  ? 1.846   -10.786 12.182  1.00 14.79 ? 15  SER A OG  1 
ATOM   66   N N   . PHE A 1 12  ? 0.509   -10.990 9.109   1.00 17.89 ? 16  PHE A N   1 
ATOM   67   C CA  . PHE A 1 12  ? -0.895  -10.913 8.718   1.00 21.66 ? 16  PHE A CA  1 
ATOM   68   C C   . PHE A 1 12  ? -1.746  -10.576 9.904   1.00 18.66 ? 16  PHE A C   1 
ATOM   69   O O   . PHE A 1 12  ? -2.694  -9.817  9.779   1.00 22.17 ? 16  PHE A O   1 
ATOM   70   C CB  . PHE A 1 12  ? -1.398  -12.223 8.105   1.00 24.59 ? 16  PHE A CB  1 
ATOM   71   C CG  . PHE A 1 12  ? -0.756  -12.564 6.813   1.00 27.86 ? 16  PHE A CG  1 
ATOM   72   C CD1 . PHE A 1 12  ? -0.305  -11.555 5.962   1.00 28.76 ? 16  PHE A CD1 1 
ATOM   73   C CD2 . PHE A 1 12  ? -0.591  -13.896 6.430   1.00 31.75 ? 16  PHE A CD2 1 
ATOM   74   C CE1 . PHE A 1 12  ? 0.296   -11.871 4.748   1.00 29.52 ? 16  PHE A CE1 1 
ATOM   75   C CE2 . PHE A 1 12  ? 0.015   -14.219 5.209   1.00 27.33 ? 16  PHE A CE2 1 
ATOM   76   C CZ  . PHE A 1 12  ? 0.454   -13.212 4.378   1.00 27.78 ? 16  PHE A CZ  1 
ATOM   77   N N   . ASP A 1 13  ? -1.399  -11.132 11.056  1.00 19.18 ? 17  ASP A N   1 
ATOM   78   C CA  . ASP A 1 13  ? -2.138  -10.868 12.290  1.00 21.30 ? 17  ASP A CA  1 
ATOM   79   C C   . ASP A 1 13  ? -2.045  -9.434  12.757  1.00 18.95 ? 17  ASP A C   1 
ATOM   80   O O   . ASP A 1 13  ? -3.018  -8.888  13.279  1.00 13.25 ? 17  ASP A O   1 
ATOM   81   C CB  . ASP A 1 13  ? -1.713  -11.828 13.391  1.00 26.82 ? 17  ASP A CB  1 
ATOM   82   C CG  . ASP A 1 13  ? -2.500  -13.120 13.356  1.00 29.46 ? 17  ASP A CG  1 
ATOM   83   O OD1 . ASP A 1 13  ? -3.756  -13.054 13.368  1.00 31.86 ? 17  ASP A OD1 1 
ATOM   84   O OD2 . ASP A 1 13  ? -1.870  -14.203 13.313  1.00 34.29 ? 17  ASP A OD2 1 
ATOM   85   N N   . ILE A 1 14  ? -0.891  -8.809  12.544  1.00 21.11 ? 18  ILE A N   1 
ATOM   86   C CA  . ILE A 1 14  ? -0.711  -7.406  12.909  1.00 23.03 ? 18  ILE A CA  1 
ATOM   87   C C   . ILE A 1 14  ? -1.705  -6.571  12.086  1.00 18.45 ? 18  ILE A C   1 
ATOM   88   O O   . ILE A 1 14  ? -2.397  -5.691  12.609  1.00 18.97 ? 18  ILE A O   1 
ATOM   89   C CB  . ILE A 1 14  ? 0.743   -6.878  12.590  1.00 23.53 ? 18  ILE A CB  1 
ATOM   90   C CG1 . ILE A 1 14  ? 1.815   -7.636  13.392  1.00 25.15 ? 18  ILE A CG1 1 
ATOM   91   C CG2 . ILE A 1 14  ? 0.840   -5.380  12.877  1.00 18.78 ? 18  ILE A CG2 1 
ATOM   92   C CD1 . ILE A 1 14  ? 1.617   -7.631  14.903  1.00 26.24 ? 18  ILE A CD1 1 
ATOM   93   N N   . LEU A 1 15  ? -1.737  -6.838  10.785  1.00 16.82 ? 19  LEU A N   1 
ATOM   94   C CA  . LEU A 1 15  ? -2.629  -6.138  9.856   1.00 15.61 ? 19  LEU A CA  1 
ATOM   95   C C   . LEU A 1 15  ? -4.113  -6.389  10.156  1.00 14.41 ? 19  LEU A C   1 
ATOM   96   O O   . LEU A 1 15  ? -4.918  -5.459  10.148  1.00 18.36 ? 19  LEU A O   1 
ATOM   97   C CB  . LEU A 1 15  ? -2.270  -6.512  8.420   1.00 13.52 ? 19  LEU A CB  1 
ATOM   98   C CG  . LEU A 1 15  ? -0.862  -6.047  8.031   1.00 14.66 ? 19  LEU A CG  1 
ATOM   99   C CD1 . LEU A 1 15  ? -0.539  -6.397  6.592   1.00 16.16 ? 19  LEU A CD1 1 
ATOM   100  C CD2 . LEU A 1 15  ? -0.785  -4.536  8.221   1.00 12.14 ? 19  LEU A CD2 1 
ATOM   101  N N   . LYS A 1 16  ? -4.473  -7.617  10.505  1.00 12.51 ? 20  LYS A N   1 
ATOM   102  C CA  . LYS A 1 16  ? -5.865  -7.902  10.851  1.00 15.98 ? 20  LYS A CA  1 
ATOM   103  C C   . LYS A 1 16  ? -6.250  -7.086  12.076  1.00 19.28 ? 20  LYS A C   1 
ATOM   104  O O   . LYS A 1 16  ? -7.388  -6.598  12.177  1.00 18.91 ? 20  LYS A O   1 
ATOM   105  C CB  . LYS A 1 16  ? -6.061  -9.379  11.167  1.00 19.77 ? 20  LYS A CB  1 
ATOM   106  C CG  . LYS A 1 16  ? -6.474  -10.233 9.992   1.00 25.79 ? 20  LYS A CG  1 
ATOM   107  C CD  . LYS A 1 16  ? -6.031  -11.676 10.207  1.00 32.79 ? 20  LYS A CD  1 
ATOM   108  C CE  . LYS A 1 16  ? -6.253  -12.540 8.968   1.00 34.32 ? 20  LYS A CE  1 
ATOM   109  N NZ  . LYS A 1 16  ? -5.009  -12.684 8.138   1.00 34.58 ? 20  LYS A NZ  1 
ATOM   110  N N   . THR A 1 17  ? -5.317  -6.971  13.032  1.00 15.72 ? 21  THR A N   1 
ATOM   111  C CA  . THR A 1 17  ? -5.590  -6.207  14.251  1.00 17.55 ? 21  THR A CA  1 
ATOM   112  C C   . THR A 1 17  ? -5.764  -4.737  13.913  1.00 14.32 ? 21  THR A C   1 
ATOM   113  O O   . THR A 1 17  ? -6.620  -4.082  14.467  1.00 18.34 ? 21  THR A O   1 
ATOM   114  C CB  . THR A 1 17  ? -4.513  -6.462  15.344  1.00 21.36 ? 21  THR A CB  1 
ATOM   115  O OG1 . THR A 1 17  ? -4.440  -7.870  15.586  1.00 26.06 ? 21  THR A OG1 1 
ATOM   116  C CG2 . THR A 1 17  ? -4.886  -5.809  16.633  1.00 19.41 ? 21  THR A CG2 1 
ATOM   117  N N   . VAL A 1 18  ? -5.003  -4.244  12.948  1.00 15.89 ? 22  VAL A N   1 
ATOM   118  C CA  . VAL A 1 18  ? -5.149  -2.859  12.484  1.00 16.90 ? 22  VAL A CA  1 
ATOM   119  C C   . VAL A 1 18  ? -6.566  -2.667  11.869  1.00 16.29 ? 22  VAL A C   1 
ATOM   120  O O   . VAL A 1 18  ? -7.189  -1.626  12.059  1.00 8.31  ? 22  VAL A O   1 
ATOM   121  C CB  . VAL A 1 18  ? -4.060  -2.505  11.417  1.00 16.38 ? 22  VAL A CB  1 
ATOM   122  C CG1 . VAL A 1 18  ? -4.452  -1.222  10.621  1.00 18.79 ? 22  VAL A CG1 1 
ATOM   123  C CG2 . VAL A 1 18  ? -2.703  -2.301  12.091  1.00 18.30 ? 22  VAL A CG2 1 
ATOM   124  N N   . LEU A 1 19  ? -7.068  -3.678  11.156  1.00 19.89 ? 23  LEU A N   1 
ATOM   125  C CA  . LEU A 1 19  ? -8.404  -3.622  10.537  1.00 16.29 ? 23  LEU A CA  1 
ATOM   126  C C   . LEU A 1 19  ? -9.503  -3.465  11.585  1.00 14.78 ? 23  LEU A C   1 
ATOM   127  O O   . LEU A 1 19  ? -10.423 -2.640  11.413  1.00 15.91 ? 23  LEU A O   1 
ATOM   128  C CB  . LEU A 1 19  ? -8.682  -4.881  9.681   1.00 14.71 ? 23  LEU A CB  1 
ATOM   129  C CG  . LEU A 1 19  ? -8.218  -4.846  8.220   1.00 18.25 ? 23  LEU A CG  1 
ATOM   130  C CD1 . LEU A 1 19  ? -8.787  -6.042  7.405   1.00 18.43 ? 23  LEU A CD1 1 
ATOM   131  C CD2 . LEU A 1 19  ? -8.694  -3.561  7.597   1.00 17.15 ? 23  LEU A CD2 1 
ATOM   132  N N   . GLU A 1 20  ? -9.390  -4.236  12.671  1.00 15.45 ? 24  GLU A N   1 
ATOM   133  C CA  . GLU A 1 20  ? -10.345 -4.203  13.783  1.00 22.30 ? 24  GLU A CA  1 
ATOM   134  C C   . GLU A 1 20  ? -10.409 -2.809  14.418  1.00 16.94 ? 24  GLU A C   1 
ATOM   135  O O   . GLU A 1 20  ? -11.443 -2.407  14.943  1.00 16.69 ? 24  GLU A O   1 
ATOM   136  C CB  . GLU A 1 20  ? -9.934  -5.178  14.902  1.00 27.68 ? 24  GLU A CB  1 
ATOM   137  C CG  . GLU A 1 20  ? -9.782  -6.662  14.535  1.00 35.38 ? 24  GLU A CG  1 
ATOM   138  C CD  . GLU A 1 20  ? -8.914  -7.448  15.545  1.00 41.52 ? 24  GLU A CD  1 
ATOM   139  O OE1 . GLU A 1 20  ? -8.849  -7.067  16.754  1.00 40.06 ? 24  GLU A OE1 1 
ATOM   140  O OE2 . GLU A 1 20  ? -8.294  -8.453  15.117  1.00 44.24 ? 24  GLU A OE2 1 
ATOM   141  N N   . ALA A 1 21  ? -9.275  -2.113  14.460  1.00 15.93 ? 25  ALA A N   1 
ATOM   142  C CA  . ALA A 1 21  ? -9.231  -0.789  15.063  1.00 19.98 ? 25  ALA A CA  1 
ATOM   143  C C   . ALA A 1 21  ? -10.057 0.222   14.285  1.00 22.02 ? 25  ALA A C   1 
ATOM   144  O O   . ALA A 1 21  ? -10.491 1.219   14.844  1.00 23.69 ? 25  ALA A O   1 
ATOM   145  C CB  . ALA A 1 21  ? -7.778  -0.308  15.216  1.00 15.50 ? 25  ALA A CB  1 
ATOM   146  N N   . LEU A 1 22  ? -10.222 0.002   12.984  1.00 22.59 ? 26  LEU A N   1 
ATOM   147  C CA  . LEU A 1 22  ? -11.048 0.895   12.158  1.00 23.09 ? 26  LEU A CA  1 
ATOM   148  C C   . LEU A 1 22  ? -12.506 0.547   12.390  1.00 29.00 ? 26  LEU A C   1 
ATOM   149  O O   . LEU A 1 22  ? -12.826 -0.529  12.889  1.00 36.31 ? 26  LEU A O   1 
ATOM   150  C CB  . LEU A 1 22  ? -10.716 0.737   10.663  1.00 18.42 ? 26  LEU A CB  1 
ATOM   151  C CG  . LEU A 1 22  ? -9.310  1.166   10.228  1.00 20.28 ? 26  LEU A CG  1 
ATOM   152  C CD1 . LEU A 1 22  ? -9.002  0.853   8.749   1.00 20.44 ? 26  LEU A CD1 1 
ATOM   153  C CD2 . LEU A 1 22  ? -9.182  2.637   10.509  1.00 13.82 ? 26  LEU A CD2 1 
ATOM   154  N N   . GLY A 1 23  ? -13.395 1.474   12.051  1.00 21.69 ? 27  GLY A N   1 
ATOM   155  C CA  . GLY A 1 23  ? -14.823 1.237   12.190  1.00 26.65 ? 27  GLY A CA  1 
ATOM   156  C C   . GLY A 1 23  ? -15.274 0.026   11.400  1.00 25.53 ? 27  GLY A C   1 
ATOM   157  O O   . GLY A 1 23  ? -14.532 -0.489  10.567  1.00 24.47 ? 27  GLY A O   1 
ATOM   158  N N   . ASN A 1 24  ? -16.480 -0.451  11.689  1.00 30.52 ? 28  ASN A N   1 
ATOM   159  C CA  . ASN A 1 24  ? -17.044 -1.610  11.013  1.00 31.98 ? 28  ASN A CA  1 
ATOM   160  C C   . ASN A 1 24  ? -17.748 -1.199  9.722   1.00 30.16 ? 28  ASN A C   1 
ATOM   161  O O   . ASN A 1 24  ? -18.973 -1.084  9.677   1.00 38.00 ? 28  ASN A O   1 
ATOM   162  C CB  . ASN A 1 24  ? -18.014 -2.343  11.942  1.00 36.85 ? 28  ASN A CB  1 
ATOM   163  C CG  . ASN A 1 24  ? -18.377 -3.738  11.432  1.00 40.99 ? 28  ASN A CG  1 
ATOM   164  O OD1 . ASN A 1 24  ? -17.548 -4.428  10.836  1.00 43.53 ? 28  ASN A OD1 1 
ATOM   165  N ND2 . ASN A 1 24  ? -19.619 -4.157  11.668  1.00 43.93 ? 28  ASN A ND2 1 
ATOM   166  N N   . VAL A 1 25  ? -16.946 -0.974  8.687   1.00 27.22 ? 29  VAL A N   1 
ATOM   167  C CA  . VAL A 1 25  ? -17.412 -0.570  7.365   1.00 24.42 ? 29  VAL A CA  1 
ATOM   168  C C   . VAL A 1 25  ? -17.226 -1.732  6.396   1.00 20.76 ? 29  VAL A C   1 
ATOM   169  O O   . VAL A 1 25  ? -16.366 -2.586  6.602   1.00 24.58 ? 29  VAL A O   1 
ATOM   170  C CB  . VAL A 1 25  ? -16.613 0.659   6.825   1.00 29.54 ? 29  VAL A CB  1 
ATOM   171  C CG1 . VAL A 1 25  ? -17.166 1.950   7.411   1.00 26.57 ? 29  VAL A CG1 1 
ATOM   172  C CG2 . VAL A 1 25  ? -15.114 0.526   7.138   1.00 20.76 ? 29  VAL A CG2 1 
ATOM   173  N N   . LYS A 1 26  ? -18.008 -1.755  5.318   1.00 21.20 ? 30  LYS A N   1 
ATOM   174  C CA  . LYS A 1 26  ? -17.920 -2.854  4.344   1.00 15.55 ? 30  LYS A CA  1 
ATOM   175  C C   . LYS A 1 26  ? -16.577 -2.947  3.625   1.00 13.00 ? 30  LYS A C   1 
ATOM   176  O O   . LYS A 1 26  ? -16.144 -4.044  3.303   1.00 15.71 ? 30  LYS A O   1 
ATOM   177  C CB  . LYS A 1 26  ? -19.038 -2.778  3.297   1.00 24.09 ? 30  LYS A CB  1 
ATOM   178  C CG  . LYS A 1 26  ? -20.474 -2.839  3.840   1.00 25.03 ? 30  LYS A CG  1 
ATOM   179  C CD  . LYS A 1 26  ? -21.465 -3.262  2.747   1.00 29.69 ? 30  LYS A CD  1 
ATOM   180  C CE  . LYS A 1 26  ? -22.843 -2.657  2.969   1.00 32.54 ? 30  LYS A CE  1 
ATOM   181  N NZ  . LYS A 1 26  ? -23.701 -3.445  3.912   1.00 32.29 ? 30  LYS A NZ  1 
ATOM   182  N N   . ARG A 1 27  ? -15.927 -1.813  3.354   1.00 12.32 ? 31  ARG A N   1 
ATOM   183  C CA  . ARG A 1 27  ? -14.644 -1.828  2.647   1.00 15.03 ? 31  ARG A CA  1 
ATOM   184  C C   . ARG A 1 27  ? -13.546 -1.030  3.362   1.00 15.72 ? 31  ARG A C   1 
ATOM   185  O O   . ARG A 1 27  ? -13.677 0.176   3.593   1.00 15.69 ? 31  ARG A O   1 
ATOM   186  C CB  . ARG A 1 27  ? -14.785 -1.268  1.218   1.00 16.36 ? 31  ARG A CB  1 
ATOM   187  C CG  . ARG A 1 27  ? -15.769 -2.023  0.304   1.00 14.99 ? 31  ARG A CG  1 
ATOM   188  C CD  . ARG A 1 27  ? -15.313 -3.443  -0.013  1.00 17.86 ? 31  ARG A CD  1 
ATOM   189  N NE  . ARG A 1 27  ? -16.360 -4.133  -0.763  1.00 20.14 ? 31  ARG A NE  1 
ATOM   190  C CZ  . ARG A 1 27  ? -17.231 -4.997  -0.247  1.00 19.29 ? 31  ARG A CZ  1 
ATOM   191  N NH1 . ARG A 1 27  ? -17.190 -5.310  1.042   1.00 18.20 ? 31  ARG A NH1 1 
ATOM   192  N NH2 . ARG A 1 27  ? -18.192 -5.495  -1.019  1.00 22.82 ? 31  ARG A NH2 1 
ATOM   193  N N   . LYS A 1 28  ? -12.439 -1.696  3.658   1.00 12.52 ? 32  LYS A N   1 
ATOM   194  C CA  . LYS A 1 28  ? -11.327 -1.055  4.337   1.00 11.97 ? 32  LYS A CA  1 
ATOM   195  C C   . LYS A 1 28  ? -10.100 -1.864  4.098   1.00 13.55 ? 32  LYS A C   1 
ATOM   196  O O   . LYS A 1 28  ? -10.181 -2.996  3.697   1.00 15.48 ? 32  LYS A O   1 
ATOM   197  C CB  . LYS A 1 28  ? -11.591 -0.931  5.841   1.00 12.91 ? 32  LYS A CB  1 
ATOM   198  C CG  . LYS A 1 28  ? -11.967 -2.229  6.543   1.00 11.48 ? 32  LYS A CG  1 
ATOM   199  C CD  . LYS A 1 28  ? -12.500 -1.905  7.918   1.00 11.28 ? 32  LYS A CD  1 
ATOM   200  C CE  . LYS A 1 28  ? -12.683 -3.114  8.837   1.00 15.71 ? 32  LYS A CE  1 
ATOM   201  N NZ  . LYS A 1 28  ? -12.969 -2.652  10.257  1.00 16.52 ? 32  LYS A NZ  1 
ATOM   202  N N   . ILE A 1 29  ? -8.949  -1.271  4.339   1.00 14.47 ? 33  ILE A N   1 
ATOM   203  C CA  . ILE A 1 29  ? -7.713  -1.993  4.115   1.00 12.93 ? 33  ILE A CA  1 
ATOM   204  C C   . ILE A 1 29  ? -6.641  -1.643  5.155   1.00 10.12 ? 33  ILE A C   1 
ATOM   205  O O   . ILE A 1 29  ? -6.585  -0.513  5.635   1.00 12.99 ? 33  ILE A O   1 
ATOM   206  C CB  . ILE A 1 29  ? -7.202  -1.726  2.673   1.00 11.93 ? 33  ILE A CB  1 
ATOM   207  C CG1 . ILE A 1 29  ? -5.963  -2.567  2.376   1.00 6.27  ? 33  ILE A CG1 1 
ATOM   208  C CG2 . ILE A 1 29  ? -6.912  -0.247  2.464   1.00 9.22  ? 33  ILE A CG2 1 
ATOM   209  C CD1 . ILE A 1 29  ? -5.472  -2.416  0.944   1.00 10.17 ? 33  ILE A CD1 1 
ATOM   210  N N   . ALA A 1 30  ? -5.839  -2.637  5.526   1.00 12.27 ? 34  ALA A N   1 
ATOM   211  C CA  . ALA A 1 30  ? -4.705  -2.455  6.447   1.00 11.39 ? 34  ALA A CA  1 
ATOM   212  C C   . ALA A 1 30  ? -3.481  -2.709  5.599   1.00 10.13 ? 34  ALA A C   1 
ATOM   213  O O   . ALA A 1 30  ? -3.410  -3.732  4.950   1.00 12.85 ? 34  ALA A O   1 
ATOM   214  C CB  . ALA A 1 30  ? -4.772  -3.453  7.564   1.00 10.15 ? 34  ALA A CB  1 
ATOM   215  N N   . VAL A 1 31  ? -2.532  -1.769  5.563   1.00 9.12  ? 35  VAL A N   1 
ATOM   216  C CA  . VAL A 1 31  ? -1.328  -1.920  4.734   1.00 10.08 ? 35  VAL A CA  1 
ATOM   217  C C   . VAL A 1 31  ? -0.034  -1.998  5.580   1.00 10.88 ? 35  VAL A C   1 
ATOM   218  O O   . VAL A 1 31  ? 0.197   -1.161  6.448   1.00 16.70 ? 35  VAL A O   1 
ATOM   219  C CB  . VAL A 1 31  ? -1.169  -0.704  3.740   1.00 15.60 ? 35  VAL A CB  1 
ATOM   220  C CG1 . VAL A 1 31  ? 0.043   -0.911  2.816   1.00 12.31 ? 35  VAL A CG1 1 
ATOM   221  C CG2 . VAL A 1 31  ? -2.455  -0.506  2.904   1.00 14.96 ? 35  VAL A CG2 1 
ATOM   222  N N   . GLY A 1 32  ? 0.837   -2.950  5.281   1.00 11.16 ? 36  GLY A N   1 
ATOM   223  C CA  . GLY A 1 32  ? 2.083   -3.058  6.033   1.00 7.83  ? 36  GLY A CA  1 
ATOM   224  C C   . GLY A 1 32  ? 3.219   -3.057  5.043   1.00 11.25 ? 36  GLY A C   1 
ATOM   225  O O   . GLY A 1 32  ? 3.203   -3.881  4.126   1.00 9.31  ? 36  GLY A O   1 
ATOM   226  N N   . VAL A 1 33  ? 4.147   -2.099  5.140   1.00 12.77 ? 37  VAL A N   1 
ATOM   227  C CA  . VAL A 1 33  ? 5.277   -2.098  4.200   1.00 9.91  ? 37  VAL A CA  1 
ATOM   228  C C   . VAL A 1 33  ? 6.601   -2.180  4.939   1.00 14.18 ? 37  VAL A C   1 
ATOM   229  O O   . VAL A 1 33  ? 7.026   -1.226  5.623   1.00 14.88 ? 37  VAL A O   1 
ATOM   230  C CB  . VAL A 1 33  ? 5.286   -0.871  3.223   1.00 13.83 ? 37  VAL A CB  1 
ATOM   231  C CG1 . VAL A 1 33  ? 6.311   -1.093  2.091   1.00 8.27  ? 37  VAL A CG1 1 
ATOM   232  C CG2 . VAL A 1 33  ? 3.911   -0.664  2.621   1.00 10.33 ? 37  VAL A CG2 1 
ATOM   233  N N   . ASP A 1 34  ? 7.263   -3.317  4.755   1.00 13.16 ? 38  ASP A N   1 
ATOM   234  C CA  . ASP A 1 34  ? 8.521   -3.600  5.402   1.00 14.25 ? 38  ASP A CA  1 
ATOM   235  C C   . ASP A 1 34  ? 9.731   -3.071  4.619   1.00 14.04 ? 38  ASP A C   1 
ATOM   236  O O   . ASP A 1 34  ? 10.006  -3.511  3.508   1.00 16.08 ? 38  ASP A O   1 
ATOM   237  C CB  . ASP A 1 34  ? 8.612   -5.104  5.696   1.00 13.79 ? 38  ASP A CB  1 
ATOM   238  C CG  . ASP A 1 34  ? 9.967   -5.515  6.258   1.00 16.20 ? 38  ASP A CG  1 
ATOM   239  O OD1 . ASP A 1 34  ? 10.576  -4.665  6.915   1.00 11.44 ? 38  ASP A OD1 1 
ATOM   240  O OD2 . ASP A 1 34  ? 10.430  -6.662  6.022   1.00 13.62 ? 38  ASP A OD2 1 
ATOM   241  N N   . ASN A 1 35  ? 10.436  -2.104  5.207   1.00 13.68 ? 39  ASN A N   1 
ATOM   242  C CA  . ASN A 1 35  ? 11.610  -1.511  4.560   1.00 16.18 ? 39  ASN A CA  1 
ATOM   243  C C   . ASN A 1 35  ? 12.915  -2.200  4.938   1.00 19.54 ? 39  ASN A C   1 
ATOM   244  O O   . ASN A 1 35  ? 13.482  -1.915  5.992   1.00 20.41 ? 39  ASN A O   1 
ATOM   245  C CB  . ASN A 1 35  ? 11.738  -0.015  4.901   1.00 7.61  ? 39  ASN A CB  1 
ATOM   246  C CG  . ASN A 1 35  ? 12.970  0.617   4.298   1.00 11.56 ? 39  ASN A CG  1 
ATOM   247  O OD1 . ASN A 1 35  ? 13.685  -0.011  3.527   1.00 13.95 ? 39  ASN A OD1 1 
ATOM   248  N ND2 . ASN A 1 35  ? 13.204  1.884   4.606   1.00 13.02 ? 39  ASN A ND2 1 
ATOM   249  N N   . GLU A 1 36  ? 13.409  -3.055  4.049   1.00 18.60 ? 40  GLU A N   1 
ATOM   250  C CA  . GLU A 1 36  ? 14.683  -3.732  4.234   1.00 17.31 ? 40  GLU A CA  1 
ATOM   251  C C   . GLU A 1 36  ? 15.539  -3.365  3.012   1.00 18.68 ? 40  GLU A C   1 
ATOM   252  O O   . GLU A 1 36  ? 16.401  -4.141  2.591   1.00 22.10 ? 40  GLU A O   1 
ATOM   253  C CB  . GLU A 1 36  ? 14.500  -5.252  4.306   1.00 17.08 ? 40  GLU A CB  1 
ATOM   254  C CG  . GLU A 1 36  ? 13.495  -5.714  5.362   1.00 18.56 ? 40  GLU A CG  1 
ATOM   255  C CD  . GLU A 1 36  ? 13.887  -5.339  6.807   1.00 18.35 ? 40  GLU A CD  1 
ATOM   256  O OE1 . GLU A 1 36  ? 15.082  -5.168  7.088   1.00 22.33 ? 40  GLU A OE1 1 
ATOM   257  O OE2 . GLU A 1 36  ? 13.003  -5.222  7.664   1.00 15.76 ? 40  GLU A OE2 1 
ATOM   258  N N   . SER A 1 37  ? 15.285  -2.185  2.440   1.00 17.91 ? 41  SER A N   1 
ATOM   259  C CA  . SER A 1 37  ? 16.023  -1.710  1.264   1.00 19.13 ? 41  SER A CA  1 
ATOM   260  C C   . SER A 1 37  ? 17.420  -1.149  1.559   1.00 20.60 ? 41  SER A C   1 
ATOM   261  O O   . SER A 1 37  ? 18.147  -0.784  0.645   1.00 23.40 ? 41  SER A O   1 
ATOM   262  C CB  . SER A 1 37  ? 15.228  -0.618  0.560   1.00 17.17 ? 41  SER A CB  1 
ATOM   263  O OG  . SER A 1 37  ? 15.300  0.598   1.298   1.00 18.67 ? 41  SER A OG  1 
ATOM   264  N N   . GLY A 1 38  ? 17.775  -1.025  2.828   1.00 21.26 ? 42  GLY A N   1 
ATOM   265  C CA  . GLY A 1 38  ? 19.071  -0.475  3.180   1.00 20.02 ? 42  GLY A CA  1 
ATOM   266  C C   . GLY A 1 38  ? 19.085  1.040   3.174   1.00 22.81 ? 42  GLY A C   1 
ATOM   267  O O   . GLY A 1 38  ? 20.107  1.648   3.452   1.00 28.09 ? 42  GLY A O   1 
ATOM   268  N N   . LYS A 1 39  ? 17.962  1.659   2.820   1.00 26.10 ? 43  LYS A N   1 
ATOM   269  C CA  . LYS A 1 39  ? 17.887  3.107   2.792   1.00 21.36 ? 43  LYS A CA  1 
ATOM   270  C C   . LYS A 1 39  ? 16.624  3.626   3.423   1.00 21.77 ? 43  LYS A C   1 
ATOM   271  O O   . LYS A 1 39  ? 15.600  2.943   3.451   1.00 24.42 ? 43  LYS A O   1 
ATOM   272  C CB  . LYS A 1 39  ? 18.076  3.666   1.373   1.00 28.82 ? 43  LYS A CB  1 
ATOM   273  C CG  . LYS A 1 39  ? 17.211  3.072   0.293   1.00 31.45 ? 43  LYS A CG  1 
ATOM   274  C CD  . LYS A 1 39  ? 17.767  3.411   -1.097  1.00 33.83 ? 43  LYS A CD  1 
ATOM   275  C CE  . LYS A 1 39  ? 18.721  2.343   -1.603  1.00 34.57 ? 43  LYS A CE  1 
ATOM   276  N NZ  . LYS A 1 39  ? 19.952  2.958   -2.159  1.00 38.82 ? 43  LYS A NZ  1 
ATOM   277  N N   . THR A 1 40  ? 16.741  4.811   4.008   1.00 22.20 ? 44  THR A N   1 
ATOM   278  C CA  . THR A 1 40  ? 15.644  5.479   4.676   1.00 20.24 ? 44  THR A CA  1 
ATOM   279  C C   . THR A 1 40  ? 14.691  6.097   3.661   1.00 20.00 ? 44  THR A C   1 
ATOM   280  O O   . THR A 1 40  ? 15.125  6.584   2.601   1.00 16.35 ? 44  THR A O   1 
ATOM   281  C CB  . THR A 1 40  ? 16.185  6.571   5.611   1.00 23.57 ? 44  THR A CB  1 
ATOM   282  O OG1 . THR A 1 40  ? 17.196  5.998   6.467   1.00 30.63 ? 44  THR A OG1 1 
ATOM   283  C CG2 . THR A 1 40  ? 15.054  7.180   6.471   1.00 19.19 ? 44  THR A CG2 1 
ATOM   284  N N   . TRP A 1 41  ? 13.395  6.044   4.001   1.00 19.59 ? 45  TRP A N   1 
ATOM   285  C CA  . TRP A 1 41  ? 12.308  6.575   3.185   1.00 16.96 ? 45  TRP A CA  1 
ATOM   286  C C   . TRP A 1 41  ? 11.685  7.724   3.965   1.00 19.94 ? 45  TRP A C   1 
ATOM   287  O O   . TRP A 1 41  ? 11.511  7.623   5.171   1.00 22.56 ? 45  TRP A O   1 
ATOM   288  C CB  . TRP A 1 41  ? 11.198  5.513   2.964   1.00 13.63 ? 45  TRP A CB  1 
ATOM   289  C CG  . TRP A 1 41  ? 11.611  4.195   2.327   1.00 15.90 ? 45  TRP A CG  1 
ATOM   290  C CD1 . TRP A 1 41  ? 12.803  3.903   1.716   1.00 14.26 ? 45  TRP A CD1 1 
ATOM   291  C CD2 . TRP A 1 41  ? 10.812  2.994   2.240   1.00 14.64 ? 45  TRP A CD2 1 
ATOM   292  N NE1 . TRP A 1 41  ? 12.793  2.590   1.258   1.00 17.17 ? 45  TRP A NE1 1 
ATOM   293  C CE2 . TRP A 1 41  ? 11.585  2.019   1.564   1.00 11.34 ? 45  TRP A CE2 1 
ATOM   294  C CE3 . TRP A 1 41  ? 9.512   2.653   2.662   1.00 11.49 ? 45  TRP A CE3 1 
ATOM   295  C CZ2 . TRP A 1 41  ? 11.102  0.729   1.305   1.00 13.58 ? 45  TRP A CZ2 1 
ATOM   296  C CZ3 . TRP A 1 41  ? 9.038   1.365   2.404   1.00 14.25 ? 45  TRP A CZ3 1 
ATOM   297  C CH2 . TRP A 1 41  ? 9.829   0.424   1.734   1.00 13.01 ? 45  TRP A CH2 1 
ATOM   298  N N   . THR A 1 42  ? 11.281  8.768   3.256   1.00 16.28 ? 46  THR A N   1 
ATOM   299  C CA  . THR A 1 42  ? 10.638  9.948   3.823   1.00 17.84 ? 46  THR A CA  1 
ATOM   300  C C   . THR A 1 42  ? 9.292   10.075  3.084   1.00 18.87 ? 46  THR A C   1 
ATOM   301  O O   . THR A 1 42  ? 9.279   10.130  1.852   1.00 17.17 ? 46  THR A O   1 
ATOM   302  C CB  . THR A 1 42  ? 11.497  11.204  3.523   1.00 18.73 ? 46  THR A CB  1 
ATOM   303  O OG1 . THR A 1 42  ? 12.843  10.939  3.923   1.00 21.73 ? 46  THR A OG1 1 
ATOM   304  C CG2 . THR A 1 42  ? 10.973  12.444  4.260   1.00 15.78 ? 46  THR A CG2 1 
ATOM   305  N N   . ALA A 1 43  ? 8.184   10.128  3.825   1.00 14.41 ? 47  ALA A N   1 
ATOM   306  C CA  . ALA A 1 43  ? 6.849   10.222  3.232   1.00 16.42 ? 47  ALA A CA  1 
ATOM   307  C C   . ALA A 1 43  ? 6.705   11.360  2.247   1.00 16.15 ? 47  ALA A C   1 
ATOM   308  O O   . ALA A 1 43  ? 7.141   12.459  2.516   1.00 16.07 ? 47  ALA A O   1 
ATOM   309  C CB  . ALA A 1 43  ? 5.808   10.366  4.291   1.00 6.56  ? 47  ALA A CB  1 
ATOM   310  N N   . LEU A 1 44  ? 6.071   11.090  1.109   1.00 14.95 ? 48  LEU A N   1 
ATOM   311  C CA  . LEU A 1 44  ? 5.852   12.125  0.103   1.00 17.09 ? 48  LEU A CA  1 
ATOM   312  C C   . LEU A 1 44  ? 4.415   12.572  0.278   1.00 19.45 ? 48  LEU A C   1 
ATOM   313  O O   . LEU A 1 44  ? 4.154   13.571  0.948   1.00 22.99 ? 48  LEU A O   1 
ATOM   314  C CB  . LEU A 1 44  ? 6.115   11.567  -1.297  1.00 17.48 ? 48  LEU A CB  1 
ATOM   315  C CG  . LEU A 1 44  ? 6.678   12.486  -2.379  1.00 18.57 ? 48  LEU A CG  1 
ATOM   316  C CD1 . LEU A 1 44  ? 7.798   13.437  -1.868  1.00 14.91 ? 48  LEU A CD1 1 
ATOM   317  C CD2 . LEU A 1 44  ? 7.196   11.605  -3.485  1.00 20.42 ? 48  LEU A CD2 1 
ATOM   318  N N   . ASN A 1 45  ? 3.472   11.790  -0.228  1.00 19.00 ? 49  ASN A N   1 
ATOM   319  C CA  . ASN A 1 45  ? 2.047   12.133  -0.096  1.00 22.59 ? 49  ASN A CA  1 
ATOM   320  C C   . ASN A 1 45  ? 1.236   10.911  -0.442  1.00 18.95 ? 49  ASN A C   1 
ATOM   321  O O   . ASN A 1 45  ? 1.796   9.851   -0.702  1.00 19.78 ? 49  ASN A O   1 
ATOM   322  C CB  . ASN A 1 45  ? 1.634   13.280  -1.042  1.00 17.28 ? 49  ASN A CB  1 
ATOM   323  C CG  . ASN A 1 45  ? 1.581   12.840  -2.501  1.00 18.96 ? 49  ASN A CG  1 
ATOM   324  O OD1 . ASN A 1 45  ? 2.439   12.071  -2.960  1.00 18.82 ? 49  ASN A OD1 1 
ATOM   325  N ND2 . ASN A 1 45  ? 0.557   13.292  -3.226  1.00 17.86 ? 49  ASN A ND2 1 
ATOM   326  N N   . THR A 1 46  ? -0.085  11.064  -0.384  1.00 21.49 ? 50  THR A N   1 
ATOM   327  C CA  . THR A 1 46  ? -1.028  10.019  -0.715  1.00 19.91 ? 50  THR A CA  1 
ATOM   328  C C   . THR A 1 46  ? -2.035  10.596  -1.719  1.00 21.45 ? 50  THR A C   1 
ATOM   329  O O   . THR A 1 46  ? -2.212  11.803  -1.831  1.00 23.69 ? 50  THR A O   1 
ATOM   330  C CB  . THR A 1 46  ? -1.830  9.542   0.534   1.00 25.08 ? 50  THR A CB  1 
ATOM   331  O OG1 . THR A 1 46  ? -2.299  10.679  1.272   1.00 28.81 ? 50  THR A OG1 1 
ATOM   332  C CG2 . THR A 1 46  ? -0.990  8.660   1.437   1.00 24.11 ? 50  THR A CG2 1 
ATOM   333  N N   . TYR A 1 47  ? -2.654  9.726   -2.484  1.00 20.61 ? 51  TYR A N   1 
ATOM   334  C CA  . TYR A 1 47  ? -3.665  10.134  -3.446  1.00 21.08 ? 51  TYR A CA  1 
ATOM   335  C C   . TYR A 1 47  ? -4.734  9.059   -3.356  1.00 16.61 ? 51  TYR A C   1 
ATOM   336  O O   . TYR A 1 47  ? -4.434  7.874   -3.529  1.00 14.94 ? 51  TYR A O   1 
ATOM   337  C CB  . TYR A 1 47  ? -3.109  10.179  -4.886  1.00 20.50 ? 51  TYR A CB  1 
ATOM   338  C CG  . TYR A 1 47  ? -4.224  10.247  -5.929  1.00 21.10 ? 51  TYR A CG  1 
ATOM   339  C CD1 . TYR A 1 47  ? -4.901  11.450  -6.178  1.00 19.51 ? 51  TYR A CD1 1 
ATOM   340  C CD2 . TYR A 1 47  ? -4.670  9.089   -6.573  1.00 20.73 ? 51  TYR A CD2 1 
ATOM   341  C CE1 . TYR A 1 47  ? -5.993  11.502  -7.024  1.00 19.20 ? 51  TYR A CE1 1 
ATOM   342  C CE2 . TYR A 1 47  ? -5.776  9.122   -7.434  1.00 19.45 ? 51  TYR A CE2 1 
ATOM   343  C CZ  . TYR A 1 47  ? -6.426  10.336  -7.655  1.00 23.91 ? 51  TYR A CZ  1 
ATOM   344  O OH  . TYR A 1 47  ? -7.469  10.390  -8.550  1.00 28.99 ? 51  TYR A OH  1 
ATOM   345  N N   . PHE A 1 48  ? -5.945  9.487   -3.035  1.00 12.79 ? 52  PHE A N   1 
ATOM   346  C CA  . PHE A 1 48  ? -7.107  8.630   -2.910  1.00 17.65 ? 52  PHE A CA  1 
ATOM   347  C C   . PHE A 1 48  ? -8.075  8.950   -4.032  1.00 16.24 ? 52  PHE A C   1 
ATOM   348  O O   . PHE A 1 48  ? -8.552  10.089  -4.133  1.00 15.12 ? 52  PHE A O   1 
ATOM   349  C CB  . PHE A 1 48  ? -7.839  8.890   -1.583  1.00 16.72 ? 52  PHE A CB  1 
ATOM   350  C CG  . PHE A 1 48  ? -7.299  8.107   -0.432  1.00 20.54 ? 52  PHE A CG  1 
ATOM   351  C CD1 . PHE A 1 48  ? -6.261  8.617   0.329   1.00 21.50 ? 52  PHE A CD1 1 
ATOM   352  C CD2 . PHE A 1 48  ? -7.790  6.836   -0.144  1.00 18.66 ? 52  PHE A CD2 1 
ATOM   353  C CE1 . PHE A 1 48  ? -5.711  7.878   1.349   1.00 22.05 ? 52  PHE A CE1 1 
ATOM   354  C CE2 . PHE A 1 48  ? -7.250  6.080   0.881   1.00 21.10 ? 52  PHE A CE2 1 
ATOM   355  C CZ  . PHE A 1 48  ? -6.201  6.599   1.632   1.00 24.44 ? 52  PHE A CZ  1 
ATOM   356  N N   . ARG A 1 49  ? -8.342  7.954   -4.873  1.00 16.46 ? 53  ARG A N   1 
ATOM   357  C CA  . ARG A 1 49  ? -9.309  8.099   -5.947  1.00 22.49 ? 53  ARG A CA  1 
ATOM   358  C C   . ARG A 1 49  ? -10.678 7.909   -5.300  1.00 18.42 ? 53  ARG A C   1 
ATOM   359  O O   . ARG A 1 49  ? -11.619 8.617   -5.618  1.00 18.64 ? 53  ARG A O   1 
ATOM   360  C CB  . ARG A 1 49  ? -9.091  7.047   -7.037  1.00 25.94 ? 53  ARG A CB  1 
ATOM   361  C CG  . ARG A 1 49  ? -9.798  7.392   -8.340  1.00 30.74 ? 53  ARG A CG  1 
ATOM   362  C CD  . ARG A 1 49  ? -10.209 6.175   -9.114  1.00 37.05 ? 53  ARG A CD  1 
ATOM   363  N NE  . ARG A 1 49  ? -11.031 5.263   -8.324  1.00 40.61 ? 53  ARG A NE  1 
ATOM   364  C CZ  . ARG A 1 49  ? -11.671 4.208   -8.828  1.00 40.99 ? 53  ARG A CZ  1 
ATOM   365  N NH1 . ARG A 1 49  ? -11.589 3.934   -10.128 1.00 42.24 ? 53  ARG A NH1 1 
ATOM   366  N NH2 . ARG A 1 49  ? -12.364 3.415   -8.025  1.00 38.96 ? 53  ARG A NH2 1 
ATOM   367  N N   . SER A 1 50  ? -10.780 6.942   -4.398  1.00 17.26 ? 54  SER A N   1 
ATOM   368  C CA  . SER A 1 50  ? -12.011 6.680   -3.666  1.00 14.92 ? 54  SER A CA  1 
ATOM   369  C C   . SER A 1 50  ? -11.655 6.419   -2.211  1.00 15.38 ? 54  SER A C   1 
ATOM   370  O O   . SER A 1 50  ? -10.633 5.804   -1.918  1.00 16.32 ? 54  SER A O   1 
ATOM   371  C CB  . SER A 1 50  ? -12.735 5.438   -4.199  1.00 19.89 ? 54  SER A CB  1 
ATOM   372  O OG  . SER A 1 50  ? -13.019 5.550   -5.577  1.00 24.70 ? 54  SER A OG  1 
ATOM   373  N N   . GLY A 1 51  ? -12.579 6.728   -1.325  1.00 15.23 ? 55  GLY A N   1 
ATOM   374  C CA  . GLY A 1 51  ? -12.358 6.500   0.089   1.00 16.96 ? 55  GLY A CA  1 
ATOM   375  C C   . GLY A 1 51  ? -11.416 7.530   0.695   1.00 17.63 ? 55  GLY A C   1 
ATOM   376  O O   . GLY A 1 51  ? -10.972 8.485   0.037   1.00 13.54 ? 55  GLY A O   1 
ATOM   377  N N   . THR A 1 52  ? -11.058 7.289   1.943   1.00 20.56 ? 56  THR A N   1 
ATOM   378  C CA  . THR A 1 52  ? -10.175 8.179   2.681   1.00 21.60 ? 56  THR A CA  1 
ATOM   379  C C   . THR A 1 52  ? -9.430  7.407   3.786   1.00 22.35 ? 56  THR A C   1 
ATOM   380  O O   . THR A 1 52  ? -9.472  6.176   3.837   1.00 18.25 ? 56  THR A O   1 
ATOM   381  C CB  . THR A 1 52  ? -11.000 9.331   3.297   1.00 18.50 ? 56  THR A CB  1 
ATOM   382  O OG1 . THR A 1 52  ? -10.126 10.339  3.808   1.00 21.22 ? 56  THR A OG1 1 
ATOM   383  C CG2 . THR A 1 52  ? -11.900 8.805   4.414   1.00 19.03 ? 56  THR A CG2 1 
ATOM   384  N N   . SER A 1 53  ? -8.708  8.153   4.624   1.00 25.51 ? 57  SER A N   1 
ATOM   385  C CA  . SER A 1 53  ? -7.973  7.624   5.766   1.00 23.85 ? 57  SER A CA  1 
ATOM   386  C C   . SER A 1 53  ? -8.124  8.640   6.890   1.00 26.09 ? 57  SER A C   1 
ATOM   387  O O   . SER A 1 53  ? -8.153  9.825   6.631   1.00 26.14 ? 57  SER A O   1 
ATOM   388  C CB  . SER A 1 53  ? -6.474  7.469   5.456   1.00 21.92 ? 57  SER A CB  1 
ATOM   389  O OG  . SER A 1 53  ? -5.808  6.924   6.596   1.00 19.22 ? 57  SER A OG  1 
ATOM   390  N N   . ASP A 1 54  ? -8.166  8.178   8.134   1.00 24.03 ? 58  ASP A N   1 
ATOM   391  C CA  . ASP A 1 54  ? -8.308  9.084   9.274   1.00 26.24 ? 58  ASP A CA  1 
ATOM   392  C C   . ASP A 1 54  ? -6.942  9.387   9.905   1.00 26.72 ? 58  ASP A C   1 
ATOM   393  O O   . ASP A 1 54  ? -6.857  10.133  10.872  1.00 26.49 ? 58  ASP A O   1 
ATOM   394  C CB  . ASP A 1 54  ? -9.290  8.484   10.289  1.00 32.58 ? 58  ASP A CB  1 
ATOM   395  C CG  . ASP A 1 54  ? -9.537  9.384   11.488  1.00 35.00 ? 58  ASP A CG  1 
ATOM   396  O OD1 . ASP A 1 54  ? -10.461 10.240  11.425  1.00 36.84 ? 58  ASP A OD1 1 
ATOM   397  O OD2 . ASP A 1 54  ? -8.847  9.201   12.541  1.00 37.46 ? 58  ASP A OD2 1 
ATOM   398  N N   . ILE A 1 55  ? -5.882  8.813   9.331   1.00 24.83 ? 59  ILE A N   1 
ATOM   399  C CA  . ILE A 1 55  ? -4.513  9.010   9.794   1.00 26.28 ? 59  ILE A CA  1 
ATOM   400  C C   . ILE A 1 55  ? -3.623  9.498   8.653   1.00 24.38 ? 59  ILE A C   1 
ATOM   401  O O   . ILE A 1 55  ? -4.071  9.627   7.519   1.00 26.28 ? 59  ILE A O   1 
ATOM   402  C CB  . ILE A 1 55  ? -3.897  7.704   10.343  1.00 27.49 ? 59  ILE A CB  1 
ATOM   403  C CG1 . ILE A 1 55  ? -3.713  6.670   9.229   1.00 25.59 ? 59  ILE A CG1 1 
ATOM   404  C CG2 . ILE A 1 55  ? -4.746  7.148   11.498  1.00 29.21 ? 59  ILE A CG2 1 
ATOM   405  C CD1 . ILE A 1 55  ? -2.782  5.528   9.611   1.00 25.74 ? 59  ILE A CD1 1 
ATOM   406  N N   . VAL A 1 56  ? -2.342  9.708   8.943   1.00 26.02 ? 60  VAL A N   1 
ATOM   407  C CA  . VAL A 1 56  ? -1.398  10.172  7.926   1.00 25.26 ? 60  VAL A CA  1 
ATOM   408  C C   . VAL A 1 56  ? -0.271  9.178   7.804   1.00 24.04 ? 60  VAL A C   1 
ATOM   409  O O   . VAL A 1 56  ? -0.126  8.295   8.637   1.00 25.07 ? 60  VAL A O   1 
ATOM   410  C CB  . VAL A 1 56  ? -0.804  11.573  8.274   1.00 29.34 ? 60  VAL A CB  1 
ATOM   411  C CG1 . VAL A 1 56  ? -1.941  12.596  8.459   1.00 26.78 ? 60  VAL A CG1 1 
ATOM   412  C CG2 . VAL A 1 56  ? 0.059   11.503  9.558   1.00 27.80 ? 60  VAL A CG2 1 
ATOM   413  N N   . LEU A 1 57  ? 0.519   9.305   6.742   1.00 23.49 ? 61  LEU A N   1 
ATOM   414  C CA  . LEU A 1 57  ? 1.640   8.401   6.525   1.00 22.54 ? 61  LEU A CA  1 
ATOM   415  C C   . LEU A 1 57  ? 2.753   8.615   7.554   1.00 23.26 ? 61  LEU A C   1 
ATOM   416  O O   . LEU A 1 57  ? 2.953   9.724   8.022   1.00 23.42 ? 61  LEU A O   1 
ATOM   417  C CB  . LEU A 1 57  ? 2.219   8.615   5.131   1.00 24.02 ? 61  LEU A CB  1 
ATOM   418  C CG  . LEU A 1 57  ? 1.520   8.112   3.871   1.00 20.42 ? 61  LEU A CG  1 
ATOM   419  C CD1 . LEU A 1 57  ? 2.428   8.420   2.690   1.00 19.65 ? 61  LEU A CD1 1 
ATOM   420  C CD2 . LEU A 1 57  ? 1.239   6.624   3.945   1.00 13.06 ? 61  LEU A CD2 1 
ATOM   421  N N   . PRO A 1 58  ? 3.429   7.532   7.983   1.00 25.59 ? 62  PRO A N   1 
ATOM   422  C CA  . PRO A 1 58  ? 4.505   7.761   8.956   1.00 21.69 ? 62  PRO A CA  1 
ATOM   423  C C   . PRO A 1 58  ? 5.597   8.541   8.224   1.00 22.42 ? 62  PRO A C   1 
ATOM   424  O O   . PRO A 1 58  ? 6.037   8.154   7.137   1.00 21.86 ? 62  PRO A O   1 
ATOM   425  C CB  . PRO A 1 58  ? 4.959   6.339   9.329   1.00 23.25 ? 62  PRO A CB  1 
ATOM   426  C CG  . PRO A 1 58  ? 4.094   5.384   8.462   1.00 21.41 ? 62  PRO A CG  1 
ATOM   427  C CD  . PRO A 1 58  ? 2.880   6.170   8.125   1.00 21.98 ? 62  PRO A CD  1 
ATOM   428  N N   . HIS A 1 59  ? 5.978   9.676   8.787   1.00 20.63 ? 63  HIS A N   1 
ATOM   429  C CA  . HIS A 1 59  ? 6.952   10.551  8.149   1.00 18.11 ? 63  HIS A CA  1 
ATOM   430  C C   . HIS A 1 59  ? 8.283   9.942   7.758   1.00 19.24 ? 63  HIS A C   1 
ATOM   431  O O   . HIS A 1 59  ? 8.770   10.188  6.666   1.00 19.61 ? 63  HIS A O   1 
ATOM   432  C CB  . HIS A 1 59  ? 7.175   11.790  9.016   1.00 23.35 ? 63  HIS A CB  1 
ATOM   433  C CG  . HIS A 1 59  ? 8.103   12.793  8.413   1.00 24.00 ? 63  HIS A CG  1 
ATOM   434  N ND1 . HIS A 1 59  ? 7.807   13.479  7.258   1.00 27.33 ? 63  HIS A ND1 1 
ATOM   435  C CD2 . HIS A 1 59  ? 9.300   13.265  8.833   1.00 25.93 ? 63  HIS A CD2 1 
ATOM   436  C CE1 . HIS A 1 59  ? 8.772   14.341  6.995   1.00 27.11 ? 63  HIS A CE1 1 
ATOM   437  N NE2 . HIS A 1 59  ? 9.690   14.229  7.937   1.00 30.06 ? 63  HIS A NE2 1 
ATOM   438  N N   . LYS A 1 60  ? 8.860   9.122   8.619   1.00 17.80 ? 64  LYS A N   1 
ATOM   439  C CA  . LYS A 1 60  ? 10.173  8.563   8.336   1.00 22.07 ? 64  LYS A CA  1 
ATOM   440  C C   . LYS A 1 60  ? 10.231  7.054   8.564   1.00 21.28 ? 64  LYS A C   1 
ATOM   441  O O   . LYS A 1 60  ? 9.829   6.565   9.614   1.00 24.44 ? 64  LYS A O   1 
ATOM   442  C CB  . LYS A 1 60  ? 11.221  9.286   9.199   1.00 27.84 ? 64  LYS A CB  1 
ATOM   443  C CG  . LYS A 1 60  ? 12.628  8.748   9.052   1.00 28.66 ? 64  LYS A CG  1 
ATOM   444  C CD  . LYS A 1 60  ? 13.577  9.352   10.058  1.00 32.63 ? 64  LYS A CD  1 
ATOM   445  C CE  . LYS A 1 60  ? 14.554  10.279  9.361   1.00 34.53 ? 64  LYS A CE  1 
ATOM   446  N NZ  . LYS A 1 60  ? 15.591  10.815  10.295  1.00 35.67 ? 64  LYS A NZ  1 
ATOM   447  N N   . VAL A 1 61  ? 10.766  6.328   7.582   1.00 18.63 ? 65  VAL A N   1 
ATOM   448  C CA  . VAL A 1 61  ? 10.846  4.863   7.645   1.00 14.98 ? 65  VAL A CA  1 
ATOM   449  C C   . VAL A 1 61  ? 12.276  4.379   7.427   1.00 16.25 ? 65  VAL A C   1 
ATOM   450  O O   . VAL A 1 61  ? 12.742  4.264   6.287   1.00 17.45 ? 65  VAL A O   1 
ATOM   451  C CB  . VAL A 1 61  ? 9.899   4.202   6.587   1.00 13.94 ? 65  VAL A CB  1 
ATOM   452  C CG1 . VAL A 1 61  ? 9.827   2.670   6.798   1.00 5.50  ? 65  VAL A CG1 1 
ATOM   453  C CG2 . VAL A 1 61  ? 8.518   4.801   6.699   1.00 7.93  ? 65  VAL A CG2 1 
ATOM   454  N N   . PRO A 1 62  ? 13.002  4.097   8.529   1.00 19.57 ? 66  PRO A N   1 
ATOM   455  C CA  . PRO A 1 62  ? 14.380  3.633   8.392   1.00 16.36 ? 66  PRO A CA  1 
ATOM   456  C C   . PRO A 1 62  ? 14.401  2.207   7.920   1.00 18.68 ? 66  PRO A C   1 
ATOM   457  O O   . PRO A 1 62  ? 13.376  1.521   7.910   1.00 17.25 ? 66  PRO A O   1 
ATOM   458  C CB  . PRO A 1 62  ? 14.926  3.698   9.837   1.00 15.95 ? 66  PRO A CB  1 
ATOM   459  C CG  . PRO A 1 62  ? 14.028  4.651   10.536  1.00 19.13 ? 66  PRO A CG  1 
ATOM   460  C CD  . PRO A 1 62  ? 12.667  4.357   9.944   1.00 19.62 ? 66  PRO A CD  1 
ATOM   461  N N   . HIS A 1 63  ? 15.577  1.766   7.516   1.00 14.87 ? 67  HIS A N   1 
ATOM   462  C CA  . HIS A 1 63  ? 15.788  0.388   7.143   1.00 17.53 ? 67  HIS A CA  1 
ATOM   463  C C   . HIS A 1 63  ? 15.524  -0.407  8.440   1.00 19.77 ? 67  HIS A C   1 
ATOM   464  O O   . HIS A 1 63  ? 15.979  -0.010  9.513   1.00 16.84 ? 67  HIS A O   1 
ATOM   465  C CB  . HIS A 1 63  ? 17.247  0.204   6.702   1.00 18.21 ? 67  HIS A CB  1 
ATOM   466  C CG  . HIS A 1 63  ? 17.755  -1.188  6.894   1.00 24.52 ? 67  HIS A CG  1 
ATOM   467  N ND1 . HIS A 1 63  ? 18.361  -1.593  8.066   1.00 25.58 ? 67  HIS A ND1 1 
ATOM   468  C CD2 . HIS A 1 63  ? 17.686  -2.288  6.105   1.00 22.56 ? 67  HIS A CD2 1 
ATOM   469  C CE1 . HIS A 1 63  ? 18.631  -2.886  7.995   1.00 23.73 ? 67  HIS A CE1 1 
ATOM   470  N NE2 . HIS A 1 63  ? 18.231  -3.331  6.816   1.00 24.13 ? 67  HIS A NE2 1 
ATOM   471  N N   . GLY A 1 64  ? 14.783  -1.509  8.329   1.00 18.51 ? 68  GLY A N   1 
ATOM   472  C CA  . GLY A 1 64  ? 14.430  -2.340  9.467   1.00 13.34 ? 68  GLY A CA  1 
ATOM   473  C C   . GLY A 1 64  ? 13.111  -1.940  10.093  1.00 14.49 ? 68  GLY A C   1 
ATOM   474  O O   . GLY A 1 64  ? 12.672  -2.531  11.082  1.00 15.37 ? 68  GLY A O   1 
ATOM   475  N N   . CYS A 1 65  ? 12.455  -0.940  9.516   1.00 16.41 ? 69  CYS A N   1 
ATOM   476  C CA  . CYS A 1 65  ? 11.178  -0.486  10.059  1.00 17.89 ? 69  CYS A CA  1 
ATOM   477  C C   . CYS A 1 65  ? 10.033  -0.658  9.034   1.00 14.54 ? 69  CYS A C   1 
ATOM   478  O O   . CYS A 1 65  ? 10.231  -0.463  7.825   1.00 17.48 ? 69  CYS A O   1 
ATOM   479  C CB  . CYS A 1 65  ? 11.321  0.966   10.486  1.00 22.35 ? 69  CYS A CB  1 
ATOM   480  S SG  . CYS A 1 65  ? 10.264  1.470   11.867  1.00 36.31 ? 69  CYS A SG  1 
ATOM   481  N N   . ALA A 1 66  ? 8.867   -1.075  9.518   1.00 12.97 ? 70  ALA A N   1 
ATOM   482  C CA  . ALA A 1 66  ? 7.688   -1.285  8.688   1.00 15.29 ? 70  ALA A CA  1 
ATOM   483  C C   . ALA A 1 66  ? 6.603   -0.301  9.018   1.00 11.40 ? 70  ALA A C   1 
ATOM   484  O O   . ALA A 1 66  ? 6.077   -0.297  10.127  1.00 13.14 ? 70  ALA A O   1 
ATOM   485  C CB  . ALA A 1 66  ? 7.118   -2.698  8.852   1.00 5.77  ? 70  ALA A CB  1 
ATOM   486  N N   . LEU A 1 67  ? 6.192   0.455   8.008   1.00 10.32 ? 71  LEU A N   1 
ATOM   487  C CA  . LEU A 1 67  ? 5.113   1.402   8.177   1.00 13.41 ? 71  LEU A CA  1 
ATOM   488  C C   . LEU A 1 67  ? 3.767   0.680   8.135   1.00 14.31 ? 71  LEU A C   1 
ATOM   489  O O   . LEU A 1 67  ? 3.597   -0.368  7.517   1.00 11.67 ? 71  LEU A O   1 
ATOM   490  C CB  . LEU A 1 67  ? 5.179   2.471   7.090   1.00 15.45 ? 71  LEU A CB  1 
ATOM   491  C CG  . LEU A 1 67  ? 5.030   1.987   5.650   1.00 16.98 ? 71  LEU A CG  1 
ATOM   492  C CD1 . LEU A 1 67  ? 3.628   2.358   5.112   1.00 16.83 ? 71  LEU A CD1 1 
ATOM   493  C CD2 . LEU A 1 67  ? 6.133   2.564   4.825   1.00 11.63 ? 71  LEU A CD2 1 
ATOM   494  N N   . LEU A 1 68  ? 2.843   1.212   8.904   1.00 14.04 ? 72  LEU A N   1 
ATOM   495  C CA  . LEU A 1 68  ? 1.503   0.691   9.002   1.00 15.80 ? 72  LEU A CA  1 
ATOM   496  C C   . LEU A 1 68  ? 0.596   1.835   8.569   1.00 20.43 ? 72  LEU A C   1 
ATOM   497  O O   . LEU A 1 68  ? 0.694   2.958   9.087   1.00 19.71 ? 72  LEU A O   1 
ATOM   498  C CB  . LEU A 1 68  ? 1.193   0.311   10.457  1.00 19.22 ? 72  LEU A CB  1 
ATOM   499  C CG  . LEU A 1 68  ? 1.094   -1.163  10.895  1.00 19.15 ? 72  LEU A CG  1 
ATOM   500  C CD1 . LEU A 1 68  ? 2.213   -2.031  10.361  1.00 15.22 ? 72  LEU A CD1 1 
ATOM   501  C CD2 . LEU A 1 68  ? 1.069   -1.192  12.421  1.00 18.87 ? 72  LEU A CD2 1 
ATOM   502  N N   . TYR A 1 69  ? -0.257  1.569   7.588   1.00 16.65 ? 73  TYR A N   1 
ATOM   503  C CA  . TYR A 1 69  ? -1.172  2.589   7.102   1.00 16.31 ? 73  TYR A CA  1 
ATOM   504  C C   . TYR A 1 69  ? -2.523  1.907   6.901   1.00 12.98 ? 73  TYR A C   1 
ATOM   505  O O   . TYR A 1 69  ? -2.632  0.683   7.023   1.00 18.06 ? 73  TYR A O   1 
ATOM   506  C CB  . TYR A 1 69  ? -0.616  3.205   5.804   1.00 16.56 ? 73  TYR A CB  1 
ATOM   507  C CG  . TYR A 1 69  ? -1.380  4.410   5.288   1.00 20.50 ? 73  TYR A CG  1 
ATOM   508  C CD1 . TYR A 1 69  ? -1.610  5.516   6.105   1.00 20.82 ? 73  TYR A CD1 1 
ATOM   509  C CD2 . TYR A 1 69  ? -1.906  4.424   3.992   1.00 19.60 ? 73  TYR A CD2 1 
ATOM   510  C CE1 . TYR A 1 69  ? -2.345  6.606   5.652   1.00 20.10 ? 73  TYR A CE1 1 
ATOM   511  C CE2 . TYR A 1 69  ? -2.653  5.514   3.520   1.00 19.17 ? 73  TYR A CE2 1 
ATOM   512  C CZ  . TYR A 1 69  ? -2.865  6.597   4.356   1.00 22.92 ? 73  TYR A CZ  1 
ATOM   513  O OH  . TYR A 1 69  ? -3.593  7.668   3.907   1.00 25.11 ? 73  TYR A OH  1 
ATOM   514  N N   . ASN A 1 70  ? -3.563  2.681   6.662   1.00 16.21 ? 74  ASN A N   1 
ATOM   515  C CA  . ASN A 1 70  ? -4.887  2.106   6.475   1.00 15.66 ? 74  ASN A CA  1 
ATOM   516  C C   . ASN A 1 70  ? -5.764  3.048   5.670   1.00 13.98 ? 74  ASN A C   1 
ATOM   517  O O   . ASN A 1 70  ? -5.434  4.217   5.517   1.00 17.00 ? 74  ASN A O   1 
ATOM   518  C CB  . ASN A 1 70  ? -5.549  1.754   7.825   1.00 13.89 ? 74  ASN A CB  1 
ATOM   519  C CG  . ASN A 1 70  ? -5.727  2.955   8.739   1.00 17.91 ? 74  ASN A CG  1 
ATOM   520  O OD1 . ASN A 1 70  ? -5.256  2.955   9.877   1.00 26.06 ? 74  ASN A OD1 1 
ATOM   521  N ND2 . ASN A 1 70  ? -6.446  3.966   8.272   1.00 19.82 ? 74  ASN A ND2 1 
ATOM   522  N N   . GLY A 1 71  ? -6.875  2.533   5.154   1.00 16.41 ? 75  GLY A N   1 
ATOM   523  C CA  . GLY A 1 71  ? -7.783  3.346   4.356   1.00 15.93 ? 75  GLY A CA  1 
ATOM   524  C C   . GLY A 1 71  ? -9.144  2.724   4.464   1.00 14.52 ? 75  GLY A C   1 
ATOM   525  O O   . GLY A 1 71  ? -9.243  1.603   4.934   1.00 7.48  ? 75  GLY A O   1 
ATOM   526  N N   . GLN A 1 72  ? -10.188 3.438   4.058   1.00 19.93 ? 76  GLN A N   1 
ATOM   527  C CA  . GLN A 1 72  ? -11.560 2.929   4.120   1.00 22.07 ? 76  GLN A CA  1 
ATOM   528  C C   . GLN A 1 72  ? -12.501 3.669   3.172   1.00 22.97 ? 76  GLN A C   1 
ATOM   529  O O   . GLN A 1 72  ? -12.222 4.796   2.725   1.00 18.85 ? 76  GLN A O   1 
ATOM   530  C CB  . GLN A 1 72  ? -12.145 3.019   5.532   1.00 24.33 ? 76  GLN A CB  1 
ATOM   531  C CG  . GLN A 1 72  ? -12.161 4.409   6.139   1.00 30.11 ? 76  GLN A CG  1 
ATOM   532  C CD  . GLN A 1 72  ? -11.683 4.406   7.604   1.00 33.28 ? 76  GLN A CD  1 
ATOM   533  O OE1 . GLN A 1 72  ? -12.428 4.060   8.524   1.00 36.03 ? 76  GLN A OE1 1 
ATOM   534  N NE2 . GLN A 1 72  ? -10.429 4.778   7.810   1.00 38.44 ? 76  GLN A NE2 1 
ATOM   535  N N   . LYS A 1 73  ? -13.609 3.008   2.861   1.00 24.24 ? 77  LYS A N   1 
ATOM   536  C CA  . LYS A 1 73  ? -14.611 3.585   1.996   1.00 24.78 ? 77  LYS A CA  1 
ATOM   537  C C   . LYS A 1 73  ? -15.329 4.633   2.818   1.00 24.68 ? 77  LYS A C   1 
ATOM   538  O O   . LYS A 1 73  ? -15.339 4.572   4.051   1.00 16.63 ? 77  LYS A O   1 
ATOM   539  C CB  . LYS A 1 73  ? -15.613 2.518   1.516   1.00 26.44 ? 77  LYS A CB  1 
ATOM   540  C CG  . LYS A 1 73  ? -16.624 2.062   2.563   1.00 29.20 ? 77  LYS A CG  1 
ATOM   541  C CD  . LYS A 1 73  ? -17.568 0.977   2.008   1.00 32.32 ? 77  LYS A CD  1 
ATOM   542  C CE  . LYS A 1 73  ? -18.708 1.558   1.160   1.00 30.63 ? 77  LYS A CE  1 
ATOM   543  N NZ  . LYS A 1 73  ? -19.281 2.796   1.788   1.00 32.35 ? 77  LYS A NZ  1 
ATOM   544  N N   . ASP A 1 74  ? -15.909 5.616   2.139   1.00 27.55 ? 78  ASP A N   1 
ATOM   545  C CA  . ASP A 1 74  ? -16.675 6.633   2.835   1.00 29.71 ? 78  ASP A CA  1 
ATOM   546  C C   . ASP A 1 74  ? -17.963 5.963   3.327   1.00 32.67 ? 78  ASP A C   1 
ATOM   547  O O   . ASP A 1 74  ? -18.493 5.075   2.674   1.00 31.08 ? 78  ASP A O   1 
ATOM   548  C CB  . ASP A 1 74  ? -16.968 7.792   1.882   1.00 29.40 ? 78  ASP A CB  1 
ATOM   549  C CG  . ASP A 1 74  ? -15.701 8.545   1.473   1.00 30.94 ? 78  ASP A CG  1 
ATOM   550  O OD1 . ASP A 1 74  ? -15.149 9.294   2.297   1.00 28.14 ? 78  ASP A OD1 1 
ATOM   551  O OD2 . ASP A 1 74  ? -15.246 8.392   0.327   1.00 30.38 ? 78  ASP A OD2 1 
ATOM   552  N N   . ARG A 1 75  ? -18.420 6.322   4.516   1.00 41.43 ? 79  ARG A N   1 
ATOM   553  C CA  . ARG A 1 75  ? -19.630 5.715   5.057   1.00 45.40 ? 79  ARG A CA  1 
ATOM   554  C C   . ARG A 1 75  ? -20.877 6.251   4.361   1.00 46.65 ? 79  ARG A C   1 
ATOM   555  O O   . ARG A 1 75  ? -20.969 7.429   4.017   1.00 46.19 ? 79  ARG A O   1 
ATOM   556  C CB  . ARG A 1 75  ? -19.706 5.907   6.573   1.00 47.42 ? 79  ARG A CB  1 
ATOM   557  C CG  . ARG A 1 75  ? -19.691 7.357   7.033   1.00 51.50 ? 79  ARG A CG  1 
ATOM   558  C CD  . ARG A 1 75  ? -20.215 7.474   8.457   1.00 53.28 ? 79  ARG A CD  1 
ATOM   559  N NE  . ARG A 1 75  ? -19.386 6.719   9.396   1.00 52.93 ? 79  ARG A NE  1 
ATOM   560  C CZ  . ARG A 1 75  ? -19.736 6.423   10.644  1.00 50.92 ? 79  ARG A CZ  1 
ATOM   561  N NH1 . ARG A 1 75  ? -20.896 6.819   11.131  1.00 48.40 ? 79  ARG A NH1 1 
ATOM   562  N NH2 . ARG A 1 75  ? -18.958 5.643   11.368  1.00 53.17 ? 79  ARG A NH2 1 
ATOM   563  N N   . GLY A 1 76  ? -21.833 5.360   4.145   1.00 48.54 ? 80  GLY A N   1 
ATOM   564  C CA  . GLY A 1 76  ? -23.045 5.734   3.453   1.00 50.46 ? 80  GLY A CA  1 
ATOM   565  C C   . GLY A 1 76  ? -23.367 4.644   2.454   1.00 53.73 ? 80  GLY A C   1 
ATOM   566  O O   . GLY A 1 76  ? -22.478 3.865   2.082   1.00 55.48 ? 80  GLY A O   1 
ATOM   567  N N   . PRO A 1 77  ? -24.635 4.545   2.017   1.00 53.41 ? 81  PRO A N   1 
ATOM   568  C CA  . PRO A 1 77  ? -25.077 3.534   1.052   1.00 53.74 ? 81  PRO A CA  1 
ATOM   569  C C   . PRO A 1 77  ? -24.454 3.658   -0.337  1.00 52.74 ? 81  PRO A C   1 
ATOM   570  O O   . PRO A 1 77  ? -24.617 2.761   -1.162  1.00 53.50 ? 81  PRO A O   1 
ATOM   571  C CB  . PRO A 1 77  ? -26.599 3.726   1.020   1.00 54.07 ? 81  PRO A CB  1 
ATOM   572  C CG  . PRO A 1 77  ? -26.785 5.177   1.423   1.00 54.12 ? 81  PRO A CG  1 
ATOM   573  C CD  . PRO A 1 77  ? -25.781 5.306   2.546   1.00 53.45 ? 81  PRO A CD  1 
ATOM   574  N N   . VAL A 1 78  ? -23.748 4.758   -0.598  1.00 50.99 ? 82  VAL A N   1 
ATOM   575  C CA  . VAL A 1 78  ? -23.099 4.948   -1.898  1.00 51.18 ? 82  VAL A CA  1 
ATOM   576  C C   . VAL A 1 78  ? -22.084 3.832   -2.156  1.00 50.32 ? 82  VAL A C   1 
ATOM   577  O O   . VAL A 1 78  ? -21.394 3.384   -1.234  1.00 50.80 ? 82  VAL A O   1 
ATOM   578  C CB  . VAL A 1 78  ? -22.426 6.344   -2.019  1.00 50.66 ? 82  VAL A CB  1 
ATOM   579  C CG1 . VAL A 1 78  ? -21.182 6.429   -1.152  1.00 51.06 ? 82  VAL A CG1 1 
ATOM   580  C CG2 . VAL A 1 78  ? -22.099 6.647   -3.472  1.00 49.73 ? 82  VAL A CG2 1 
ATOM   581  N N   . ALA A 1 79  ? -22.022 3.383   -3.409  1.00 47.53 ? 83  ALA A N   1 
ATOM   582  C CA  . ALA A 1 79  ? -21.142 2.296   -3.824  1.00 46.32 ? 83  ALA A CA  1 
ATOM   583  C C   . ALA A 1 79  ? -19.694 2.678   -4.128  1.00 44.91 ? 83  ALA A C   1 
ATOM   584  O O   . ALA A 1 79  ? -19.265 2.626   -5.285  1.00 46.08 ? 83  ALA A O   1 
ATOM   585  C CB  . ALA A 1 79  ? -21.749 1.578   -5.030  1.00 47.75 ? 83  ALA A CB  1 
ATOM   586  N N   . THR A 1 80  ? -18.917 2.971   -3.087  1.00 40.45 ? 84  THR A N   1 
ATOM   587  C CA  . THR A 1 80  ? -17.519 3.340   -3.278  1.00 38.73 ? 84  THR A CA  1 
ATOM   588  C C   . THR A 1 80  ? -16.567 2.427   -2.491  1.00 35.06 ? 84  THR A C   1 
ATOM   589  O O   . THR A 1 80  ? -16.947 1.828   -1.481  1.00 40.96 ? 84  THR A O   1 
ATOM   590  C CB  . THR A 1 80  ? -17.291 4.825   -2.923  1.00 40.39 ? 84  THR A CB  1 
ATOM   591  O OG1 . THR A 1 80  ? -17.991 5.144   -1.715  1.00 41.92 ? 84  THR A OG1 1 
ATOM   592  C CG2 . THR A 1 80  ? -17.828 5.713   -4.033  1.00 40.15 ? 84  THR A CG2 1 
ATOM   593  N N   . GLY A 1 81  ? -15.357 2.250   -3.002  1.00 29.97 ? 85  GLY A N   1 
ATOM   594  C CA  . GLY A 1 81  ? -14.394 1.396   -2.329  1.00 24.74 ? 85  GLY A CA  1 
ATOM   595  C C   . GLY A 1 81  ? -13.297 2.225   -1.699  1.00 21.71 ? 85  GLY A C   1 
ATOM   596  O O   . GLY A 1 81  ? -13.514 3.387   -1.398  1.00 21.76 ? 85  GLY A O   1 
ATOM   597  N N   . ALA A 1 82  ? -12.141 1.615   -1.458  1.00 17.19 ? 86  ALA A N   1 
ATOM   598  C CA  . ALA A 1 82  ? -10.974 2.319   -0.886  1.00 14.01 ? 86  ALA A CA  1 
ATOM   599  C C   . ALA A 1 82  ? -9.856  2.156   -1.906  1.00 14.81 ? 86  ALA A C   1 
ATOM   600  O O   . ALA A 1 82  ? -9.290  1.071   -2.033  1.00 15.17 ? 86  ALA A O   1 
ATOM   601  C CB  . ALA A 1 82  ? -10.582 1.705   0.474   1.00 15.14 ? 86  ALA A CB  1 
ATOM   602  N N   . VAL A 1 83  ? -9.651  3.189   -2.727  1.00 13.48 ? 87  VAL A N   1 
ATOM   603  C CA  . VAL A 1 83  ? -8.652  3.158   -3.807  1.00 13.27 ? 87  VAL A CA  1 
ATOM   604  C C   . VAL A 1 83  ? -7.676  4.335   -3.708  1.00 16.91 ? 87  VAL A C   1 
ATOM   605  O O   . VAL A 1 83  ? -8.078  5.504   -3.706  1.00 14.92 ? 87  VAL A O   1 
ATOM   606  C CB  . VAL A 1 83  ? -9.326  3.212   -5.210  1.00 13.06 ? 87  VAL A CB  1 
ATOM   607  C CG1 . VAL A 1 83  ? -8.326  2.958   -6.282  1.00 6.65  ? 87  VAL A CG1 1 
ATOM   608  C CG2 . VAL A 1 83  ? -10.442 2.202   -5.303  1.00 14.61 ? 87  VAL A CG2 1 
ATOM   609  N N   . GLY A 1 84  ? -6.388  4.019   -3.651  1.00 13.22 ? 88  GLY A N   1 
ATOM   610  C CA  . GLY A 1 84  ? -5.397  5.064   -3.506  1.00 17.04 ? 88  GLY A CA  1 
ATOM   611  C C   . GLY A 1 84  ? -3.962  4.623   -3.735  1.00 17.74 ? 88  GLY A C   1 
ATOM   612  O O   . GLY A 1 84  ? -3.688  3.454   -3.970  1.00 15.63 ? 88  GLY A O   1 
ATOM   613  N N   . VAL A 1 85  ? -3.053  5.590   -3.665  1.00 13.98 ? 89  VAL A N   1 
ATOM   614  C CA  . VAL A 1 85  ? -1.636  5.380   -3.907  1.00 16.76 ? 89  VAL A CA  1 
ATOM   615  C C   . VAL A 1 85  ? -0.873  6.143   -2.829  1.00 18.61 ? 89  VAL A C   1 
ATOM   616  O O   . VAL A 1 85  ? -1.238  7.258   -2.473  1.00 22.29 ? 89  VAL A O   1 
ATOM   617  C CB  . VAL A 1 85  ? -1.215  5.961   -5.303  1.00 16.25 ? 89  VAL A CB  1 
ATOM   618  C CG1 . VAL A 1 85  ? 0.287   5.949   -5.476  1.00 13.52 ? 89  VAL A CG1 1 
ATOM   619  C CG2 . VAL A 1 85  ? -1.836  5.162   -6.440  1.00 19.40 ? 89  VAL A CG2 1 
ATOM   620  N N   . LEU A 1 86  ? 0.170   5.542   -2.283  1.00 16.65 ? 90  LEU A N   1 
ATOM   621  C CA  . LEU A 1 86  ? 0.976   6.248   -1.292  1.00 19.24 ? 90  LEU A CA  1 
ATOM   622  C C   . LEU A 1 86  ? 2.362   6.302   -1.909  1.00 18.53 ? 90  LEU A C   1 
ATOM   623  O O   . LEU A 1 86  ? 2.713   5.419   -2.696  1.00 20.65 ? 90  LEU A O   1 
ATOM   624  C CB  . LEU A 1 86  ? 0.966   5.507   0.055   1.00 16.60 ? 90  LEU A CB  1 
ATOM   625  C CG  . LEU A 1 86  ? 1.498   4.077   0.100   1.00 20.30 ? 90  LEU A CG  1 
ATOM   626  C CD1 . LEU A 1 86  ? 3.025   4.051   0.379   1.00 17.09 ? 90  LEU A CD1 1 
ATOM   627  C CD2 . LEU A 1 86  ? 0.763   3.353   1.165   1.00 18.82 ? 90  LEU A CD2 1 
ATOM   628  N N   . ALA A 1 87  ? 3.101   7.377   -1.655  1.00 16.48 ? 91  ALA A N   1 
ATOM   629  C CA  . ALA A 1 87  ? 4.438   7.508   -2.203  1.00 14.45 ? 91  ALA A CA  1 
ATOM   630  C C   . ALA A 1 87  ? 5.452   7.887   -1.135  1.00 18.01 ? 91  ALA A C   1 
ATOM   631  O O   . ALA A 1 87  ? 5.173   8.698   -0.249  1.00 14.58 ? 91  ALA A O   1 
ATOM   632  C CB  . ALA A 1 87  ? 4.458   8.525   -3.287  1.00 9.72  ? 91  ALA A CB  1 
ATOM   633  N N   . TYR A 1 88  ? 6.658   7.356   -1.277  1.00 14.30 ? 92  TYR A N   1 
ATOM   634  C CA  . TYR A 1 88  ? 7.718   7.623   -0.340  1.00 14.42 ? 92  TYR A CA  1 
ATOM   635  C C   . TYR A 1 88  ? 8.942   8.007   -1.121  1.00 16.13 ? 92  TYR A C   1 
ATOM   636  O O   . TYR A 1 88  ? 9.233   7.403   -2.175  1.00 13.56 ? 92  TYR A O   1 
ATOM   637  C CB  . TYR A 1 88  ? 8.012   6.375   0.516   1.00 14.66 ? 92  TYR A CB  1 
ATOM   638  C CG  . TYR A 1 88  ? 7.274   6.340   1.844   1.00 16.63 ? 92  TYR A CG  1 
ATOM   639  C CD1 . TYR A 1 88  ? 5.971   5.881   1.916   1.00 15.77 ? 92  TYR A CD1 1 
ATOM   640  C CD2 . TYR A 1 88  ? 7.884   6.777   3.038   1.00 18.12 ? 92  TYR A CD2 1 
ATOM   641  C CE1 . TYR A 1 88  ? 5.277   5.851   3.108   1.00 17.60 ? 92  TYR A CE1 1 
ATOM   642  C CE2 . TYR A 1 88  ? 7.184   6.749   4.266   1.00 17.58 ? 92  TYR A CE2 1 
ATOM   643  C CZ  . TYR A 1 88  ? 5.877   6.292   4.281   1.00 16.21 ? 92  TYR A CZ  1 
ATOM   644  O OH  . TYR A 1 88  ? 5.090   6.360   5.411   1.00 15.15 ? 92  TYR A OH  1 
ATOM   645  N N   . LEU A 1 89  ? 9.617   9.054   -0.657  1.00 14.23 ? 93  LEU A N   1 
ATOM   646  C CA  . LEU A 1 89  ? 10.867  9.473   -1.285  1.00 17.79 ? 93  LEU A CA  1 
ATOM   647  C C   . LEU A 1 89  ? 11.972  8.715   -0.548  1.00 19.04 ? 93  LEU A C   1 
ATOM   648  O O   . LEU A 1 89  ? 11.980  8.675   0.680   1.00 23.09 ? 93  LEU A O   1 
ATOM   649  C CB  . LEU A 1 89  ? 11.066  10.978  -1.136  1.00 16.30 ? 93  LEU A CB  1 
ATOM   650  C CG  . LEU A 1 89  ? 12.238  11.444  -2.000  1.00 19.31 ? 93  LEU A CG  1 
ATOM   651  C CD1 . LEU A 1 89  ? 11.797  11.449  -3.463  1.00 19.74 ? 93  LEU A CD1 1 
ATOM   652  C CD2 . LEU A 1 89  ? 12.723  12.825  -1.564  1.00 19.08 ? 93  LEU A CD2 1 
ATOM   653  N N   . MET A 1 90  ? 12.840  8.045   -1.305  1.00 15.84 ? 94  MET A N   1 
ATOM   654  C CA  . MET A 1 90  ? 13.953  7.278   -0.737  1.00 20.06 ? 94  MET A CA  1 
ATOM   655  C C   . MET A 1 90  ? 15.216  8.131   -0.687  1.00 19.36 ? 94  MET A C   1 
ATOM   656  O O   . MET A 1 90  ? 15.310  9.141   -1.385  1.00 16.31 ? 94  MET A O   1 
ATOM   657  C CB  . MET A 1 90  ? 14.218  6.016   -1.563  1.00 19.36 ? 94  MET A CB  1 
ATOM   658  C CG  . MET A 1 90  ? 13.182  4.918   -1.396  1.00 20.96 ? 94  MET A CG  1 
ATOM   659  S SD  . MET A 1 90  ? 13.290  3.694   -2.714  1.00 24.54 ? 94  MET A SD  1 
ATOM   660  C CE  . MET A 1 90  ? 13.451  2.174   -1.763  1.00 24.03 ? 94  MET A CE  1 
ATOM   661  N N   . SER A 1 91  ? 16.197  7.718   0.116   1.00 22.53 ? 95  SER A N   1 
ATOM   662  C CA  . SER A 1 91  ? 17.444  8.506   0.232   1.00 22.01 ? 95  SER A CA  1 
ATOM   663  C C   . SER A 1 91  ? 18.235  8.642   -1.054  1.00 22.05 ? 95  SER A C   1 
ATOM   664  O O   . SER A 1 91  ? 18.959  9.603   -1.220  1.00 23.13 ? 95  SER A O   1 
ATOM   665  C CB  . SER A 1 91  ? 18.325  7.973   1.355   1.00 23.65 ? 95  SER A CB  1 
ATOM   666  O OG  . SER A 1 91  ? 18.608  6.601   1.159   1.00 29.32 ? 95  SER A OG  1 
ATOM   667  N N   . ASP A 1 92  ? 18.096  7.693   -1.977  1.00 21.44 ? 96  ASP A N   1 
ATOM   668  C CA  . ASP A 1 92  ? 18.786  7.806   -3.266  1.00 22.35 ? 96  ASP A CA  1 
ATOM   669  C C   . ASP A 1 92  ? 18.061  8.800   -4.178  1.00 18.84 ? 96  ASP A C   1 
ATOM   670  O O   . ASP A 1 92  ? 18.445  8.981   -5.321  1.00 20.70 ? 96  ASP A O   1 
ATOM   671  C CB  . ASP A 1 92  ? 18.942  6.442   -3.978  1.00 18.93 ? 96  ASP A CB  1 
ATOM   672  C CG  . ASP A 1 92  ? 17.613  5.789   -4.344  1.00 20.88 ? 96  ASP A CG  1 
ATOM   673  O OD1 . ASP A 1 92  ? 16.547  6.235   -3.889  1.00 17.99 ? 96  ASP A OD1 1 
ATOM   674  O OD2 . ASP A 1 92  ? 17.637  4.792   -5.096  1.00 21.43 ? 96  ASP A OD2 1 
ATOM   675  N N   . GLY A 1 93  ? 16.989  9.406   -3.681  1.00 18.84 ? 97  GLY A N   1 
ATOM   676  C CA  . GLY A 1 93  ? 16.249  10.378  -4.474  1.00 18.44 ? 97  GLY A CA  1 
ATOM   677  C C   . GLY A 1 93  ? 15.110  9.838   -5.345  1.00 19.40 ? 97  GLY A C   1 
ATOM   678  O O   . GLY A 1 93  ? 14.419  10.625  -6.002  1.00 22.32 ? 97  GLY A O   1 
ATOM   679  N N   . ASN A 1 94  ? 14.913  8.519   -5.367  1.00 18.54 ? 98  ASN A N   1 
ATOM   680  C CA  . ASN A 1 94  ? 13.832  7.912   -6.170  1.00 20.61 ? 98  ASN A CA  1 
ATOM   681  C C   . ASN A 1 94  ? 12.524  7.782   -5.386  1.00 21.75 ? 98  ASN A C   1 
ATOM   682  O O   . ASN A 1 94  ? 12.477  8.057   -4.187  1.00 23.24 ? 98  ASN A O   1 
ATOM   683  C CB  . ASN A 1 94  ? 14.265  6.561   -6.726  1.00 16.41 ? 98  ASN A CB  1 
ATOM   684  C CG  . ASN A 1 94  ? 15.405  6.689   -7.734  1.00 19.48 ? 98  ASN A CG  1 
ATOM   685  O OD1 . ASN A 1 94  ? 15.432  7.603   -8.551  1.00 18.21 ? 98  ASN A OD1 1 
ATOM   686  N ND2 . ASN A 1 94  ? 16.351  5.789   -7.663  1.00 16.94 ? 98  ASN A ND2 1 
ATOM   687  N N   . THR A 1 95  ? 11.450  7.404   -6.070  1.00 20.67 ? 99  THR A N   1 
ATOM   688  C CA  . THR A 1 95  ? 10.151  7.286   -5.432  1.00 17.95 ? 99  THR A CA  1 
ATOM   689  C C   . THR A 1 95  ? 9.590   5.850   -5.427  1.00 20.87 ? 99  THR A C   1 
ATOM   690  O O   . THR A 1 95  ? 9.491   5.177   -6.461  1.00 22.87 ? 99  THR A O   1 
ATOM   691  C CB  . THR A 1 95  ? 9.127   8.270   -6.097  1.00 17.57 ? 99  THR A CB  1 
ATOM   692  O OG1 . THR A 1 95  ? 9.687   9.598   -6.174  1.00 11.80 ? 99  THR A OG1 1 
ATOM   693  C CG2 . THR A 1 95  ? 7.850   8.332   -5.316  1.00 14.51 ? 99  THR A CG2 1 
ATOM   694  N N   . LEU A 1 96  ? 9.256   5.375   -4.238  1.00 17.26 ? 100 LEU A N   1 
ATOM   695  C CA  . LEU A 1 96  ? 8.640   4.076   -4.065  1.00 18.91 ? 100 LEU A CA  1 
ATOM   696  C C   . LEU A 1 96  ? 7.134   4.344   -3.972  1.00 15.25 ? 100 LEU A C   1 
ATOM   697  O O   . LEU A 1 96  ? 6.689   5.064   -3.095  1.00 14.33 ? 100 LEU A O   1 
ATOM   698  C CB  . LEU A 1 96  ? 9.163   3.468   -2.757  1.00 22.57 ? 100 LEU A CB  1 
ATOM   699  C CG  . LEU A 1 96  ? 8.777   2.053   -2.317  1.00 23.98 ? 100 LEU A CG  1 
ATOM   700  C CD1 . LEU A 1 96  ? 7.471   2.084   -1.569  1.00 26.61 ? 100 LEU A CD1 1 
ATOM   701  C CD2 . LEU A 1 96  ? 8.785   1.079   -3.480  1.00 20.42 ? 100 LEU A CD2 1 
ATOM   702  N N   . ALA A 1 97  ? 6.367   3.876   -4.943  1.00 11.96 ? 101 ALA A N   1 
ATOM   703  C CA  . ALA A 1 97  ? 4.915   4.082   -4.937  1.00 14.46 ? 101 ALA A CA  1 
ATOM   704  C C   . ALA A 1 97  ? 4.161   2.774   -4.742  1.00 12.87 ? 101 ALA A C   1 
ATOM   705  O O   . ALA A 1 97  ? 4.560   1.721   -5.254  1.00 16.38 ? 101 ALA A O   1 
ATOM   706  C CB  . ALA A 1 97  ? 4.469   4.765   -6.247  1.00 8.47  ? 101 ALA A CB  1 
ATOM   707  N N   . VAL A 1 98  ? 3.095   2.831   -3.959  1.00 10.19 ? 102 VAL A N   1 
ATOM   708  C CA  . VAL A 1 98  ? 2.295   1.656   -3.709  1.00 10.38 ? 102 VAL A CA  1 
ATOM   709  C C   . VAL A 1 98  ? 0.818   1.936   -3.989  1.00 13.61 ? 102 VAL A C   1 
ATOM   710  O O   . VAL A 1 98  ? 0.236   2.909   -3.494  1.00 13.68 ? 102 VAL A O   1 
ATOM   711  C CB  . VAL A 1 98  ? 2.439   1.138   -2.245  1.00 13.73 ? 102 VAL A CB  1 
ATOM   712  C CG1 . VAL A 1 98  ? 1.395   0.015   -1.980  1.00 11.10 ? 102 VAL A CG1 1 
ATOM   713  C CG2 . VAL A 1 98  ? 3.876   0.644   -1.971  1.00 6.99  ? 102 VAL A CG2 1 
ATOM   714  N N   . LEU A 1 99  ? 0.229   1.063   -4.794  1.00 11.53 ? 103 LEU A N   1 
ATOM   715  C CA  . LEU A 1 99  ? -1.181  1.143   -5.153  1.00 14.28 ? 103 LEU A CA  1 
ATOM   716  C C   . LEU A 1 99  ? -1.931  0.036   -4.444  1.00 11.29 ? 103 LEU A C   1 
ATOM   717  O O   . LEU A 1 99  ? -1.427  -1.080  -4.351  1.00 15.46 ? 103 LEU A O   1 
ATOM   718  C CB  . LEU A 1 99  ? -1.366  0.934   -6.668  1.00 12.13 ? 103 LEU A CB  1 
ATOM   719  C CG  . LEU A 1 99  ? -2.778  0.478   -7.130  1.00 13.56 ? 103 LEU A CG  1 
ATOM   720  C CD1 . LEU A 1 99  ? -3.741  1.668   -7.316  1.00 16.13 ? 103 LEU A CD1 1 
ATOM   721  C CD2 . LEU A 1 99  ? -2.648  -0.310  -8.413  1.00 15.94 ? 103 LEU A CD2 1 
ATOM   722  N N   . PHE A 1 100 ? -3.113  0.372   -3.940  1.00 8.07  ? 104 PHE A N   1 
ATOM   723  C CA  . PHE A 1 100 ? -4.008  -0.586  -3.321  1.00 11.13 ? 104 PHE A CA  1 
ATOM   724  C C   . PHE A 1 100 ? -5.394  -0.232  -3.850  1.00 14.59 ? 104 PHE A C   1 
ATOM   725  O O   . PHE A 1 100 ? -5.728  0.945   -4.002  1.00 14.01 ? 104 PHE A O   1 
ATOM   726  C CB  . PHE A 1 100 ? -3.954  -0.527  -1.784  1.00 13.01 ? 104 PHE A CB  1 
ATOM   727  C CG  . PHE A 1 100 ? -4.414  0.774   -1.190  1.00 10.86 ? 104 PHE A CG  1 
ATOM   728  C CD1 . PHE A 1 100 ? -5.753  0.983   -0.894  1.00 11.37 ? 104 PHE A CD1 1 
ATOM   729  C CD2 . PHE A 1 100 ? -3.502  1.780   -0.902  1.00 14.99 ? 104 PHE A CD2 1 
ATOM   730  C CE1 . PHE A 1 100 ? -6.180  2.167   -0.319  1.00 10.42 ? 104 PHE A CE1 1 
ATOM   731  C CE2 . PHE A 1 100 ? -3.919  2.974   -0.325  1.00 15.55 ? 104 PHE A CE2 1 
ATOM   732  C CZ  . PHE A 1 100 ? -5.258  3.167   -0.034  1.00 16.43 ? 104 PHE A CZ  1 
ATOM   733  N N   . SER A 1 101 ? -6.165  -1.246  -4.213  1.00 13.65 ? 105 SER A N   1 
ATOM   734  C CA  . SER A 1 101 ? -7.506  -1.010  -4.728  1.00 9.89  ? 105 SER A CA  1 
ATOM   735  C C   . SER A 1 101 ? -8.455  -2.054  -4.161  1.00 12.33 ? 105 SER A C   1 
ATOM   736  O O   . SER A 1 101 ? -8.326  -3.235  -4.472  1.00 16.94 ? 105 SER A O   1 
ATOM   737  C CB  . SER A 1 101 ? -7.502  -1.060  -6.257  1.00 17.68 ? 105 SER A CB  1 
ATOM   738  O OG  . SER A 1 101 ? -8.793  -0.734  -6.712  1.00 12.59 ? 105 SER A OG  1 
ATOM   739  N N   . VAL A 1 102 ? -9.384  -1.590  -3.328  1.00 11.90 ? 106 VAL A N   1 
ATOM   740  C CA  . VAL A 1 102 ? -10.388 -2.407  -2.671  1.00 9.01  ? 106 VAL A CA  1 
ATOM   741  C C   . VAL A 1 102 ? -11.774 -1.900  -3.148  1.00 15.02 ? 106 VAL A C   1 
ATOM   742  O O   . VAL A 1 102 ? -12.395 -1.012  -2.553  1.00 16.98 ? 106 VAL A O   1 
ATOM   743  C CB  . VAL A 1 102 ? -10.243 -2.332  -1.104  1.00 10.14 ? 106 VAL A CB  1 
ATOM   744  C CG1 . VAL A 1 102 ? -11.274 -3.230  -0.441  1.00 8.75  ? 106 VAL A CG1 1 
ATOM   745  C CG2 . VAL A 1 102 ? -8.814  -2.757  -0.681  1.00 8.16  ? 106 VAL A CG2 1 
ATOM   746  N N   . PRO A 1 103 ? -12.317 -2.539  -4.190  1.00 17.66 ? 107 PRO A N   1 
ATOM   747  C CA  . PRO A 1 103 ? -13.611 -2.151  -4.761  1.00 15.54 ? 107 PRO A CA  1 
ATOM   748  C C   . PRO A 1 103 ? -14.847 -2.508  -3.962  1.00 20.52 ? 107 PRO A C   1 
ATOM   749  O O   . PRO A 1 103 ? -14.822 -3.417  -3.124  1.00 16.85 ? 107 PRO A O   1 
ATOM   750  C CB  . PRO A 1 103 ? -13.590 -2.858  -6.098  1.00 15.35 ? 107 PRO A CB  1 
ATOM   751  C CG  . PRO A 1 103 ? -13.039 -4.155  -5.743  1.00 20.32 ? 107 PRO A CG  1 
ATOM   752  C CD  . PRO A 1 103 ? -11.871 -3.811  -4.767  1.00 15.60 ? 107 PRO A CD  1 
ATOM   753  N N   . TYR A 1 104 ? -15.935 -1.791  -4.226  1.00 20.09 ? 108 TYR A N   1 
ATOM   754  C CA  . TYR A 1 104 ? -17.193 -2.093  -3.556  1.00 23.23 ? 108 TYR A CA  1 
ATOM   755  C C   . TYR A 1 104 ? -17.879 -3.316  -4.201  1.00 25.33 ? 108 TYR A C   1 
ATOM   756  O O   . TYR A 1 104 ? -18.211 -4.308  -3.538  1.00 25.63 ? 108 TYR A O   1 
ATOM   757  C CB  . TYR A 1 104 ? -18.148 -0.894  -3.629  1.00 32.05 ? 108 TYR A CB  1 
ATOM   758  C CG  . TYR A 1 104 ? -19.399 -1.130  -2.829  1.00 47.66 ? 108 TYR A CG  1 
ATOM   759  C CD1 . TYR A 1 104 ? -19.334 -1.249  -1.450  1.00 29.72 ? 108 TYR A CD1 1 
ATOM   760  C CD2 . TYR A 1 104 ? -20.627 -1.334  -3.448  1.00 29.83 ? 108 TYR A CD2 1 
ATOM   761  C CE1 . TYR A 1 104 ? -20.451 -1.576  -0.702  1.00 40.65 ? 108 TYR A CE1 1 
ATOM   762  C CE2 . TYR A 1 104 ? -21.762 -1.665  -2.704  1.00 34.02 ? 108 TYR A CE2 1 
ATOM   763  C CZ  . TYR A 1 104 ? -21.659 -1.784  -1.327  1.00 42.98 ? 108 TYR A CZ  1 
ATOM   764  O OH  . TYR A 1 104 ? -22.750 -2.121  -0.548  1.00 47.48 ? 108 TYR A OH  1 
ATOM   765  N N   . ASP A 1 105 ? -18.041 -3.229  -5.516  1.00 23.34 ? 109 ASP A N   1 
ATOM   766  C CA  . ASP A 1 105 ? -18.726 -4.228  -6.321  1.00 25.15 ? 109 ASP A CA  1 
ATOM   767  C C   . ASP A 1 105 ? -17.768 -5.278  -6.854  1.00 18.61 ? 109 ASP A C   1 
ATOM   768  O O   . ASP A 1 105 ? -17.038 -5.021  -7.803  1.00 18.18 ? 109 ASP A O   1 
ATOM   769  C CB  . ASP A 1 105 ? -19.393 -3.501  -7.505  1.00 30.34 ? 109 ASP A CB  1 
ATOM   770  C CG  . ASP A 1 105 ? -20.496 -4.312  -8.150  1.00 31.28 ? 109 ASP A CG  1 
ATOM   771  O OD1 . ASP A 1 105 ? -20.354 -5.539  -8.308  1.00 32.94 ? 109 ASP A OD1 1 
ATOM   772  O OD2 . ASP A 1 105 ? -21.525 -3.710  -8.500  1.00 31.93 ? 109 ASP A OD2 1 
ATOM   773  N N   . TYR A 1 106 ? -17.808 -6.475  -6.290  1.00 21.14 ? 110 TYR A N   1 
ATOM   774  C CA  . TYR A 1 106 ? -16.925 -7.545  -6.746  1.00 20.54 ? 110 TYR A CA  1 
ATOM   775  C C   . TYR A 1 106 ? -17.310 -8.235  -8.061  1.00 21.87 ? 110 TYR A C   1 
ATOM   776  O O   . TYR A 1 106 ? -16.579 -9.115  -8.536  1.00 19.69 ? 110 TYR A O   1 
ATOM   777  C CB  . TYR A 1 106 ? -16.663 -8.553  -5.627  1.00 17.05 ? 110 TYR A CB  1 
ATOM   778  C CG  . TYR A 1 106 ? -15.607 -8.029  -4.645  1.00 20.63 ? 110 TYR A CG  1 
ATOM   779  C CD1 . TYR A 1 106 ? -14.263 -7.868  -5.036  1.00 16.87 ? 110 TYR A CD1 1 
ATOM   780  C CD2 . TYR A 1 106 ? -15.963 -7.647  -3.356  1.00 19.07 ? 110 TYR A CD2 1 
ATOM   781  C CE1 . TYR A 1 106 ? -13.324 -7.331  -4.157  1.00 17.92 ? 110 TYR A CE1 1 
ATOM   782  C CE2 . TYR A 1 106 ? -15.025 -7.112  -2.480  1.00 18.84 ? 110 TYR A CE2 1 
ATOM   783  C CZ  . TYR A 1 106 ? -13.721 -6.954  -2.885  1.00 16.92 ? 110 TYR A CZ  1 
ATOM   784  O OH  . TYR A 1 106 ? -12.843 -6.378  -2.011  1.00 15.78 ? 110 TYR A OH  1 
ATOM   785  N N   . ASN A 1 107 ? -18.420 -7.803  -8.671  1.00 20.47 ? 111 ASN A N   1 
ATOM   786  C CA  . ASN A 1 107 ? -18.826 -8.347  -9.976  1.00 20.66 ? 111 ASN A CA  1 
ATOM   787  C C   . ASN A 1 107 ? -18.091 -7.551  -11.040 1.00 16.66 ? 111 ASN A C   1 
ATOM   788  O O   . ASN A 1 107 ? -17.786 -8.073  -12.099 1.00 17.39 ? 111 ASN A O   1 
ATOM   789  C CB  . ASN A 1 107 ? -20.334 -8.185  -10.233 1.00 21.35 ? 111 ASN A CB  1 
ATOM   790  C CG  . ASN A 1 107 ? -21.181 -8.979  -9.270  1.00 22.42 ? 111 ASN A CG  1 
ATOM   791  O OD1 . ASN A 1 107 ? -20.938 -10.170 -9.051  1.00 28.92 ? 111 ASN A OD1 1 
ATOM   792  N ND2 . ASN A 1 107 ? -22.176 -8.335  -8.688  1.00 18.64 ? 111 ASN A ND2 1 
ATOM   793  N N   . TRP A 1 108 ? -17.869 -6.264  -10.756 1.00 17.34 ? 112 TRP A N   1 
ATOM   794  C CA  . TRP A 1 108 ? -17.218 -5.340  -11.683 1.00 17.19 ? 112 TRP A CA  1 
ATOM   795  C C   . TRP A 1 108 ? -15.716 -5.144  -11.523 1.00 18.79 ? 112 TRP A C   1 
ATOM   796  O O   . TRP A 1 108 ? -15.034 -4.724  -12.487 1.00 16.83 ? 112 TRP A O   1 
ATOM   797  C CB  . TRP A 1 108 ? -17.867 -3.962  -11.580 1.00 19.57 ? 112 TRP A CB  1 
ATOM   798  C CG  . TRP A 1 108 ? -19.272 -3.893  -12.008 1.00 22.62 ? 112 TRP A CG  1 
ATOM   799  C CD1 . TRP A 1 108 ? -20.070 -4.931  -12.397 1.00 25.04 ? 112 TRP A CD1 1 
ATOM   800  C CD2 . TRP A 1 108 ? -20.057 -2.699  -12.160 1.00 22.66 ? 112 TRP A CD2 1 
ATOM   801  N NE1 . TRP A 1 108 ? -21.302 -4.453  -12.790 1.00 25.02 ? 112 TRP A NE1 1 
ATOM   802  C CE2 . TRP A 1 108 ? -21.318 -3.090  -12.660 1.00 24.11 ? 112 TRP A CE2 1 
ATOM   803  C CE3 . TRP A 1 108 ? -19.813 -1.337  -11.922 1.00 26.11 ? 112 TRP A CE3 1 
ATOM   804  C CZ2 . TRP A 1 108 ? -22.333 -2.180  -12.934 1.00 26.41 ? 112 TRP A CZ2 1 
ATOM   805  C CZ3 . TRP A 1 108 ? -20.828 -0.419  -12.194 1.00 29.94 ? 112 TRP A CZ3 1 
ATOM   806  C CH2 . TRP A 1 108 ? -22.081 -0.853  -12.700 1.00 28.04 ? 112 TRP A CH2 1 
ATOM   807  N N   . TYR A 1 109 ? -15.209 -5.408  -10.313 1.00 17.16 ? 113 TYR A N   1 
ATOM   808  C CA  . TYR A 1 109 ? -13.786 -5.204  -9.978  1.00 13.30 ? 113 TYR A CA  1 
ATOM   809  C C   . TYR A 1 109 ? -13.198 -6.261  -9.051  1.00 15.07 ? 113 TYR A C   1 
ATOM   810  O O   . TYR A 1 109 ? -13.907 -7.086  -8.486  1.00 14.18 ? 113 TYR A O   1 
ATOM   811  C CB  . TYR A 1 109 ? -13.615 -3.855  -9.272  1.00 14.17 ? 113 TYR A CB  1 
ATOM   812  C CG  . TYR A 1 109 ? -14.209 -2.658  -9.996  1.00 14.31 ? 113 TYR A CG  1 
ATOM   813  C CD1 . TYR A 1 109 ? -13.555 -2.087  -11.074 1.00 12.82 ? 113 TYR A CD1 1 
ATOM   814  C CD2 . TYR A 1 109 ? -15.451 -2.126  -9.622  1.00 17.62 ? 113 TYR A CD2 1 
ATOM   815  C CE1 . TYR A 1 109 ? -14.117 -1.017  -11.773 1.00 11.72 ? 113 TYR A CE1 1 
ATOM   816  C CE2 . TYR A 1 109 ? -16.027 -1.052  -10.322 1.00 13.48 ? 113 TYR A CE2 1 
ATOM   817  C CZ  . TYR A 1 109 ? -15.343 -0.509  -11.392 1.00 13.73 ? 113 TYR A CZ  1 
ATOM   818  O OH  . TYR A 1 109 ? -15.838 0.577   -12.077 1.00 19.07 ? 113 TYR A OH  1 
ATOM   819  N N   . SER A 1 110 ? -11.881 -6.234  -8.923  1.00 17.48 ? 114 SER A N   1 
ATOM   820  C CA  . SER A 1 110 ? -11.174 -7.120  -8.021  1.00 15.74 ? 114 SER A CA  1 
ATOM   821  C C   . SER A 1 110 ? -10.227 -6.246  -7.177  1.00 14.43 ? 114 SER A C   1 
ATOM   822  O O   . SER A 1 110 ? -10.032 -5.056  -7.478  1.00 13.29 ? 114 SER A O   1 
ATOM   823  C CB  . SER A 1 110 ? -10.348 -8.144  -8.809  1.00 12.24 ? 114 SER A CB  1 
ATOM   824  O OG  . SER A 1 110 ? -11.198 -9.016  -9.520  1.00 18.78 ? 114 SER A OG  1 
ATOM   825  N N   . ASN A 1 111 ? -9.706  -6.818  -6.089  1.00 11.37 ? 115 ASN A N   1 
ATOM   826  C CA  . ASN A 1 111 ? -8.710  -6.131  -5.277  1.00 14.04 ? 115 ASN A CA  1 
ATOM   827  C C   . ASN A 1 111 ? -7.466  -6.206  -6.162  1.00 12.51 ? 115 ASN A C   1 
ATOM   828  O O   . ASN A 1 111 ? -7.252  -7.224  -6.787  1.00 13.06 ? 115 ASN A O   1 
ATOM   829  C CB  . ASN A 1 111 ? -8.392  -6.925  -4.008  1.00 7.21  ? 115 ASN A CB  1 
ATOM   830  C CG  . ASN A 1 111 ? -9.476  -6.884  -3.001  1.00 9.43  ? 115 ASN A CG  1 
ATOM   831  O OD1 . ASN A 1 111 ? -10.426 -6.109  -3.119  1.00 11.08 ? 115 ASN A OD1 1 
ATOM   832  N ND2 . ASN A 1 111 ? -9.358  -7.725  -1.979  1.00 6.10  ? 115 ASN A ND2 1 
ATOM   833  N N   . TRP A 1 112 ? -6.707  -5.119  -6.264  1.00 6.27  ? 116 TRP A N   1 
ATOM   834  C CA  . TRP A 1 112 ? -5.447  -5.088  -7.015  1.00 8.89  ? 116 TRP A CA  1 
ATOM   835  C C   . TRP A 1 112 ? -4.437  -4.320  -6.157  1.00 7.12  ? 116 TRP A C   1 
ATOM   836  O O   . TRP A 1 112 ? -4.805  -3.537  -5.294  1.00 5.24  ? 116 TRP A O   1 
ATOM   837  C CB  . TRP A 1 112 ? -5.597  -4.300  -8.335  1.00 10.39 ? 116 TRP A CB  1 
ATOM   838  C CG  . TRP A 1 112 ? -6.534  -4.907  -9.385  1.00 15.69 ? 116 TRP A CG  1 
ATOM   839  C CD1 . TRP A 1 112 ? -7.871  -4.621  -9.573  1.00 12.22 ? 116 TRP A CD1 1 
ATOM   840  C CD2 . TRP A 1 112 ? -6.196  -5.893  -10.369 1.00 11.93 ? 116 TRP A CD2 1 
ATOM   841  N NE1 . TRP A 1 112 ? -8.375  -5.382  -10.614 1.00 12.89 ? 116 TRP A NE1 1 
ATOM   842  C CE2 . TRP A 1 112 ? -7.377  -6.166  -11.119 1.00 14.21 ? 116 TRP A CE2 1 
ATOM   843  C CE3 . TRP A 1 112 ? -5.011  -6.563  -10.706 1.00 12.12 ? 116 TRP A CE3 1 
ATOM   844  C CZ2 . TRP A 1 112 ? -7.401  -7.085  -12.180 1.00 15.64 ? 116 TRP A CZ2 1 
ATOM   845  C CZ3 . TRP A 1 112 ? -5.038  -7.473  -11.764 1.00 13.20 ? 116 TRP A CZ3 1 
ATOM   846  C CH2 . TRP A 1 112 ? -6.224  -7.725  -12.485 1.00 12.77 ? 116 TRP A CH2 1 
ATOM   847  N N   . TRP A 1 113 ? -3.159  -4.529  -6.390  1.00 7.99  ? 117 TRP A N   1 
ATOM   848  C CA  . TRP A 1 113 ? -2.141  -3.769  -5.699  1.00 12.55 ? 117 TRP A CA  1 
ATOM   849  C C   . TRP A 1 113 ? -0.976  -3.763  -6.630  1.00 12.59 ? 117 TRP A C   1 
ATOM   850  O O   . TRP A 1 113 ? -0.916  -4.575  -7.545  1.00 11.34 ? 117 TRP A O   1 
ATOM   851  C CB  . TRP A 1 113 ? -1.732  -4.392  -4.358  1.00 5.60  ? 117 TRP A CB  1 
ATOM   852  C CG  . TRP A 1 113 ? -1.179  -5.818  -4.433  1.00 7.87  ? 117 TRP A CG  1 
ATOM   853  C CD1 . TRP A 1 113 ? -1.896  -7.004  -4.482  1.00 10.43 ? 117 TRP A CD1 1 
ATOM   854  C CD2 . TRP A 1 113 ? 0.189   -6.181  -4.388  1.00 9.82  ? 117 TRP A CD2 1 
ATOM   855  N NE1 . TRP A 1 113 ? -1.040  -8.077  -4.458  1.00 5.24  ? 117 TRP A NE1 1 
ATOM   856  C CE2 . TRP A 1 113 ? 0.250   -7.597  -4.399  1.00 8.87  ? 117 TRP A CE2 1 
ATOM   857  C CE3 . TRP A 1 113 ? 1.385   -5.442  -4.354  1.00 8.46  ? 117 TRP A CE3 1 
ATOM   858  C CZ2 . TRP A 1 113 ? 1.466   -8.283  -4.371  1.00 12.97 ? 117 TRP A CZ2 1 
ATOM   859  C CZ3 . TRP A 1 113 ? 2.600   -6.133  -4.330  1.00 12.54 ? 117 TRP A CZ3 1 
ATOM   860  C CH2 . TRP A 1 113 ? 2.625   -7.535  -4.336  1.00 15.03 ? 117 TRP A CH2 1 
ATOM   861  N N   . ASN A 1 114 ? -0.069  -2.823  -6.439  1.00 9.25  ? 118 ASN A N   1 
ATOM   862  C CA  . ASN A 1 114 ? 1.121   -2.752  -7.274  1.00 11.66 ? 118 ASN A CA  1 
ATOM   863  C C   . ASN A 1 114 ? 2.151   -1.929  -6.501  1.00 15.31 ? 118 ASN A C   1 
ATOM   864  O O   . ASN A 1 114 ? 1.809   -1.211  -5.542  1.00 16.74 ? 118 ASN A O   1 
ATOM   865  C CB  . ASN A 1 114 ? 0.785   -2.081  -8.622  1.00 12.63 ? 118 ASN A CB  1 
ATOM   866  C CG  . ASN A 1 114 ? 1.710   -2.516  -9.741  1.00 15.29 ? 118 ASN A CG  1 
ATOM   867  O OD1 . ASN A 1 114 ? 2.741   -3.140  -9.507  1.00 17.46 ? 118 ASN A OD1 1 
ATOM   868  N ND2 . ASN A 1 114 ? 1.349   -2.178  -10.970 1.00 11.81 ? 118 ASN A ND2 1 
ATOM   869  N N   . VAL A 1 115 ? 3.408   -2.059  -6.900  1.00 13.59 ? 119 VAL A N   1 
ATOM   870  C CA  . VAL A 1 115 ? 4.480   -1.314  -6.273  1.00 16.33 ? 119 VAL A CA  1 
ATOM   871  C C   . VAL A 1 115 ? 5.514   -1.017  -7.343  1.00 18.50 ? 119 VAL A C   1 
ATOM   872  O O   . VAL A 1 115 ? 5.801   -1.850  -8.203  1.00 15.02 ? 119 VAL A O   1 
ATOM   873  C CB  . VAL A 1 115 ? 5.090   -2.072  -5.048  1.00 16.14 ? 119 VAL A CB  1 
ATOM   874  C CG1 . VAL A 1 115 ? 5.161   -3.554  -5.331  1.00 14.59 ? 119 VAL A CG1 1 
ATOM   875  C CG2 . VAL A 1 115 ? 6.456   -1.522  -4.713  1.00 16.54 ? 119 VAL A CG2 1 
ATOM   876  N N   . ARG A 1 116 ? 6.027   0.201   -7.332  1.00 20.84 ? 120 ARG A N   1 
ATOM   877  C CA  . ARG A 1 116 ? 7.001   0.570   -8.329  1.00 21.81 ? 120 ARG A CA  1 
ATOM   878  C C   . ARG A 1 116 ? 7.898   1.679   -7.822  1.00 17.87 ? 120 ARG A C   1 
ATOM   879  O O   . ARG A 1 116 ? 7.502   2.458   -6.956  1.00 21.04 ? 120 ARG A O   1 
ATOM   880  C CB  . ARG A 1 116 ? 6.285   1.062   -9.589  1.00 22.89 ? 120 ARG A CB  1 
ATOM   881  C CG  . ARG A 1 116 ? 7.223   1.208   -10.754 1.00 26.14 ? 120 ARG A CG  1 
ATOM   882  C CD  . ARG A 1 116 ? 6.626   2.010   -11.890 1.00 32.82 ? 120 ARG A CD  1 
ATOM   883  N NE  . ARG A 1 116 ? 7.577   2.121   -12.989 1.00 34.47 ? 120 ARG A NE  1 
ATOM   884  C CZ  . ARG A 1 116 ? 7.800   1.147   -13.854 1.00 36.03 ? 120 ARG A CZ  1 
ATOM   885  N NH1 . ARG A 1 116 ? 7.143   -0.003  -13.739 1.00 38.87 ? 120 ARG A NH1 1 
ATOM   886  N NH2 . ARG A 1 116 ? 8.691   1.303   -14.819 1.00 39.87 ? 120 ARG A NH2 1 
ATOM   887  N N   . ILE A 1 117 ? 9.113   1.715   -8.346  1.00 14.30 ? 121 ILE A N   1 
ATOM   888  C CA  . ILE A 1 117 ? 10.037  2.762   -8.028  1.00 16.57 ? 121 ILE A CA  1 
ATOM   889  C C   . ILE A 1 117 ? 10.182  3.612   -9.266  1.00 15.27 ? 121 ILE A C   1 
ATOM   890  O O   . ILE A 1 117 ? 10.449  3.077   -10.349 1.00 14.06 ? 121 ILE A O   1 
ATOM   891  C CB  . ILE A 1 117 ? 11.417  2.225   -7.663  1.00 14.24 ? 121 ILE A CB  1 
ATOM   892  C CG1 . ILE A 1 117 ? 11.326  1.443   -6.362  1.00 12.04 ? 121 ILE A CG1 1 
ATOM   893  C CG2 . ILE A 1 117 ? 12.440  3.413   -7.531  1.00 12.54 ? 121 ILE A CG2 1 
ATOM   894  C CD1 . ILE A 1 117 ? 12.628  0.793   -5.958  1.00 14.83 ? 121 ILE A CD1 1 
ATOM   895  N N   . TYR A 1 118 ? 9.887   4.906   -9.132  1.00 19.40 ? 122 TYR A N   1 
ATOM   896  C CA  . TYR A 1 118 ? 10.030  5.863   -10.230 1.00 19.39 ? 122 TYR A CA  1 
ATOM   897  C C   . TYR A 1 118 ? 11.328  6.609   -10.034 1.00 17.97 ? 122 TYR A C   1 
ATOM   898  O O   . TYR A 1 118 ? 11.768  6.816   -8.907  1.00 19.53 ? 122 TYR A O   1 
ATOM   899  C CB  . TYR A 1 118 ? 8.915   6.905   -10.204 1.00 21.24 ? 122 TYR A CB  1 
ATOM   900  C CG  . TYR A 1 118 ? 7.552   6.387   -10.608 1.00 22.26 ? 122 TYR A CG  1 
ATOM   901  C CD1 . TYR A 1 118 ? 6.749   5.694   -9.697  1.00 16.44 ? 122 TYR A CD1 1 
ATOM   902  C CD2 . TYR A 1 118 ? 7.059   6.610   -11.906 1.00 19.60 ? 122 TYR A CD2 1 
ATOM   903  C CE1 . TYR A 1 118 ? 5.491   5.235   -10.062 1.00 20.17 ? 122 TYR A CE1 1 
ATOM   904  C CE2 . TYR A 1 118 ? 5.804   6.155   -12.280 1.00 20.02 ? 122 TYR A CE2 1 
ATOM   905  C CZ  . TYR A 1 118 ? 5.021   5.473   -11.358 1.00 18.82 ? 122 TYR A CZ  1 
ATOM   906  O OH  . TYR A 1 118 ? 3.760   5.080   -11.717 1.00 21.98 ? 122 TYR A OH  1 
ATOM   907  N N   . LYS A 1 119 ? 11.894  7.094   -11.128 1.00 18.55 ? 123 LYS A N   1 
ATOM   908  C CA  . LYS A 1 119 ? 13.140  7.844   -11.074 1.00 20.52 ? 123 LYS A CA  1 
ATOM   909  C C   . LYS A 1 119 ? 12.807  9.264   -10.605 1.00 21.61 ? 123 LYS A C   1 
ATOM   910  O O   . LYS A 1 119 ? 11.927  9.920   -11.171 1.00 23.21 ? 123 LYS A O   1 
ATOM   911  C CB  . LYS A 1 119 ? 13.770  7.880   -12.476 1.00 22.41 ? 123 LYS A CB  1 
ATOM   912  C CG  . LYS A 1 119 ? 15.215  8.375   -12.512 1.00 23.98 ? 123 LYS A CG  1 
ATOM   913  C CD  . LYS A 1 119 ? 15.314  9.874   -12.765 0.00 42.77 ? 123 LYS A CD  1 
ATOM   914  C CE  . LYS A 1 119 ? 16.769  10.313  -12.817 0.00 43.86 ? 123 LYS A CE  1 
ATOM   915  N NZ  . LYS A 1 119 ? 16.960  11.763  -12.531 0.00 46.40 ? 123 LYS A NZ  1 
ATOM   916  N N   . GLY A 1 120 ? 13.519  9.744   -9.592  1.00 19.04 ? 124 GLY A N   1 
ATOM   917  C CA  . GLY A 1 120 ? 13.271  11.081  -9.090  1.00 14.67 ? 124 GLY A CA  1 
ATOM   918  C C   . GLY A 1 120 ? 12.068  11.183  -8.184  1.00 20.89 ? 124 GLY A C   1 
ATOM   919  O O   . GLY A 1 120 ? 11.408  10.174  -7.858  1.00 20.51 ? 124 GLY A O   1 
ATOM   920  N N   . LYS A 1 121 ? 11.773  12.419  -7.788  1.00 23.97 ? 125 LYS A N   1 
ATOM   921  C CA  . LYS A 1 121 ? 10.669  12.705  -6.898  1.00 27.53 ? 125 LYS A CA  1 
ATOM   922  C C   . LYS A 1 121 ? 9.410   12.840  -7.724  1.00 28.00 ? 125 LYS A C   1 
ATOM   923  O O   . LYS A 1 121 ? 9.339   13.690  -8.601  1.00 32.64 ? 125 LYS A O   1 
ATOM   924  C CB  . LYS A 1 121 ? 10.916  13.997  -6.102  1.00 30.04 ? 125 LYS A CB  1 
ATOM   925  C CG  . LYS A 1 121 ? 9.764   14.331  -5.151  1.00 32.69 ? 125 LYS A CG  1 
ATOM   926  C CD  . LYS A 1 121 ? 9.374   15.785  -5.213  1.00 33.85 ? 125 LYS A CD  1 
ATOM   927  C CE  . LYS A 1 121 ? 9.812   16.534  -3.969  1.00 35.28 ? 125 LYS A CE  1 
ATOM   928  N NZ  . LYS A 1 121 ? 11.295  16.513  -3.874  1.00 39.03 ? 125 LYS A NZ  1 
ATOM   929  N N   . ARG A 1 122 ? 8.445   11.963  -7.456  1.00 29.09 ? 126 ARG A N   1 
ATOM   930  C CA  . ARG A 1 122 ? 7.174   11.927  -8.154  1.00 28.29 ? 126 ARG A CA  1 
ATOM   931  C C   . ARG A 1 122 ? 6.057   11.766  -7.138  1.00 26.93 ? 126 ARG A C   1 
ATOM   932  O O   . ARG A 1 122 ? 5.970   10.750  -6.453  1.00 26.31 ? 126 ARG A O   1 
ATOM   933  C CB  . ARG A 1 122 ? 7.139   10.750  -9.128  1.00 31.08 ? 126 ARG A CB  1 
ATOM   934  C CG  . ARG A 1 122 ? 8.001   10.933  -10.362 1.00 36.65 ? 126 ARG A CG  1 
ATOM   935  C CD  . ARG A 1 122 ? 7.205   11.622  -11.484 1.00 39.04 ? 126 ARG A CD  1 
ATOM   936  N NE  . ARG A 1 122 ? 5.910   10.985  -11.744 1.00 40.13 ? 126 ARG A NE  1 
ATOM   937  C CZ  . ARG A 1 122 ? 5.727   10.017  -12.638 1.00 42.22 ? 126 ARG A CZ  1 
ATOM   938  N NH1 . ARG A 1 122 ? 6.765   9.586   -13.348 1.00 44.01 ? 126 ARG A NH1 1 
ATOM   939  N NH2 . ARG A 1 122 ? 4.512   9.509   -12.856 1.00 40.35 ? 126 ARG A NH2 1 
ATOM   940  N N   . ARG A 1 123 ? 5.220   12.781  -7.021  1.00 23.79 ? 127 ARG A N   1 
ATOM   941  C CA  . ARG A 1 123 ? 4.112   12.719  -6.097  1.00 26.15 ? 127 ARG A CA  1 
ATOM   942  C C   . ARG A 1 123 ? 2.976   11.838  -6.623  1.00 21.71 ? 127 ARG A C   1 
ATOM   943  O O   . ARG A 1 123 ? 2.796   11.685  -7.827  1.00 22.41 ? 127 ARG A O   1 
ATOM   944  C CB  . ARG A 1 123 ? 3.608   14.114  -5.820  1.00 29.68 ? 127 ARG A CB  1 
ATOM   945  C CG  . ARG A 1 123 ? 4.619   14.980  -5.132  1.00 34.43 ? 127 ARG A CG  1 
ATOM   946  C CD  . ARG A 1 123 ? 3.965   16.297  -4.728  1.00 40.60 ? 127 ARG A CD  1 
ATOM   947  N NE  . ARG A 1 123 ? 3.733   16.339  -3.289  1.00 43.45 ? 127 ARG A NE  1 
ATOM   948  C CZ  . ARG A 1 123 ? 4.659   16.687  -2.404  1.00 43.85 ? 127 ARG A CZ  1 
ATOM   949  N NH1 . ARG A 1 123 ? 5.869   17.043  -2.819  1.00 44.50 ? 127 ARG A NH1 1 
ATOM   950  N NH2 . ARG A 1 123 ? 4.407   16.576  -1.110  1.00 44.34 ? 127 ARG A NH2 1 
ATOM   951  N N   . ALA A 1 124 ? 2.279   11.172  -5.717  1.00 21.87 ? 128 ALA A N   1 
ATOM   952  C CA  . ALA A 1 124 ? 1.153   10.330  -6.117  1.00 24.12 ? 128 ALA A CA  1 
ATOM   953  C C   . ALA A 1 124 ? 0.050   11.241  -6.650  1.00 22.89 ? 128 ALA A C   1 
ATOM   954  O O   . ALA A 1 124 ? -0.170  12.326  -6.098  1.00 23.71 ? 128 ALA A O   1 
ATOM   955  C CB  . ALA A 1 124 ? 0.643   9.555   -4.925  1.00 17.54 ? 128 ALA A CB  1 
ATOM   956  N N   . ASP A 1 125 ? -0.602  10.817  -7.734  1.00 22.32 ? 129 ASP A N   1 
ATOM   957  C CA  . ASP A 1 125 ? -1.719  11.540  -8.326  1.00 24.34 ? 129 ASP A CA  1 
ATOM   958  C C   . ASP A 1 125 ? -2.529  10.577  -9.219  1.00 25.52 ? 129 ASP A C   1 
ATOM   959  O O   . ASP A 1 125 ? -2.170  9.391   -9.347  1.00 25.43 ? 129 ASP A O   1 
ATOM   960  C CB  . ASP A 1 125 ? -1.232  12.772  -9.115  1.00 19.59 ? 129 ASP A CB  1 
ATOM   961  C CG  . ASP A 1 125 ? -0.192  12.431  -10.189 1.00 21.29 ? 129 ASP A CG  1 
ATOM   962  O OD1 . ASP A 1 125 ? -0.134  11.286  -10.696 1.00 19.38 ? 129 ASP A OD1 1 
ATOM   963  O OD2 . ASP A 1 125 ? 0.581   13.335  -10.542 1.00 25.33 ? 129 ASP A OD2 1 
ATOM   964  N N   . GLN A 1 126 ? -3.600  11.087  -9.835  1.00 27.11 ? 130 GLN A N   1 
ATOM   965  C CA  . GLN A 1 126 ? -4.467  10.304  -10.722 1.00 29.25 ? 130 GLN A CA  1 
ATOM   966  C C   . GLN A 1 126 ? -3.692  9.669   -11.874 1.00 28.70 ? 130 GLN A C   1 
ATOM   967  O O   . GLN A 1 126 ? -3.965  8.539   -12.264 1.00 29.36 ? 130 GLN A O   1 
ATOM   968  C CB  . GLN A 1 126 ? -5.589  11.198  -11.277 1.00 32.92 ? 130 GLN A CB  1 
ATOM   969  C CG  . GLN A 1 126 ? -6.400  10.588  -12.416 1.00 35.56 ? 130 GLN A CG  1 
ATOM   970  C CD  . GLN A 1 126 ? -7.777  10.119  -11.979 1.00 39.65 ? 130 GLN A CD  1 
ATOM   971  O OE1 . GLN A 1 126 ? -8.002  9.825   -10.806 1.00 39.50 ? 130 GLN A OE1 1 
ATOM   972  N NE2 . GLN A 1 126 ? -8.701  10.017  -12.931 1.00 42.14 ? 130 GLN A NE2 1 
ATOM   973  N N   . ARG A 1 127 ? -2.714  10.397  -12.407 1.00 29.63 ? 131 ARG A N   1 
ATOM   974  C CA  . ARG A 1 127 ? -1.887  9.895   -13.502 1.00 30.78 ? 131 ARG A CA  1 
ATOM   975  C C   . ARG A 1 127 ? -1.109  8.643   -13.089 1.00 28.26 ? 131 ARG A C   1 
ATOM   976  O O   . ARG A 1 127 ? -0.947  7.722   -13.888 1.00 29.11 ? 131 ARG A O   1 
ATOM   977  C CB  . ARG A 1 127 ? -0.884  10.963  -13.941 1.00 37.21 ? 131 ARG A CB  1 
ATOM   978  C CG  . ARG A 1 127 ? -1.133  11.551  -15.313 1.00 42.40 ? 131 ARG A CG  1 
ATOM   979  C CD  . ARG A 1 127 ? 0.181   11.826  -16.036 1.00 46.17 ? 131 ARG A CD  1 
ATOM   980  N NE  . ARG A 1 127 ? 1.122   10.717  -15.888 1.00 50.58 ? 131 ARG A NE  1 
ATOM   981  C CZ  . ARG A 1 127 ? 0.915   9.485   -16.356 1.00 52.22 ? 131 ARG A CZ  1 
ATOM   982  N NH1 . ARG A 1 127 ? -0.211  9.199   -17.007 1.00 52.13 ? 131 ARG A NH1 1 
ATOM   983  N NH2 . ARG A 1 127 ? 1.838   8.543   -16.174 1.00 53.88 ? 131 ARG A NH2 1 
ATOM   984  N N   . MET A 1 128 ? -0.550  8.662   -11.876 1.00 27.55 ? 132 MET A N   1 
ATOM   985  C CA  . MET A 1 128 ? 0.227   7.530   -11.348 1.00 24.64 ? 132 MET A CA  1 
ATOM   986  C C   . MET A 1 128 ? -0.724  6.376   -11.031 1.00 20.42 ? 132 MET A C   1 
ATOM   987  O O   . MET A 1 128 ? -0.370  5.219   -11.215 1.00 22.92 ? 132 MET A O   1 
ATOM   988  C CB  . MET A 1 128 ? 1.008   7.943   -10.083 1.00 25.01 ? 132 MET A CB  1 
ATOM   989  C CG  . MET A 1 128 ? 1.972   6.886   -9.586  1.00 22.46 ? 132 MET A CG  1 
ATOM   990  S SD  . MET A 1 128 ? 2.769   7.241   -7.997  1.00 24.91 ? 132 MET A SD  1 
ATOM   991  C CE  . MET A 1 128 ? 4.061   8.435   -8.484  1.00 17.92 ? 132 MET A CE  1 
ATOM   992  N N   . TYR A 1 129 ? -1.921  6.693   -10.544 1.00 15.28 ? 133 TYR A N   1 
ATOM   993  C CA  . TYR A 1 129 ? -2.936  5.669   -10.253 1.00 16.81 ? 133 TYR A CA  1 
ATOM   994  C C   . TYR A 1 129 ? -3.266  4.869   -11.527 1.00 19.40 ? 133 TYR A C   1 
ATOM   995  O O   . TYR A 1 129 ? -3.112  3.617   -11.569 1.00 14.54 ? 133 TYR A O   1 
ATOM   996  C CB  . TYR A 1 129 ? -4.204  6.342   -9.709  1.00 18.14 ? 133 TYR A CB  1 
ATOM   997  C CG  . TYR A 1 129 ? -5.468  5.525   -9.863  1.00 20.69 ? 133 TYR A CG  1 
ATOM   998  C CD1 . TYR A 1 129 ? -5.664  4.351   -9.131  1.00 19.45 ? 133 TYR A CD1 1 
ATOM   999  C CD2 . TYR A 1 129 ? -6.444  5.888   -10.804 1.00 21.56 ? 133 TYR A CD2 1 
ATOM   1000 C CE1 . TYR A 1 129 ? -6.803  3.550   -9.346  1.00 21.18 ? 133 TYR A CE1 1 
ATOM   1001 C CE2 . TYR A 1 129 ? -7.572  5.099   -11.020 1.00 22.54 ? 133 TYR A CE2 1 
ATOM   1002 C CZ  . TYR A 1 129 ? -7.743  3.934   -10.293 1.00 22.23 ? 133 TYR A CZ  1 
ATOM   1003 O OH  . TYR A 1 129 ? -8.853  3.147   -10.539 1.00 29.77 ? 133 TYR A OH  1 
ATOM   1004 N N   . GLU A 1 130 ? -3.652  5.606   -12.578 1.00 22.50 ? 134 GLU A N   1 
ATOM   1005 C CA  . GLU A 1 130 ? -4.019  5.027   -13.879 1.00 25.92 ? 134 GLU A CA  1 
ATOM   1006 C C   . GLU A 1 130 ? -2.916  4.162   -14.449 1.00 22.63 ? 134 GLU A C   1 
ATOM   1007 O O   . GLU A 1 130 ? -3.170  3.055   -14.923 1.00 25.33 ? 134 GLU A O   1 
ATOM   1008 C CB  . GLU A 1 130 ? -4.381  6.124   -14.891 1.00 29.11 ? 134 GLU A CB  1 
ATOM   1009 C CG  . GLU A 1 130 ? -5.836  6.633   -14.794 1.00 34.27 ? 134 GLU A CG  1 
ATOM   1010 C CD  . GLU A 1 130 ? -6.066  8.013   -15.447 1.00 37.04 ? 134 GLU A CD  1 
ATOM   1011 O OE1 . GLU A 1 130 ? -5.186  8.498   -16.195 1.00 38.54 ? 134 GLU A OE1 1 
ATOM   1012 O OE2 . GLU A 1 130 ? -7.135  8.614   -15.198 1.00 35.96 ? 134 GLU A OE2 1 
ATOM   1013 N N   . GLU A 1 131 ? -1.685  4.646   -14.329 1.00 21.02 ? 135 GLU A N   1 
ATOM   1014 C CA  . GLU A 1 131 ? -0.516  3.941   -14.821 1.00 22.38 ? 135 GLU A CA  1 
ATOM   1015 C C   . GLU A 1 131 ? -0.330  2.615   -14.061 1.00 19.47 ? 135 GLU A C   1 
ATOM   1016 O O   . GLU A 1 131 ? -0.252  1.550   -14.659 1.00 20.15 ? 135 GLU A O   1 
ATOM   1017 C CB  . GLU A 1 131 ? 0.694   4.840   -14.625 1.00 26.35 ? 135 GLU A CB  1 
ATOM   1018 C CG  . GLU A 1 131 ? 1.821   4.632   -15.601 1.00 30.69 ? 135 GLU A CG  1 
ATOM   1019 C CD  . GLU A 1 131 ? 3.039   5.454   -15.228 1.00 34.32 ? 135 GLU A CD  1 
ATOM   1020 O OE1 . GLU A 1 131 ? 2.840   6.530   -14.621 1.00 34.51 ? 135 GLU A OE1 1 
ATOM   1021 O OE2 . GLU A 1 131 ? 4.187   5.025   -15.527 1.00 38.19 ? 135 GLU A OE2 1 
ATOM   1022 N N   . LEU A 1 132 ? -0.288  2.696   -12.737 1.00 12.74 ? 136 LEU A N   1 
ATOM   1023 C CA  . LEU A 1 132 ? -0.098  1.518   -11.884 1.00 17.27 ? 136 LEU A CA  1 
ATOM   1024 C C   . LEU A 1 132 ? -1.239  0.516   -11.991 1.00 17.34 ? 136 LEU A C   1 
ATOM   1025 O O   . LEU A 1 132 ? -1.010  -0.696  -11.883 1.00 14.16 ? 136 LEU A O   1 
ATOM   1026 C CB  . LEU A 1 132 ? 0.062   1.939   -10.407 1.00 10.85 ? 136 LEU A CB  1 
ATOM   1027 C CG  . LEU A 1 132 ? 1.306   2.764   -10.040 1.00 16.92 ? 136 LEU A CG  1 
ATOM   1028 C CD1 . LEU A 1 132 ? 1.148   3.413   -8.669  1.00 13.11 ? 136 LEU A CD1 1 
ATOM   1029 C CD2 . LEU A 1 132 ? 2.527   1.891   -10.072 1.00 14.11 ? 136 LEU A CD2 1 
ATOM   1030 N N   . TYR A 1 133 ? -2.456  1.026   -12.203 1.00 14.25 ? 137 TYR A N   1 
ATOM   1031 C CA  . TYR A 1 133 ? -3.665  0.184   -12.285 1.00 14.90 ? 137 TYR A CA  1 
ATOM   1032 C C   . TYR A 1 133 ? -3.884  -0.509  -13.623 1.00 14.32 ? 137 TYR A C   1 
ATOM   1033 O O   . TYR A 1 133 ? -4.129  -1.702  -13.651 1.00 14.91 ? 137 TYR A O   1 
ATOM   1034 C CB  . TYR A 1 133 ? -4.925  1.009   -11.969 1.00 11.70 ? 137 TYR A CB  1 
ATOM   1035 C CG  . TYR A 1 133 ? -6.178  0.193   -11.705 1.00 14.16 ? 137 TYR A CG  1 
ATOM   1036 C CD1 . TYR A 1 133 ? -6.943  -0.330  -12.755 1.00 14.69 ? 137 TYR A CD1 1 
ATOM   1037 C CD2 . TYR A 1 133 ? -6.598  -0.068  -10.405 1.00 13.48 ? 137 TYR A CD2 1 
ATOM   1038 C CE1 . TYR A 1 133 ? -8.110  -1.098  -12.509 1.00 12.53 ? 137 TYR A CE1 1 
ATOM   1039 C CE2 . TYR A 1 133 ? -7.730  -0.824  -10.157 1.00 13.34 ? 137 TYR A CE2 1 
ATOM   1040 C CZ  . TYR A 1 133 ? -8.484  -1.333  -11.212 1.00 10.17 ? 137 TYR A CZ  1 
ATOM   1041 O OH  . TYR A 1 133 ? -9.614  -2.048  -10.932 1.00 7.91  ? 137 TYR A OH  1 
ATOM   1042 N N   . TYR A 1 134 ? -3.786  0.228   -14.726 1.00 16.63 ? 138 TYR A N   1 
ATOM   1043 C CA  . TYR A 1 134 ? -4.072  -0.334  -16.058 1.00 14.10 ? 138 TYR A CA  1 
ATOM   1044 C C   . TYR A 1 134 ? -2.877  -0.673  -16.930 1.00 17.16 ? 138 TYR A C   1 
ATOM   1045 O O   . TYR A 1 134 ? -2.924  -1.593  -17.736 1.00 20.40 ? 138 TYR A O   1 
ATOM   1046 C CB  . TYR A 1 134 ? -4.933  0.658   -16.852 1.00 15.49 ? 138 TYR A CB  1 
ATOM   1047 C CG  . TYR A 1 134 ? -6.256  0.995   -16.220 1.00 10.29 ? 138 TYR A CG  1 
ATOM   1048 C CD1 . TYR A 1 134 ? -7.296  0.081   -16.219 1.00 9.26  ? 138 TYR A CD1 1 
ATOM   1049 C CD2 . TYR A 1 134 ? -6.464  2.242   -15.624 1.00 14.67 ? 138 TYR A CD2 1 
ATOM   1050 C CE1 . TYR A 1 134 ? -8.527  0.388   -15.641 1.00 12.18 ? 138 TYR A CE1 1 
ATOM   1051 C CE2 . TYR A 1 134 ? -7.689  2.560   -15.039 1.00 11.54 ? 138 TYR A CE2 1 
ATOM   1052 C CZ  . TYR A 1 134 ? -8.717  1.623   -15.055 1.00 12.67 ? 138 TYR A CZ  1 
ATOM   1053 O OH  . TYR A 1 134 ? -9.924  1.925   -14.474 1.00 19.50 ? 138 TYR A OH  1 
ATOM   1054 N N   . ASN A 1 135 ? -1.821  0.108   -16.811 1.00 15.34 ? 139 ASN A N   1 
ATOM   1055 C CA  . ASN A 1 135 ? -0.671  -0.073  -17.666 1.00 19.90 ? 139 ASN A CA  1 
ATOM   1056 C C   . ASN A 1 135 ? 0.518   -0.829  -17.119 1.00 22.51 ? 139 ASN A C   1 
ATOM   1057 O O   . ASN A 1 135 ? 1.275   -1.401  -17.904 1.00 21.68 ? 139 ASN A O   1 
ATOM   1058 C CB  . ASN A 1 135 ? -0.209  1.298   -18.179 1.00 23.70 ? 139 ASN A CB  1 
ATOM   1059 C CG  . ASN A 1 135 ? -1.231  1.945   -19.101 1.00 29.34 ? 139 ASN A CG  1 
ATOM   1060 O OD1 . ASN A 1 135 ? -2.019  1.248   -19.761 1.00 31.11 ? 139 ASN A OD1 1 
ATOM   1061 N ND2 . ASN A 1 135 ? -1.210  3.274   -19.180 1.00 28.45 ? 139 ASN A ND2 1 
ATOM   1062 N N   . LEU A 1 136 ? 0.657   -0.889  -15.794 1.00 22.66 ? 140 LEU A N   1 
ATOM   1063 C CA  . LEU A 1 136 ? 1.831   -1.517  -15.190 1.00 20.11 ? 140 LEU A CA  1 
ATOM   1064 C C   . LEU A 1 136 ? 1.688   -2.857  -14.486 1.00 22.47 ? 140 LEU A C   1 
ATOM   1065 O O   . LEU A 1 136 ? 2.324   -3.111  -13.448 1.00 20.74 ? 140 LEU A O   1 
ATOM   1066 C CB  . LEU A 1 136 ? 2.533   -0.519  -14.277 1.00 14.91 ? 140 LEU A CB  1 
ATOM   1067 C CG  . LEU A 1 136 ? 3.007   0.713   -15.028 1.00 17.30 ? 140 LEU A CG  1 
ATOM   1068 C CD1 . LEU A 1 136 ? 3.474   1.804   -14.052 1.00 13.70 ? 140 LEU A CD1 1 
ATOM   1069 C CD2 . LEU A 1 136 ? 4.111   0.300   -16.007 1.00 14.37 ? 140 LEU A CD2 1 
ATOM   1070 N N   . SER A 1 137 ? 0.852   -3.712  -15.060 1.00 22.38 ? 141 SER A N   1 
ATOM   1071 C CA  . SER A 1 137 ? 0.644   -5.069  -14.572 1.00 23.38 ? 141 SER A CA  1 
ATOM   1072 C C   . SER A 1 137 ? 0.461   -5.203  -13.078 1.00 19.86 ? 141 SER A C   1 
ATOM   1073 O O   . SER A 1 137 ? 1.289   -5.793  -12.401 1.00 18.59 ? 141 SER A O   1 
ATOM   1074 C CB  . SER A 1 137 ? 1.813   -5.956  -15.003 1.00 24.56 ? 141 SER A CB  1 
ATOM   1075 O OG  . SER A 1 137 ? 2.030   -5.857  -16.405 1.00 30.92 ? 141 SER A OG  1 
ATOM   1076 N N   . PRO A 1 138 ? -0.671  -4.732  -12.563 1.00 19.06 ? 142 PRO A N   1 
ATOM   1077 C CA  . PRO A 1 138 ? -0.874  -4.857  -11.122 1.00 16.40 ? 142 PRO A CA  1 
ATOM   1078 C C   . PRO A 1 138 ? -1.118  -6.320  -10.766 1.00 17.80 ? 142 PRO A C   1 
ATOM   1079 O O   . PRO A 1 138 ? -1.357  -7.151  -11.646 1.00 16.91 ? 142 PRO A O   1 
ATOM   1080 C CB  . PRO A 1 138 ? -2.109  -3.964  -10.866 1.00 13.75 ? 142 PRO A CB  1 
ATOM   1081 C CG  . PRO A 1 138 ? -2.829  -3.933  -12.218 1.00 16.36 ? 142 PRO A CG  1 
ATOM   1082 C CD  . PRO A 1 138 ? -1.633  -3.790  -13.156 1.00 18.34 ? 142 PRO A CD  1 
ATOM   1083 N N   . PHE A 1 139 ? -0.991  -6.645  -9.483  1.00 12.48 ? 143 PHE A N   1 
ATOM   1084 C CA  . PHE A 1 139 ? -1.232  -7.997  -9.021  1.00 13.01 ? 143 PHE A CA  1 
ATOM   1085 C C   . PHE A 1 139 ? -2.630  -7.947  -8.484  1.00 13.35 ? 143 PHE A C   1 
ATOM   1086 O O   . PHE A 1 139 ? -3.029  -6.945  -7.900  1.00 15.23 ? 143 PHE A O   1 
ATOM   1087 C CB  . PHE A 1 139 ? -0.281  -8.364  -7.870  1.00 13.08 ? 143 PHE A CB  1 
ATOM   1088 C CG  . PHE A 1 139 ? 1.145   -8.477  -8.278  1.00 9.84  ? 143 PHE A CG  1 
ATOM   1089 C CD1 . PHE A 1 139 ? 1.574   -9.560  -9.008  1.00 9.35  ? 143 PHE A CD1 1 
ATOM   1090 C CD2 . PHE A 1 139 ? 2.059   -7.507  -7.928  1.00 12.67 ? 143 PHE A CD2 1 
ATOM   1091 C CE1 . PHE A 1 139 ? 2.895   -9.683  -9.388  1.00 12.86 ? 143 PHE A CE1 1 
ATOM   1092 C CE2 . PHE A 1 139 ? 3.379   -7.618  -8.300  1.00 10.81 ? 143 PHE A CE2 1 
ATOM   1093 C CZ  . PHE A 1 139 ? 3.804   -8.711  -9.034  1.00 13.53 ? 143 PHE A CZ  1 
ATOM   1094 N N   . ARG A 1 140 ? -3.339  -9.059  -8.595  1.00 13.37 ? 144 ARG A N   1 
ATOM   1095 C CA  . ARG A 1 140 ? -4.713  -9.189  -8.121  1.00 18.19 ? 144 ARG A CA  1 
ATOM   1096 C C   . ARG A 1 140 ? -4.684  -9.646  -6.655  1.00 19.96 ? 144 ARG A C   1 
ATOM   1097 O O   . ARG A 1 140 ? -3.751  -10.353 -6.235  1.00 21.19 ? 144 ARG A O   1 
ATOM   1098 C CB  . ARG A 1 140 ? -5.416  -10.240 -9.005  1.00 24.23 ? 144 ARG A CB  1 
ATOM   1099 C CG  . ARG A 1 140 ? -6.953  -10.353 -8.880  1.00 28.77 ? 144 ARG A CG  1 
ATOM   1100 C CD  . ARG A 1 140 ? -7.543  -11.395 -9.883  1.00 33.56 ? 144 ARG A CD  1 
ATOM   1101 N NE  . ARG A 1 140 ? -6.859  -11.410 -11.183 1.00 40.83 ? 144 ARG A NE  1 
ATOM   1102 C CZ  . ARG A 1 140 ? -7.414  -11.067 -12.353 1.00 43.94 ? 144 ARG A CZ  1 
ATOM   1103 N NH1 . ARG A 1 140 ? -8.686  -10.674 -12.422 1.00 43.85 ? 144 ARG A NH1 1 
ATOM   1104 N NH2 . ARG A 1 140 ? -6.689  -11.108 -13.470 1.00 44.73 ? 144 ARG A NH2 1 
ATOM   1105 N N   . GLY A 1 141 ? -5.671  -9.224  -5.874  1.00 13.47 ? 145 GLY A N   1 
ATOM   1106 C CA  . GLY A 1 141 ? -5.761  -9.658  -4.488  1.00 15.29 ? 145 GLY A CA  1 
ATOM   1107 C C   . GLY A 1 141 ? -6.316  -11.062 -4.578  1.00 15.92 ? 145 GLY A C   1 
ATOM   1108 O O   . GLY A 1 141 ? -7.548  -11.248 -4.649  1.00 16.21 ? 145 GLY A O   1 
ATOM   1109 N N   . ASP A 1 142 ? -5.407  -12.034 -4.639  1.00 13.11 ? 146 ASP A N   1 
ATOM   1110 C CA  . ASP A 1 142 ? -5.748  -13.447 -4.814  1.00 13.59 ? 146 ASP A CA  1 
ATOM   1111 C C   . ASP A 1 142 ? -5.302  -14.400 -3.696  1.00 15.47 ? 146 ASP A C   1 
ATOM   1112 O O   . ASP A 1 142 ? -5.352  -15.618 -3.883  1.00 11.31 ? 146 ASP A O   1 
ATOM   1113 C CB  . ASP A 1 142 ? -5.116  -13.933 -6.128  1.00 14.98 ? 146 ASP A CB  1 
ATOM   1114 C CG  . ASP A 1 142 ? -3.596  -13.727 -6.169  1.00 15.47 ? 146 ASP A CG  1 
ATOM   1115 O OD1 . ASP A 1 142 ? -2.988  -13.546 -5.085  1.00 13.07 ? 146 ASP A OD1 1 
ATOM   1116 O OD2 . ASP A 1 142 ? -2.984  -13.744 -7.281  1.00 18.55 ? 146 ASP A OD2 1 
ATOM   1117 N N   . ASN A 1 143 ? -4.836  -13.858 -2.571  1.00 17.10 ? 147 ASN A N   1 
ATOM   1118 C CA  . ASN A 1 143 ? -4.355  -14.675 -1.450  1.00 17.15 ? 147 ASN A CA  1 
ATOM   1119 C C   . ASN A 1 143 ? -3.003  -15.290 -1.808  1.00 14.05 ? 147 ASN A C   1 
ATOM   1120 O O   . ASN A 1 143 ? -2.541  -16.217 -1.165  1.00 14.71 ? 147 ASN A O   1 
ATOM   1121 C CB  . ASN A 1 143 ? -5.335  -15.804 -1.085  1.00 15.19 ? 147 ASN A CB  1 
ATOM   1122 C CG  . ASN A 1 143 ? -6.631  -15.310 -0.493  1.00 18.44 ? 147 ASN A CG  1 
ATOM   1123 O OD1 . ASN A 1 143 ? -6.755  -14.156 -0.082  1.00 18.38 ? 147 ASN A OD1 1 
ATOM   1124 N ND2 . ASN A 1 143 ? -7.587  -16.216 -0.365  1.00 20.57 ? 147 ASN A ND2 1 
ATOM   1125 N N   . GLY A 1 144 ? -2.342  -14.728 -2.809  1.00 12.60 ? 148 GLY A N   1 
ATOM   1126 C CA  . GLY A 1 144 ? -1.049  -15.248 -3.204  1.00 10.85 ? 148 GLY A CA  1 
ATOM   1127 C C   . GLY A 1 144 ? 0.069   -14.250 -2.971  1.00 16.55 ? 148 GLY A C   1 
ATOM   1128 O O   . GLY A 1 144 ? -0.185  -13.050 -2.849  1.00 14.53 ? 148 GLY A O   1 
ATOM   1129 N N   . TRP A 1 145 ? 1.292   -14.772 -2.797  1.00 17.69 ? 149 TRP A N   1 
ATOM   1130 C CA  . TRP A 1 145 ? 2.496   -13.963 -2.646  1.00 16.97 ? 149 TRP A CA  1 
ATOM   1131 C C   . TRP A 1 145 ? 3.059   -13.798 -4.063  1.00 20.43 ? 149 TRP A C   1 
ATOM   1132 O O   . TRP A 1 145 ? 3.075   -14.757 -4.843  1.00 17.37 ? 149 TRP A O   1 
ATOM   1133 C CB  . TRP A 1 145 ? 3.564   -14.698 -1.792  1.00 15.33 ? 149 TRP A CB  1 
ATOM   1134 C CG  . TRP A 1 145 ? 3.380   -14.566 -0.307  1.00 18.11 ? 149 TRP A CG  1 
ATOM   1135 C CD1 . TRP A 1 145 ? 2.668   -15.398 0.495   1.00 17.71 ? 149 TRP A CD1 1 
ATOM   1136 C CD2 . TRP A 1 145 ? 3.796   -13.463 0.526   1.00 20.18 ? 149 TRP A CD2 1 
ATOM   1137 N NE1 . TRP A 1 145 ? 2.581   -14.876 1.765   1.00 22.26 ? 149 TRP A NE1 1 
ATOM   1138 C CE2 . TRP A 1 145 ? 3.261   -13.690 1.812   1.00 23.09 ? 149 TRP A CE2 1 
ATOM   1139 C CE3 . TRP A 1 145 ? 4.560   -12.308 0.301   1.00 20.73 ? 149 TRP A CE3 1 
ATOM   1140 C CZ2 . TRP A 1 145 ? 3.454   -12.803 2.879   1.00 21.80 ? 149 TRP A CZ2 1 
ATOM   1141 C CZ3 . TRP A 1 145 ? 4.759   -11.422 1.359   1.00 21.66 ? 149 TRP A CZ3 1 
ATOM   1142 C CH2 . TRP A 1 145 ? 4.204   -11.675 2.632   1.00 24.47 ? 149 TRP A CH2 1 
ATOM   1143 N N   . HIS A 1 146 ? 3.495   -12.593 -4.406  1.00 20.31 ? 150 HIS A N   1 
ATOM   1144 C CA  . HIS A 1 146 ? 4.067   -12.332 -5.719  1.00 20.95 ? 150 HIS A CA  1 
ATOM   1145 C C   . HIS A 1 146 ? 5.352   -11.545 -5.540  1.00 20.17 ? 150 HIS A C   1 
ATOM   1146 O O   . HIS A 1 146 ? 5.414   -10.668 -4.679  1.00 23.01 ? 150 HIS A O   1 
ATOM   1147 C CB  . HIS A 1 146 ? 3.111   -11.510 -6.583  1.00 22.76 ? 150 HIS A CB  1 
ATOM   1148 C CG  . HIS A 1 146 ? 1.761   -12.131 -6.752  1.00 25.53 ? 150 HIS A CG  1 
ATOM   1149 N ND1 . HIS A 1 146 ? 0.738   -11.932 -5.851  1.00 29.02 ? 150 HIS A ND1 1 
ATOM   1150 C CD2 . HIS A 1 146 ? 1.271   -12.957 -7.709  1.00 22.38 ? 150 HIS A CD2 1 
ATOM   1151 C CE1 . HIS A 1 146 ? -0.329  -12.603 -6.247  1.00 28.24 ? 150 HIS A CE1 1 
ATOM   1152 N NE2 . HIS A 1 146 ? -0.034  -13.232 -7.370  1.00 27.00 ? 150 HIS A NE2 1 
ATOM   1153 N N   . THR A 1 147 ? 6.368   -11.881 -6.329  1.00 20.89 ? 151 THR A N   1 
ATOM   1154 C CA  . THR A 1 147 ? 7.664   -11.198 -6.299  1.00 24.96 ? 151 THR A CA  1 
ATOM   1155 C C   . THR A 1 147 ? 7.833   -10.343 -7.556  1.00 24.59 ? 151 THR A C   1 
ATOM   1156 O O   . THR A 1 147 ? 7.579   -10.795 -8.673  1.00 26.52 ? 151 THR A O   1 
ATOM   1157 C CB  . THR A 1 147 ? 8.865   -12.188 -6.208  1.00 25.79 ? 151 THR A CB  1 
ATOM   1158 O OG1 . THR A 1 147 ? 8.608   -13.199 -5.227  1.00 30.98 ? 151 THR A OG1 1 
ATOM   1159 C CG2 . THR A 1 147 ? 10.129  -11.442 -5.779  1.00 27.71 ? 151 THR A CG2 1 
ATOM   1160 N N   . ARG A 1 148 ? 8.289   -9.110  -7.367  1.00 25.72 ? 152 ARG A N   1 
ATOM   1161 C CA  . ARG A 1 148 ? 8.477   -8.177  -8.464  1.00 22.72 ? 152 ARG A CA  1 
ATOM   1162 C C   . ARG A 1 148 ? 9.822   -7.456  -8.335  1.00 22.84 ? 152 ARG A C   1 
ATOM   1163 O O   . ARG A 1 148 ? 10.088  -6.748  -7.358  1.00 17.26 ? 152 ARG A O   1 
ATOM   1164 C CB  . ARG A 1 148 ? 7.298   -7.193  -8.463  1.00 21.41 ? 152 ARG A CB  1 
ATOM   1165 C CG  . ARG A 1 148 ? 7.451   -5.895  -9.241  1.00 24.47 ? 152 ARG A CG  1 
ATOM   1166 C CD  . ARG A 1 148 ? 7.205   -6.043  -10.747 1.00 24.13 ? 152 ARG A CD  1 
ATOM   1167 N NE  . ARG A 1 148 ? 5.979   -6.744  -11.124 1.00 21.76 ? 152 ARG A NE  1 
ATOM   1168 C CZ  . ARG A 1 148 ? 4.811   -6.151  -11.370 1.00 24.40 ? 152 ARG A CZ  1 
ATOM   1169 N NH1 . ARG A 1 148 ? 4.688   -4.841  -11.266 1.00 26.71 ? 152 ARG A NH1 1 
ATOM   1170 N NH2 . ARG A 1 148 ? 3.778   -6.864  -11.783 1.00 24.68 ? 152 ARG A NH2 1 
ATOM   1171 N N   . ASN A 1 149 ? 10.699  -7.704  -9.297  1.00 24.02 ? 153 ASN A N   1 
ATOM   1172 C CA  . ASN A 1 149 ? 11.992  -7.046  -9.323  1.00 23.56 ? 153 ASN A CA  1 
ATOM   1173 C C   . ASN A 1 149 ? 11.690  -5.569  -9.580  1.00 22.84 ? 153 ASN A C   1 
ATOM   1174 O O   . ASN A 1 149 ? 10.997  -5.236  -10.554 1.00 28.54 ? 153 ASN A O   1 
ATOM   1175 C CB  . ASN A 1 149 ? 12.831  -7.627  -10.448 1.00 29.80 ? 153 ASN A CB  1 
ATOM   1176 C CG  . ASN A 1 149 ? 14.215  -7.004  -10.523 1.00 29.74 ? 153 ASN A CG  1 
ATOM   1177 O OD1 . ASN A 1 149 ? 14.442  -5.875  -10.061 1.00 30.60 ? 153 ASN A OD1 1 
ATOM   1178 N ND2 . ASN A 1 149 ? 15.141  -7.731  -11.120 1.00 31.47 ? 153 ASN A ND2 1 
ATOM   1179 N N   . LEU A 1 150 ? 12.170  -4.691  -8.699  1.00 21.15 ? 154 LEU A N   1 
ATOM   1180 C CA  . LEU A 1 150 ? 11.886  -3.260  -8.802  1.00 18.24 ? 154 LEU A CA  1 
ATOM   1181 C C   . LEU A 1 150 ? 12.943  -2.467  -9.534  1.00 20.96 ? 154 LEU A C   1 
ATOM   1182 O O   . LEU A 1 150 ? 12.722  -1.311  -9.946  1.00 14.77 ? 154 LEU A O   1 
ATOM   1183 C CB  . LEU A 1 150 ? 11.716  -2.662  -7.391  1.00 13.91 ? 154 LEU A CB  1 
ATOM   1184 C CG  . LEU A 1 150 ? 10.547  -3.123  -6.517  1.00 14.59 ? 154 LEU A CG  1 
ATOM   1185 C CD1 . LEU A 1 150 ? 10.683  -2.543  -5.130  1.00 9.53  ? 154 LEU A CD1 1 
ATOM   1186 C CD2 . LEU A 1 150 ? 9.269   -2.667  -7.180  1.00 10.17 ? 154 LEU A CD2 1 
ATOM   1187 N N   . GLY A 1 151 ? 14.094  -3.097  -9.714  1.00 17.53 ? 155 GLY A N   1 
ATOM   1188 C CA  . GLY A 1 151 ? 15.195  -2.407  -10.339 1.00 18.69 ? 155 GLY A CA  1 
ATOM   1189 C C   . GLY A 1 151 ? 15.932  -1.637  -9.246  1.00 15.60 ? 155 GLY A C   1 
ATOM   1190 O O   . GLY A 1 151 ? 15.451  -1.504  -8.113  1.00 15.24 ? 155 GLY A O   1 
ATOM   1191 N N   . TYR A 1 152 ? 17.110  -1.131  -9.583  1.00 15.20 ? 156 TYR A N   1 
ATOM   1192 C CA  . TYR A 1 152 ? 17.906  -0.341  -8.637  1.00 19.88 ? 156 TYR A CA  1 
ATOM   1193 C C   . TYR A 1 152 ? 18.381  -1.187  -7.471  1.00 17.24 ? 156 TYR A C   1 
ATOM   1194 O O   . TYR A 1 152 ? 18.483  -0.695  -6.357  1.00 16.18 ? 156 TYR A O   1 
ATOM   1195 C CB  . TYR A 1 152 ? 17.085  0.816   -8.082  1.00 16.16 ? 156 TYR A CB  1 
ATOM   1196 C CG  . TYR A 1 152 ? 16.472  1.710   -9.140  1.00 22.00 ? 156 TYR A CG  1 
ATOM   1197 C CD1 . TYR A 1 152 ? 17.276  2.490   -9.978  1.00 22.76 ? 156 TYR A CD1 1 
ATOM   1198 C CD2 . TYR A 1 152 ? 15.090  1.808   -9.278  1.00 18.48 ? 156 TYR A CD2 1 
ATOM   1199 C CE1 . TYR A 1 152 ? 16.705  3.352   -10.921 1.00 21.54 ? 156 TYR A CE1 1 
ATOM   1200 C CE2 . TYR A 1 152 ? 14.519  2.651   -10.209 1.00 18.55 ? 156 TYR A CE2 1 
ATOM   1201 C CZ  . TYR A 1 152 ? 15.321  3.424   -11.028 1.00 19.13 ? 156 TYR A CZ  1 
ATOM   1202 O OH  . TYR A 1 152 ? 14.720  4.264   -11.946 1.00 16.72 ? 156 TYR A OH  1 
ATOM   1203 N N   . GLY A 1 153 ? 18.624  -2.467  -7.741  1.00 15.77 ? 157 GLY A N   1 
ATOM   1204 C CA  . GLY A 1 153 ? 19.090  -3.377  -6.718  1.00 17.75 ? 157 GLY A CA  1 
ATOM   1205 C C   . GLY A 1 153 ? 18.051  -3.791  -5.700  1.00 16.06 ? 157 GLY A C   1 
ATOM   1206 O O   . GLY A 1 153 ? 18.409  -4.345  -4.672  1.00 21.30 ? 157 GLY A O   1 
ATOM   1207 N N   . LEU A 1 154 ? 16.766  -3.589  -5.977  1.00 17.56 ? 158 LEU A N   1 
ATOM   1208 C CA  . LEU A 1 154 ? 15.745  -3.949  -5.002  1.00 16.83 ? 158 LEU A CA  1 
ATOM   1209 C C   . LEU A 1 154 ? 14.637  -4.830  -5.553  1.00 17.26 ? 158 LEU A C   1 
ATOM   1210 O O   . LEU A 1 154 ? 14.425  -4.897  -6.758  1.00 21.78 ? 158 LEU A O   1 
ATOM   1211 C CB  . LEU A 1 154 ? 15.136  -2.689  -4.371  1.00 18.12 ? 158 LEU A CB  1 
ATOM   1212 C CG  . LEU A 1 154 ? 16.107  -1.860  -3.527  1.00 19.48 ? 158 LEU A CG  1 
ATOM   1213 C CD1 . LEU A 1 154 ? 15.588  -0.443  -3.258  1.00 16.84 ? 158 LEU A CD1 1 
ATOM   1214 C CD2 . LEU A 1 154 ? 16.386  -2.627  -2.245  1.00 16.37 ? 158 LEU A CD2 1 
ATOM   1215 N N   . LYS A 1 155 ? 14.039  -5.617  -4.669  1.00 18.07 ? 159 LYS A N   1 
ATOM   1216 C CA  . LYS A 1 155 ? 12.944  -6.478  -5.042  1.00 24.05 ? 159 LYS A CA  1 
ATOM   1217 C C   . LYS A 1 155 ? 11.827  -6.329  -4.035  1.00 18.92 ? 159 LYS A C   1 
ATOM   1218 O O   . LYS A 1 155 ? 12.036  -5.845  -2.923  1.00 18.13 ? 159 LYS A O   1 
ATOM   1219 C CB  . LYS A 1 155 ? 13.390  -7.938  -5.154  1.00 26.44 ? 159 LYS A CB  1 
ATOM   1220 C CG  . LYS A 1 155 ? 14.053  -8.513  -3.930  0.00 34.51 ? 159 LYS A CG  1 
ATOM   1221 C CD  . LYS A 1 155 ? 14.698  -9.838  -4.281  0.00 38.23 ? 159 LYS A CD  1 
ATOM   1222 C CE  . LYS A 1 155 ? 13.757  -10.993 -4.008  0.00 42.17 ? 159 LYS A CE  1 
ATOM   1223 N NZ  . LYS A 1 155 ? 14.400  -11.994 -3.123  0.00 45.18 ? 159 LYS A NZ  1 
ATOM   1224 N N   . SER A 1 156 ? 10.654  -6.787  -4.434  1.00 15.81 ? 160 SER A N   1 
ATOM   1225 C CA  . SER A 1 156 ? 9.444   -6.698  -3.638  1.00 18.02 ? 160 SER A CA  1 
ATOM   1226 C C   . SER A 1 156 ? 8.816   -8.059  -3.596  1.00 12.44 ? 160 SER A C   1 
ATOM   1227 O O   . SER A 1 156 ? 8.922   -8.824  -4.540  1.00 25.12 ? 160 SER A O   1 
ATOM   1228 C CB  . SER A 1 156 ? 8.468   -5.747  -4.342  1.00 23.11 ? 160 SER A CB  1 
ATOM   1229 O OG  . SER A 1 156 ? 7.272   -5.560  -3.603  1.00 26.20 ? 160 SER A OG  1 
ATOM   1230 N N   . ARG A 1 157 ? 8.096   -8.333  -2.526  1.00 14.04 ? 161 ARG A N   1 
ATOM   1231 C CA  . ARG A 1 157 ? 7.401   -9.592  -2.339  1.00 15.35 ? 161 ARG A CA  1 
ATOM   1232 C C   . ARG A 1 157 ? 6.176   -9.185  -1.549  1.00 15.14 ? 161 ARG A C   1 
ATOM   1233 O O   . ARG A 1 157 ? 6.288   -8.648  -0.452  1.00 20.32 ? 161 ARG A O   1 
ATOM   1234 C CB  . ARG A 1 157 ? 8.279   -10.523 -1.511  1.00 17.99 ? 161 ARG A CB  1 
ATOM   1235 C CG  . ARG A 1 157 ? 7.713   -11.918 -1.313  1.00 28.78 ? 161 ARG A CG  1 
ATOM   1236 C CD  . ARG A 1 157 ? 7.996   -12.399 0.102   1.00 33.06 ? 161 ARG A CD  1 
ATOM   1237 N NE  . ARG A 1 157 ? 7.690   -13.817 0.324   1.00 39.14 ? 161 ARG A NE  1 
ATOM   1238 C CZ  . ARG A 1 157 ? 7.325   -14.315 1.504   1.00 39.14 ? 161 ARG A CZ  1 
ATOM   1239 N NH1 . ARG A 1 157 ? 7.220   -13.508 2.558   1.00 37.91 ? 161 ARG A NH1 1 
ATOM   1240 N NH2 . ARG A 1 157 ? 7.107   -15.619 1.645   1.00 39.49 ? 161 ARG A NH2 1 
ATOM   1241 N N   . GLY A 1 158 ? 4.999   -9.387  -2.109  1.00 11.79 ? 162 GLY A N   1 
ATOM   1242 C CA  . GLY A 1 158 ? 3.823   -8.969  -1.383  1.00 9.80  ? 162 GLY A CA  1 
ATOM   1243 C C   . GLY A 1 158 ? 2.686   -9.948  -1.450  1.00 12.18 ? 162 GLY A C   1 
ATOM   1244 O O   . GLY A 1 158 ? 2.644   -10.818 -2.328  1.00 9.27  ? 162 GLY A O   1 
ATOM   1245 N N   . PHE A 1 159 ? 1.692   -9.666  -0.618  1.00 8.06  ? 163 PHE A N   1 
ATOM   1246 C CA  . PHE A 1 159 ? 0.494   -10.472 -0.497  1.00 12.32 ? 163 PHE A CA  1 
ATOM   1247 C C   . PHE A 1 159 ? -0.694  -9.525  -0.296  1.00 11.14 ? 163 PHE A C   1 
ATOM   1248 O O   . PHE A 1 159 ? -0.532  -8.442  0.229   1.00 11.07 ? 163 PHE A O   1 
ATOM   1249 C CB  . PHE A 1 159 ? 0.638   -11.365 0.737   1.00 13.23 ? 163 PHE A CB  1 
ATOM   1250 C CG  . PHE A 1 159 ? -0.603  -12.133 1.124   1.00 12.45 ? 163 PHE A CG  1 
ATOM   1251 C CD1 . PHE A 1 159 ? -1.564  -11.561 1.945   1.00 13.05 ? 163 PHE A CD1 1 
ATOM   1252 C CD2 . PHE A 1 159 ? -0.768  -13.451 0.726   1.00 15.69 ? 163 PHE A CD2 1 
ATOM   1253 C CE1 . PHE A 1 159 ? -2.676  -12.291 2.372   1.00 14.34 ? 163 PHE A CE1 1 
ATOM   1254 C CE2 . PHE A 1 159 ? -1.883  -14.194 1.150   1.00 14.19 ? 163 PHE A CE2 1 
ATOM   1255 C CZ  . PHE A 1 159 ? -2.832  -13.609 1.974   1.00 15.44 ? 163 PHE A CZ  1 
ATOM   1256 N N   . MET A 1 160 ? -1.880  -9.986  -0.680  1.00 8.81  ? 164 MET A N   1 
ATOM   1257 C CA  . MET A 1 160 ? -3.127  -9.247  -0.504  1.00 10.01 ? 164 MET A CA  1 
ATOM   1258 C C   . MET A 1 160 ? -4.244  -10.280 -0.578  1.00 11.58 ? 164 MET A C   1 
ATOM   1259 O O   . MET A 1 160 ? -4.233  -11.141 -1.462  1.00 9.33  ? 164 MET A O   1 
ATOM   1260 C CB  . MET A 1 160 ? -3.321  -8.193  -1.596  1.00 7.72  ? 164 MET A CB  1 
ATOM   1261 C CG  . MET A 1 160 ? -4.567  -7.340  -1.379  1.00 10.89 ? 164 MET A CG  1 
ATOM   1262 S SD  . MET A 1 160 ? -4.834  -6.050  -2.602  1.00 5.24  ? 164 MET A SD  1 
ATOM   1263 C CE  . MET A 1 160 ? -6.133  -5.103  -1.798  1.00 5.54  ? 164 MET A CE  1 
ATOM   1264 N N   . ASN A 1 161 ? -5.185  -10.231 0.360   1.00 14.57 ? 165 ASN A N   1 
ATOM   1265 C CA  . ASN A 1 161 ? -6.279  -11.226 0.346   1.00 14.06 ? 165 ASN A CA  1 
ATOM   1266 C C   . ASN A 1 161 ? -7.340  -10.834 -0.698  1.00 13.11 ? 165 ASN A C   1 
ATOM   1267 O O   . ASN A 1 161 ? -7.214  -9.787  -1.331  1.00 15.90 ? 165 ASN A O   1 
ATOM   1268 C CB  . ASN A 1 161 ? -6.948  -11.364 1.723   1.00 8.83  ? 165 ASN A CB  1 
ATOM   1269 C CG  . ASN A 1 161 ? -7.510  -10.077 2.197   1.00 14.38 ? 165 ASN A CG  1 
ATOM   1270 O OD1 . ASN A 1 161 ? -7.049  -9.018  1.780   1.00 18.34 ? 165 ASN A OD1 1 
ATOM   1271 N ND2 . ASN A 1 161 ? -8.521  -10.129 3.055   1.00 13.40 ? 165 ASN A ND2 1 
ATOM   1272 N N   . SER A 1 162 ? -8.435  -11.596 -0.774  1.00 15.62 ? 166 SER A N   1 
ATOM   1273 C CA  . SER A 1 162 ? -9.449  -11.314 -1.776  1.00 17.93 ? 166 SER A CA  1 
ATOM   1274 C C   . SER A 1 162 ? -10.783 -10.709 -1.309  1.00 16.70 ? 166 SER A C   1 
ATOM   1275 O O   . SER A 1 162 ? -11.657 -10.438 -2.128  1.00 21.18 ? 166 SER A O   1 
ATOM   1276 C CB  . SER A 1 162 ? -9.683  -12.560 -2.635  1.00 15.74 ? 166 SER A CB  1 
ATOM   1277 O OG  . SER A 1 162 ? -9.940  -13.691 -1.830  1.00 18.78 ? 166 SER A OG  1 
ATOM   1278 N N   . SER A 1 163 ? -10.907 -10.418 -0.013  1.00 14.83 ? 167 SER A N   1 
ATOM   1279 C CA  . SER A 1 163 ? -12.141 -9.873  0.503   1.00 13.09 ? 167 SER A CA  1 
ATOM   1280 C C   . SER A 1 163 ? -12.089 -8.350  0.743   1.00 11.50 ? 167 SER A C   1 
ATOM   1281 O O   . SER A 1 163 ? -11.014 -7.750  0.735   1.00 11.14 ? 167 SER A O   1 
ATOM   1282 C CB  . SER A 1 163 ? -12.538 -10.604 1.773   1.00 15.43 ? 167 SER A CB  1 
ATOM   1283 O OG  . SER A 1 163 ? -11.623 -10.327 2.826   1.00 20.17 ? 167 SER A OG  1 
ATOM   1284 N N   . GLY A 1 164 ? -13.256 -7.762  0.990   1.00 13.35 ? 168 GLY A N   1 
ATOM   1285 C CA  . GLY A 1 164 ? -13.354 -6.340  1.232   1.00 12.22 ? 168 GLY A CA  1 
ATOM   1286 C C   . GLY A 1 164 ? -12.427 -5.937  2.365   1.00 12.49 ? 168 GLY A C   1 
ATOM   1287 O O   . GLY A 1 164 ? -11.652 -4.995  2.221   1.00 15.93 ? 168 GLY A O   1 
ATOM   1288 N N   . HIS A 1 165 ? -12.507 -6.639  3.492   1.00 15.50 ? 169 HIS A N   1 
ATOM   1289 C CA  . HIS A 1 165 ? -11.629 -6.337  4.630   1.00 13.18 ? 169 HIS A CA  1 
ATOM   1290 C C   . HIS A 1 165 ? -10.276 -6.833  4.262   1.00 13.02 ? 169 HIS A C   1 
ATOM   1291 O O   . HIS A 1 165 ? -9.931  -7.990  4.514   1.00 19.16 ? 169 HIS A O   1 
ATOM   1292 C CB  . HIS A 1 165 ? -12.165 -7.039  5.892   1.00 12.65 ? 169 HIS A CB  1 
ATOM   1293 C CG  . HIS A 1 165 ? -13.447 -6.443  6.365   1.00 19.52 ? 169 HIS A CG  1 
ATOM   1294 N ND1 . HIS A 1 165 ? -14.184 -6.955  7.416   1.00 20.91 ? 169 HIS A ND1 1 
ATOM   1295 C CD2 . HIS A 1 165 ? -14.148 -5.385  5.890   1.00 16.28 ? 169 HIS A CD2 1 
ATOM   1296 C CE1 . HIS A 1 165 ? -15.287 -6.237  7.560   1.00 19.43 ? 169 HIS A CE1 1 
ATOM   1297 N NE2 . HIS A 1 165 ? -15.287 -5.280  6.648   1.00 18.51 ? 169 HIS A NE2 1 
ATOM   1298 N N   . ALA A 1 166 ? -9.593  -6.011  3.481   1.00 8.53  ? 170 ALA A N   1 
ATOM   1299 C CA  . ALA A 1 166 ? -8.317  -6.402  2.942   1.00 12.64 ? 170 ALA A CA  1 
ATOM   1300 C C   . ALA A 1 166 ? -7.074  -6.047  3.710   1.00 10.54 ? 170 ALA A C   1 
ATOM   1301 O O   . ALA A 1 166 ? -6.995  -5.006  4.379   1.00 11.23 ? 170 ALA A O   1 
ATOM   1302 C CB  . ALA A 1 166 ? -8.208  -5.865  1.532   1.00 7.62  ? 170 ALA A CB  1 
ATOM   1303 N N   . ILE A 1 167 ? -6.062  -6.886  3.558   1.00 10.50 ? 171 ILE A N   1 
ATOM   1304 C CA  . ILE A 1 167 ? -4.799  -6.574  4.198   1.00 11.66 ? 171 ILE A CA  1 
ATOM   1305 C C   . ILE A 1 167 ? -3.786  -6.672  3.092   1.00 9.46  ? 171 ILE A C   1 
ATOM   1306 O O   . ILE A 1 167 ? -3.884  -7.558  2.233   1.00 10.84 ? 171 ILE A O   1 
ATOM   1307 C CB  . ILE A 1 167 ? -4.441  -7.546  5.358   1.00 14.71 ? 171 ILE A CB  1 
ATOM   1308 C CG1 . ILE A 1 167 ? -4.188  -8.942  4.832   1.00 12.26 ? 171 ILE A CG1 1 
ATOM   1309 C CG2 . ILE A 1 167 ? -5.540  -7.577  6.404   1.00 13.77 ? 171 ILE A CG2 1 
ATOM   1310 C CD1 . ILE A 1 167 ? -2.730  -9.251  4.834   1.00 21.42 ? 171 ILE A CD1 1 
ATOM   1311 N N   . LEU A 1 168 ? -2.844  -5.743  3.070   1.00 5.24  ? 172 LEU A N   1 
ATOM   1312 C CA  . LEU A 1 168 ? -1.817  -5.781  2.050   1.00 14.32 ? 172 LEU A CA  1 
ATOM   1313 C C   . LEU A 1 168 ? -0.449  -5.763  2.728   1.00 8.92  ? 172 LEU A C   1 
ATOM   1314 O O   . LEU A 1 168 ? -0.125  -4.813  3.432   1.00 9.65  ? 172 LEU A O   1 
ATOM   1315 C CB  . LEU A 1 168 ? -1.995  -4.583  1.117   1.00 11.29 ? 172 LEU A CB  1 
ATOM   1316 C CG  . LEU A 1 168 ? -0.919  -4.327  0.065   1.00 12.39 ? 172 LEU A CG  1 
ATOM   1317 C CD1 . LEU A 1 168 ? -0.753  -5.498  -0.872  1.00 8.12  ? 172 LEU A CD1 1 
ATOM   1318 C CD2 . LEU A 1 168 ? -1.296  -3.038  -0.689  1.00 11.19 ? 172 LEU A CD2 1 
ATOM   1319 N N   . GLU A 1 169 ? 0.331   -6.835  2.559   1.00 8.18  ? 173 GLU A N   1 
ATOM   1320 C CA  . GLU A 1 169 ? 1.655   -6.924  3.173   1.00 13.80 ? 173 GLU A CA  1 
ATOM   1321 C C   . GLU A 1 169 ? 2.765   -6.938  2.133   1.00 13.95 ? 173 GLU A C   1 
ATOM   1322 O O   . GLU A 1 169 ? 2.873   -7.871  1.332   1.00 17.01 ? 173 GLU A O   1 
ATOM   1323 C CB  . GLU A 1 169 ? 1.755   -8.179  4.059   1.00 12.51 ? 173 GLU A CB  1 
ATOM   1324 C CG  . GLU A 1 169 ? 3.077   -8.278  4.842   1.00 15.99 ? 173 GLU A CG  1 
ATOM   1325 C CD  . GLU A 1 169 ? 3.155   -9.486  5.775   1.00 15.36 ? 173 GLU A CD  1 
ATOM   1326 O OE1 . GLU A 1 169 ? 2.157   -9.828  6.410   1.00 16.47 ? 173 GLU A OE1 1 
ATOM   1327 O OE2 . GLU A 1 169 ? 4.241   -10.081 5.907   1.00 23.23 ? 173 GLU A OE2 1 
ATOM   1328 N N   . ILE A 1 170 ? 3.667   -5.965  2.223   1.00 9.85  ? 174 ILE A N   1 
ATOM   1329 C CA  . ILE A 1 170 ? 4.739   -5.857  1.246   1.00 11.04 ? 174 ILE A CA  1 
ATOM   1330 C C   . ILE A 1 170 ? 6.101   -5.789  1.928   1.00 13.50 ? 174 ILE A C   1 
ATOM   1331 O O   . ILE A 1 170 ? 6.238   -5.138  2.975   1.00 9.36  ? 174 ILE A O   1 
ATOM   1332 C CB  . ILE A 1 170 ? 4.526   -4.571  0.388   1.00 12.51 ? 174 ILE A CB  1 
ATOM   1333 C CG1 . ILE A 1 170 ? 3.239   -4.681  -0.432  1.00 16.55 ? 174 ILE A CG1 1 
ATOM   1334 C CG2 . ILE A 1 170 ? 5.688   -4.315  -0.527  1.00 13.56 ? 174 ILE A CG2 1 
ATOM   1335 C CD1 . ILE A 1 170 ? 2.958   -3.499  -1.320  1.00 10.47 ? 174 ILE A CD1 1 
ATOM   1336 N N   . HIS A 1 171 ? 7.091   -6.440  1.325   1.00 12.96 ? 175 HIS A N   1 
ATOM   1337 C CA  . HIS A 1 171 ? 8.458   -6.435  1.828   1.00 14.72 ? 175 HIS A CA  1 
ATOM   1338 C C   . HIS A 1 171 ? 9.358   -5.980  0.689   1.00 13.72 ? 175 HIS A C   1 
ATOM   1339 O O   . HIS A 1 171 ? 9.317   -6.545  -0.402  1.00 8.65  ? 175 HIS A O   1 
ATOM   1340 C CB  . HIS A 1 171 ? 8.890   -7.835  2.278   1.00 15.28 ? 175 HIS A CB  1 
ATOM   1341 C CG  . HIS A 1 171 ? 8.129   -8.357  3.457   1.00 16.87 ? 175 HIS A CG  1 
ATOM   1342 N ND1 . HIS A 1 171 ? 8.517   -8.127  4.758   1.00 16.55 ? 175 HIS A ND1 1 
ATOM   1343 C CD2 . HIS A 1 171 ? 6.993   -9.090  3.529   1.00 19.12 ? 175 HIS A CD2 1 
ATOM   1344 C CE1 . HIS A 1 171 ? 7.654   -8.693  5.581   1.00 18.40 ? 175 HIS A CE1 1 
ATOM   1345 N NE2 . HIS A 1 171 ? 6.719   -9.282  4.860   1.00 20.08 ? 175 HIS A NE2 1 
ATOM   1346 N N   . VAL A 1 172 ? 10.122  -4.920  0.924   1.00 14.92 ? 176 VAL A N   1 
ATOM   1347 C CA  . VAL A 1 172 ? 11.039  -4.417  -0.080  1.00 13.70 ? 176 VAL A CA  1 
ATOM   1348 C C   . VAL A 1 172 ? 12.441  -4.748  0.440   1.00 20.20 ? 176 VAL A C   1 
ATOM   1349 O O   . VAL A 1 172 ? 12.853  -4.261  1.506   1.00 19.12 ? 176 VAL A O   1 
ATOM   1350 C CB  . VAL A 1 172 ? 10.869  -2.905  -0.265  1.00 13.57 ? 176 VAL A CB  1 
ATOM   1351 C CG1 . VAL A 1 172 ? 11.854  -2.375  -1.329  1.00 12.86 ? 176 VAL A CG1 1 
ATOM   1352 C CG2 . VAL A 1 172 ? 9.416   -2.607  -0.690  1.00 12.64 ? 176 VAL A CG2 1 
ATOM   1353 N N   . SER A 1 173 ? 13.141  -5.623  -0.273  1.00 18.51 ? 177 SER A N   1 
ATOM   1354 C CA  . SER A 1 173 ? 14.470  -6.067  0.133   1.00 22.56 ? 177 SER A CA  1 
ATOM   1355 C C   . SER A 1 173 ? 15.488  -5.955  -0.999  1.00 24.68 ? 177 SER A C   1 
ATOM   1356 O O   . SER A 1 173 ? 15.121  -5.809  -2.160  1.00 24.76 ? 177 SER A O   1 
ATOM   1357 C CB  . SER A 1 173 ? 14.382  -7.535  0.564   1.00 24.31 ? 177 SER A CB  1 
ATOM   1358 O OG  . SER A 1 173 ? 14.080  -8.383  -0.555  1.00 26.38 ? 177 SER A OG  1 
ATOM   1359 N N   . LYS A 1 174 ? 16.767  -6.075  -0.666  1.00 28.33 ? 178 LYS A N   1 
ATOM   1360 C CA  . LYS A 1 174 ? 17.828  -6.003  -1.673  1.00 31.33 ? 178 LYS A CA  1 
ATOM   1361 C C   . LYS A 1 174 ? 17.795  -7.233  -2.572  1.00 33.79 ? 178 LYS A C   1 
ATOM   1362 O O   . LYS A 1 174 ? 17.594  -8.358  -2.089  1.00 30.55 ? 178 LYS A O   1 
ATOM   1363 C CB  . LYS A 1 174 ? 19.198  -5.917  -1.007  1.00 30.22 ? 178 LYS A CB  1 
ATOM   1364 C CG  . LYS A 1 174 ? 19.422  -4.655  -0.181  1.00 34.37 ? 178 LYS A CG  1 
ATOM   1365 C CD  . LYS A 1 174 ? 20.901  -4.296  -0.183  1.00 33.72 ? 178 LYS A CD  1 
ATOM   1366 C CE  . LYS A 1 174 ? 21.177  -3.077  0.663   1.00 39.26 ? 178 LYS A CE  1 
ATOM   1367 N NZ  . LYS A 1 174 ? 22.404  -2.369  0.187   1.00 41.55 ? 178 LYS A NZ  1 
ATOM   1368 N N   . ALA A 1 175 ? 18.020  -7.019  -3.866  1.00 31.97 ? 179 ALA A N   1 
ATOM   1369 C CA  . ALA A 1 175 ? 18.027  -8.111  -4.832  1.00 37.90 ? 179 ALA A CA  1 
ATOM   1370 C C   . ALA A 1 175 ? 19.382  -8.797  -4.782  1.00 39.89 ? 179 ALA A C   1 
ATOM   1371 O O   . ALA A 1 175 ? 20.368  -8.075  -4.504  1.00 43.19 ? 179 ALA A O   1 
ATOM   1372 C CB  . ALA A 1 175 ? 17.754  -7.587  -6.250  1.00 35.17 ? 179 ALA A CB  1 
ATOM   1373 O OXT . ALA A 1 175 ? 19.442  -10.028 -5.023  1.00 38.98 ? 179 ALA A OXT 1 
HETATM 1374 O O   . HOH B 2 .   ? 17.536  10.247  -8.220  1.00 48.90 ? 180 HOH A O   1 
HETATM 1375 O O   . HOH B 2 .   ? 10.560  13.068  -13.583 1.00 52.92 ? 181 HOH A O   1 
HETATM 1376 O O   . HOH B 2 .   ? 10.084  -9.215  -12.249 1.00 25.09 ? 182 HOH A O   1 
HETATM 1377 O O   . HOH B 2 .   ? 12.629  22.356  -3.453  1.00 52.72 ? 183 HOH A O   1 
HETATM 1378 O O   . HOH B 2 .   ? 15.745  13.503  -2.446  1.00 55.38 ? 184 HOH A O   1 
HETATM 1379 O O   . HOH B 2 .   ? 13.925  16.842  -2.854  1.00 41.10 ? 185 HOH A O   1 
HETATM 1380 O O   . HOH B 2 .   ? 6.031   -2.443  -12.711 1.00 56.03 ? 186 HOH A O   1 
HETATM 1381 O O   . HOH B 2 .   ? -2.401  13.958  -12.597 1.00 31.04 ? 187 HOH A O   1 
HETATM 1382 O O   . HOH B 2 .   ? -7.985  -4.470  -15.879 1.00 36.57 ? 188 HOH A O   1 
HETATM 1383 O O   . HOH B 2 .   ? -6.337  -3.799  -13.606 1.00 37.59 ? 189 HOH A O   1 
HETATM 1384 O O   . HOH B 2 .   ? -10.128 1.515   -8.908  1.00 41.73 ? 190 HOH A O   1 
HETATM 1385 O O   . HOH B 2 .   ? -10.496 -2.345  -8.060  1.00 20.84 ? 191 HOH A O   1 
HETATM 1386 O O   . HOH B 2 .   ? 4.782   -10.958 13.964  1.00 40.34 ? 192 HOH A O   1 
HETATM 1387 O O   . HOH B 2 .   ? -14.477 2.447   -9.977  1.00 32.68 ? 193 HOH A O   1 
HETATM 1388 O O   . HOH B 2 .   ? -13.948 -9.802  -8.679  1.00 39.52 ? 194 HOH A O   1 
HETATM 1389 O O   . HOH B 2 .   ? 1.941   -12.542 14.264  1.00 30.25 ? 195 HOH A O   1 
HETATM 1390 O O   . HOH B 2 .   ? -13.151 -14.129 -3.299  1.00 46.91 ? 196 HOH A O   1 
HETATM 1391 O O   . HOH B 2 .   ? -17.313 -0.345  -6.795  1.00 38.96 ? 197 HOH A O   1 
HETATM 1392 O O   . HOH B 2 .   ? -2.220  11.340  14.597  1.00 52.48 ? 198 HOH A O   1 
HETATM 1393 O O   . HOH B 2 .   ? -23.543 2.895   -12.677 1.00 42.83 ? 199 HOH A O   1 
HETATM 1394 O O   . HOH B 2 .   ? -15.422 5.279   -0.694  1.00 28.50 ? 200 HOH A O   1 
HETATM 1395 O O   . HOH B 2 .   ? -25.642 -2.563  -13.263 1.00 45.28 ? 201 HOH A O   1 
HETATM 1396 O O   . HOH B 2 .   ? -18.779 9.001   -3.967  1.00 55.35 ? 202 HOH A O   1 
HETATM 1397 O O   . HOH B 2 .   ? -23.418 -5.292  -9.736  1.00 51.05 ? 203 HOH A O   1 
HETATM 1398 O O   . HOH B 2 .   ? -19.323 -9.195  -0.341  1.00 54.03 ? 204 HOH A O   1 
HETATM 1399 O O   . HOH B 2 .   ? -10.509 7.504   13.773  1.00 57.17 ? 205 HOH A O   1 
HETATM 1400 O O   . HOH B 2 .   ? -6.483  1.745   17.492  1.00 55.40 ? 206 HOH A O   1 
HETATM 1401 O O   . HOH B 2 .   ? -14.034 -6.492  10.578  1.00 57.61 ? 207 HOH A O   1 
HETATM 1402 O O   . HOH B 2 .   ? -24.916 -0.380  -2.326  1.00 53.88 ? 208 HOH A O   1 
HETATM 1403 O O   . HOH B 2 .   ? -20.542 0.486   5.157   1.00 19.82 ? 209 HOH A O   1 
HETATM 1404 O O   . HOH B 2 .   ? -24.409 7.754   5.358   1.00 54.50 ? 210 HOH A O   1 
HETATM 1405 O O   . HOH B 2 .   ? -18.905 0.886   12.975  1.00 49.61 ? 211 HOH A O   1 
HETATM 1406 O O   . HOH B 2 .   ? 19.531  4.561   -6.936  1.00 49.78 ? 212 HOH A O   1 
HETATM 1407 O O   . HOH B 2 .   ? 12.568  18.207  -7.023  1.00 53.93 ? 213 HOH A O   1 
HETATM 1408 O O   . HOH B 2 .   ? 13.419  -6.189  12.426  1.00 40.60 ? 214 HOH A O   1 
HETATM 1409 O O   . HOH B 2 .   ? -10.520 -9.505  -5.075  1.00 28.30 ? 215 HOH A O   1 
HETATM 1410 O O   . HOH B 2 .   ? -3.007  9.975   4.964   1.00 42.51 ? 216 HOH A O   1 
HETATM 1411 O O   . HOH B 2 .   ? -26.705 -0.138  -12.759 1.00 47.87 ? 217 HOH A O   1 
HETATM 1412 O O   . HOH B 2 .   ? -15.480 -9.450  1.089   1.00 34.79 ? 218 HOH A O   1 
HETATM 1413 O O   . HOH B 2 .   ? -20.236 9.940   3.129   1.00 41.52 ? 219 HOH A O   1 
HETATM 1414 O O   . HOH B 2 .   ? -18.042 -4.833  7.359   1.00 40.40 ? 220 HOH A O   1 
HETATM 1415 O O   . HOH B 2 .   ? -20.212 10.414  8.352   1.00 52.05 ? 221 HOH A O   1 
HETATM 1416 O O   . HOH B 2 .   ? 20.552  10.455  -8.719  1.00 45.62 ? 222 HOH A O   1 
HETATM 1417 O O   . HOH B 2 .   ? 19.144  6.439   -9.593  1.00 43.15 ? 223 HOH A O   1 
HETATM 1418 O O   . HOH B 2 .   ? 23.486  0.317   -2.322  1.00 56.10 ? 224 HOH A O   1 
HETATM 1419 O O   . HOH B 2 .   ? 20.206  -0.586  -1.253  1.00 49.63 ? 225 HOH A O   1 
HETATM 1420 O O   . HOH B 2 .   ? 11.572  -14.444 -5.832  1.00 56.07 ? 226 HOH A O   1 
HETATM 1421 O O   . HOH B 2 .   ? 4.042   -11.009 -12.999 1.00 52.77 ? 227 HOH A O   1 
HETATM 1422 O O   . HOH B 2 .   ? -4.341  2.953   -21.791 1.00 17.43 ? 228 HOH A O   1 
HETATM 1423 O O   . HOH B 2 .   ? 17.257  9.529   8.357   1.00 44.60 ? 229 HOH A O   1 
HETATM 1424 O O   . HOH B 2 .   ? 4.138   -15.359 -8.410  1.00 56.18 ? 230 HOH A O   1 
HETATM 1425 O O   . HOH B 2 .   ? 10.491  14.711  0.203   1.00 50.38 ? 231 HOH A O   1 
HETATM 1426 O O   . HOH B 2 .   ? -2.128  -7.417  -14.260 1.00 34.64 ? 232 HOH A O   1 
HETATM 1427 O O   . HOH B 2 .   ? 8.074   -9.217  8.716   1.00 24.59 ? 233 HOH A O   1 
HETATM 1428 O O   . HOH B 2 .   ? -1.567  -11.054 -4.104  1.00 19.56 ? 234 HOH A O   1 
HETATM 1429 O O   . HOH B 2 .   ? -15.222 -12.770 -7.294  1.00 48.80 ? 235 HOH A O   1 
HETATM 1430 O O   . HOH B 2 .   ? -1.851  10.061  12.276  1.00 36.08 ? 236 HOH A O   1 
HETATM 1431 O O   . HOH B 2 .   ? -2.749  6.829   16.897  1.00 46.49 ? 237 HOH A O   1 
HETATM 1432 O O   . HOH B 2 .   ? -6.346  3.416   12.705  1.00 47.84 ? 238 HOH A O   1 
HETATM 1433 O O   . HOH B 2 .   ? -15.511 -12.276 0.705   1.00 46.84 ? 239 HOH A O   1 
HETATM 1434 O O   . HOH B 2 .   ? -22.999 -3.305  -6.459  1.00 33.51 ? 240 HOH A O   1 
HETATM 1435 O O   . HOH B 2 .   ? -13.612 9.480   8.222   1.00 42.26 ? 241 HOH A O   1 
HETATM 1436 O O   . HOH B 2 .   ? -20.615 -6.710  0.341   1.00 41.13 ? 242 HOH A O   1 
HETATM 1437 O O   . HOH B 2 .   ? -9.505  -11.779 16.294  1.00 51.30 ? 243 HOH A O   1 
HETATM 1438 O O   . HOH B 2 .   ? 22.110  -0.194  4.773   1.00 43.54 ? 244 HOH A O   1 
HETATM 1439 O O   . HOH B 2 .   ? 10.324  -0.475  -10.267 1.00 15.04 ? 245 HOH A O   1 
HETATM 1440 O O   . HOH B 2 .   ? 9.980   -10.862 -10.209 1.00 47.42 ? 246 HOH A O   1 
HETATM 1441 O O   . HOH B 2 .   ? 23.978  -5.741  4.872   1.00 47.58 ? 247 HOH A O   1 
HETATM 1442 O O   . HOH B 2 .   ? 16.101  11.119  6.362   1.00 45.84 ? 248 HOH A O   1 
HETATM 1443 O O   . HOH B 2 .   ? 16.489  12.962  8.473   1.00 49.63 ? 249 HOH A O   1 
HETATM 1444 O O   . HOH B 2 .   ? -14.548 -11.292 5.705   1.00 36.21 ? 250 HOH A O   1 
HETATM 1445 O O   . HOH B 2 .   ? -10.284 8.157   -15.773 1.00 43.53 ? 251 HOH A O   1 
HETATM 1446 O O   . HOH B 2 .   ? -0.409  13.616  1.768   1.00 43.43 ? 252 HOH A O   1 
HETATM 1447 O O   . HOH B 2 .   ? -2.945  5.732   -0.128  1.00 45.44 ? 253 HOH A O   1 
HETATM 1448 O O   . HOH B 2 .   ? -14.752 3.037   -6.095  1.00 46.57 ? 254 HOH A O   1 
HETATM 1449 O O   . HOH B 2 .   ? -24.661 0.317   -14.573 1.00 47.87 ? 255 HOH A O   1 
HETATM 1450 O O   . HOH B 2 .   ? -7.189  7.237   14.518  1.00 57.60 ? 256 HOH A O   1 
HETATM 1451 O O   . HOH B 2 .   ? -8.581  -10.712 13.680  1.00 42.46 ? 257 HOH A O   1 
HETATM 1452 O O   . HOH B 2 .   ? -13.380 -9.016  9.108   1.00 31.77 ? 258 HOH A O   1 
HETATM 1453 O O   . HOH B 2 .   ? -16.044 -9.284  6.668   1.00 52.49 ? 259 HOH A O   1 
HETATM 1454 O O   . HOH B 2 .   ? -9.420  3.275   17.329  1.00 39.50 ? 260 HOH A O   1 
HETATM 1455 O O   . HOH B 2 .   ? -14.271 5.665   11.132  1.00 40.70 ? 261 HOH A O   1 
# 
